data_7WLH
# 
_entry.id   7WLH 
# 
_audit_conform.dict_name       mmcif_pdbx.dic 
_audit_conform.dict_version    5.398 
_audit_conform.dict_location   http://mmcif.pdb.org/dictionaries/ascii/mmcif_pdbx.dic 
# 
loop_
_database_2.database_id 
_database_2.database_code 
_database_2.pdbx_database_accession 
_database_2.pdbx_DOI 
PDB   7WLH         pdb_00007wlh 10.2210/pdb7wlh/pdb 
WWPDB D_1300026955 ?            ?                   
# 
loop_
_pdbx_audit_revision_history.ordinal 
_pdbx_audit_revision_history.data_content_type 
_pdbx_audit_revision_history.major_revision 
_pdbx_audit_revision_history.minor_revision 
_pdbx_audit_revision_history.revision_date 
1 'Structure model' 1 0 2023-07-19 
2 'Structure model' 1 1 2024-11-13 
# 
_pdbx_audit_revision_details.ordinal             1 
_pdbx_audit_revision_details.revision_ordinal    1 
_pdbx_audit_revision_details.data_content_type   'Structure model' 
_pdbx_audit_revision_details.provider            repository 
_pdbx_audit_revision_details.type                'Initial release' 
_pdbx_audit_revision_details.description         ? 
_pdbx_audit_revision_details.details             ? 
# 
loop_
_pdbx_audit_revision_group.ordinal 
_pdbx_audit_revision_group.revision_ordinal 
_pdbx_audit_revision_group.data_content_type 
_pdbx_audit_revision_group.group 
1 2 'Structure model' 'Data collection'   
2 2 'Structure model' 'Structure summary' 
# 
loop_
_pdbx_audit_revision_category.ordinal 
_pdbx_audit_revision_category.revision_ordinal 
_pdbx_audit_revision_category.data_content_type 
_pdbx_audit_revision_category.category 
1 2 'Structure model' chem_comp_atom            
2 2 'Structure model' chem_comp_bond            
3 2 'Structure model' pdbx_entry_details        
4 2 'Structure model' pdbx_modification_feature 
# 
_pdbx_audit_revision_item.ordinal             1 
_pdbx_audit_revision_item.revision_ordinal    2 
_pdbx_audit_revision_item.data_content_type   'Structure model' 
_pdbx_audit_revision_item.item                '_pdbx_entry_details.has_protein_modification' 
# 
_pdbx_database_status.status_code                     REL 
_pdbx_database_status.status_code_sf                  REL 
_pdbx_database_status.status_code_mr                  ? 
_pdbx_database_status.entry_id                        7WLH 
_pdbx_database_status.recvd_initial_deposition_date   2022-01-13 
_pdbx_database_status.SG_entry                        N 
_pdbx_database_status.deposit_site                    PDBJ 
_pdbx_database_status.process_site                    PDBJ 
_pdbx_database_status.status_code_cs                  ? 
_pdbx_database_status.status_code_nmr_data            ? 
_pdbx_database_status.methods_development_category    ? 
_pdbx_database_status.pdb_format_compatible           Y 
# 
_pdbx_contact_author.id                 2 
_pdbx_contact_author.email              liangrui0123@qq.com 
_pdbx_contact_author.name_first         Rui 
_pdbx_contact_author.name_last          Liang 
_pdbx_contact_author.name_mi            ? 
_pdbx_contact_author.role               'principal investigator/group leader' 
_pdbx_contact_author.identifier_ORCID   0000-0003-2259-0112 
# 
loop_
_audit_author.name 
_audit_author.pdbx_ordinal 
_audit_author.identifier_ORCID 
'Shen, Z.'  1 0000-0001-8772-2978 
'Liang, R.' 2 0000-0003-2259-0112 
'Yang, Y.'  3 0000-0002-9540-6534 
'Peng, G.'  4 0000-0002-7093-4728 
# 
_citation.abstract                  ? 
_citation.abstract_id_CAS           ? 
_citation.book_id_ISBN              ? 
_citation.book_publisher            ? 
_citation.book_publisher_city       ? 
_citation.book_title                ? 
_citation.coordinate_linkage        ? 
_citation.country                   ? 
_citation.database_id_Medline       ? 
_citation.details                   ? 
_citation.id                        primary 
_citation.journal_abbrev            'To Be Published' 
_citation.journal_id_ASTM           ? 
_citation.journal_id_CSD            0353 
_citation.journal_id_ISSN           ? 
_citation.journal_full              ? 
_citation.journal_issue             ? 
_citation.journal_volume            ? 
_citation.language                  ? 
_citation.page_first                ? 
_citation.page_last                 ? 
_citation.title                     'The crystal structure of African swine fever virus I215L' 
_citation.year                      ? 
_citation.database_id_CSD           ? 
_citation.pdbx_database_id_DOI      ? 
_citation.pdbx_database_id_PubMed   ? 
_citation.pdbx_database_id_patent   ? 
_citation.unpublished_flag          ? 
# 
loop_
_citation_author.citation_id 
_citation_author.name 
_citation_author.ordinal 
_citation_author.identifier_ORCID 
primary 'Shen, Z.'  1 0000-0001-8772-2978 
primary 'Liang, R.' 2 0000-0003-2259-0112 
primary 'Yang, Y.'  3 0000-0002-9540-6534 
primary 'Peng, G.'  4 0000-0002-7093-4728 
# 
loop_
_entity.id 
_entity.type 
_entity.src_method 
_entity.pdbx_description 
_entity.formula_weight 
_entity.pdbx_number_of_molecules 
_entity.pdbx_ec 
_entity.pdbx_mutation 
_entity.pdbx_fragment 
_entity.details 
1 polymer man 'E2 ubiquitin-conjugating enzyme' 22932.957 1  2.3.2.23 ? ? ? 
2 water   nat water                             18.015    38 ?        ? ? ? 
# 
_entity_name_com.entity_id   1 
_entity_name_com.name        'Ubiquitin carrier protein,Ubiquitin-conjugating enzyme E2,Ubiquitin-protein ligase,pI215L' 
# 
_entity_poly.entity_id                      1 
_entity_poly.type                           'polypeptide(L)' 
_entity_poly.nstd_linkage                   no 
_entity_poly.nstd_monomer                   yes 
_entity_poly.pdbx_seq_one_letter_code       
;(MSE)VSRFLIAEYRHLIENPSENFKISVNEKD(MSE)TEWDVILRGPPDTFYEGGLFKAKIAFPPEYPYAPPRLTFTSE
(MSE)WHPNIYSDGKLCISILHGDNAEEQG(MSE)TWSPAQKIDTILLSVISLLNEPNPDSPANVDAAKSYRKLLYKEDL
ESYP(MSE)EVKRTVKKSLDECSPEDIEYFKNAASNVPPIPSDAYEDECHHHHHHHH
;
_entity_poly.pdbx_seq_one_letter_code_can   
;MVSRFLIAEYRHLIENPSENFKISVNEKDMTEWDVILRGPPDTFYEGGLFKAKIAFPPEYPYAPPRLTFTSEMWHPNIYS
DGKLCISILHGDNAEEQGMTWSPAQKIDTILLSVISLLNEPNPDSPANVDAAKSYRKLLYKEDLESYPMEVKRTVKKSLD
ECSPEDIEYFKNAASNVPPIPSDAYEDECHHHHHHHH
;
_entity_poly.pdbx_strand_id                 B 
_entity_poly.pdbx_target_identifier         ? 
# 
_pdbx_entity_nonpoly.entity_id   2 
_pdbx_entity_nonpoly.name        water 
_pdbx_entity_nonpoly.comp_id     HOH 
# 
loop_
_entity_poly_seq.entity_id 
_entity_poly_seq.num 
_entity_poly_seq.mon_id 
_entity_poly_seq.hetero 
1 1   MSE n 
1 2   VAL n 
1 3   SER n 
1 4   ARG n 
1 5   PHE n 
1 6   LEU n 
1 7   ILE n 
1 8   ALA n 
1 9   GLU n 
1 10  TYR n 
1 11  ARG n 
1 12  HIS n 
1 13  LEU n 
1 14  ILE n 
1 15  GLU n 
1 16  ASN n 
1 17  PRO n 
1 18  SER n 
1 19  GLU n 
1 20  ASN n 
1 21  PHE n 
1 22  LYS n 
1 23  ILE n 
1 24  SER n 
1 25  VAL n 
1 26  ASN n 
1 27  GLU n 
1 28  LYS n 
1 29  ASP n 
1 30  MSE n 
1 31  THR n 
1 32  GLU n 
1 33  TRP n 
1 34  ASP n 
1 35  VAL n 
1 36  ILE n 
1 37  LEU n 
1 38  ARG n 
1 39  GLY n 
1 40  PRO n 
1 41  PRO n 
1 42  ASP n 
1 43  THR n 
1 44  PHE n 
1 45  TYR n 
1 46  GLU n 
1 47  GLY n 
1 48  GLY n 
1 49  LEU n 
1 50  PHE n 
1 51  LYS n 
1 52  ALA n 
1 53  LYS n 
1 54  ILE n 
1 55  ALA n 
1 56  PHE n 
1 57  PRO n 
1 58  PRO n 
1 59  GLU n 
1 60  TYR n 
1 61  PRO n 
1 62  TYR n 
1 63  ALA n 
1 64  PRO n 
1 65  PRO n 
1 66  ARG n 
1 67  LEU n 
1 68  THR n 
1 69  PHE n 
1 70  THR n 
1 71  SER n 
1 72  GLU n 
1 73  MSE n 
1 74  TRP n 
1 75  HIS n 
1 76  PRO n 
1 77  ASN n 
1 78  ILE n 
1 79  TYR n 
1 80  SER n 
1 81  ASP n 
1 82  GLY n 
1 83  LYS n 
1 84  LEU n 
1 85  CYS n 
1 86  ILE n 
1 87  SER n 
1 88  ILE n 
1 89  LEU n 
1 90  HIS n 
1 91  GLY n 
1 92  ASP n 
1 93  ASN n 
1 94  ALA n 
1 95  GLU n 
1 96  GLU n 
1 97  GLN n 
1 98  GLY n 
1 99  MSE n 
1 100 THR n 
1 101 TRP n 
1 102 SER n 
1 103 PRO n 
1 104 ALA n 
1 105 GLN n 
1 106 LYS n 
1 107 ILE n 
1 108 ASP n 
1 109 THR n 
1 110 ILE n 
1 111 LEU n 
1 112 LEU n 
1 113 SER n 
1 114 VAL n 
1 115 ILE n 
1 116 SER n 
1 117 LEU n 
1 118 LEU n 
1 119 ASN n 
1 120 GLU n 
1 121 PRO n 
1 122 ASN n 
1 123 PRO n 
1 124 ASP n 
1 125 SER n 
1 126 PRO n 
1 127 ALA n 
1 128 ASN n 
1 129 VAL n 
1 130 ASP n 
1 131 ALA n 
1 132 ALA n 
1 133 LYS n 
1 134 SER n 
1 135 TYR n 
1 136 ARG n 
1 137 LYS n 
1 138 LEU n 
1 139 LEU n 
1 140 TYR n 
1 141 LYS n 
1 142 GLU n 
1 143 ASP n 
1 144 LEU n 
1 145 GLU n 
1 146 SER n 
1 147 TYR n 
1 148 PRO n 
1 149 MSE n 
1 150 GLU n 
1 151 VAL n 
1 152 LYS n 
1 153 ARG n 
1 154 THR n 
1 155 VAL n 
1 156 LYS n 
1 157 LYS n 
1 158 SER n 
1 159 LEU n 
1 160 ASP n 
1 161 GLU n 
1 162 CYS n 
1 163 SER n 
1 164 PRO n 
1 165 GLU n 
1 166 ASP n 
1 167 ILE n 
1 168 GLU n 
1 169 TYR n 
1 170 PHE n 
1 171 LYS n 
1 172 ASN n 
1 173 ALA n 
1 174 ALA n 
1 175 SER n 
1 176 ASN n 
1 177 VAL n 
1 178 PRO n 
1 179 PRO n 
1 180 ILE n 
1 181 PRO n 
1 182 SER n 
1 183 ASP n 
1 184 ALA n 
1 185 TYR n 
1 186 GLU n 
1 187 ASP n 
1 188 GLU n 
1 189 CYS n 
1 190 HIS n 
1 191 HIS n 
1 192 HIS n 
1 193 HIS n 
1 194 HIS n 
1 195 HIS n 
1 196 HIS n 
1 197 HIS n 
# 
_entity_src_gen.entity_id                          1 
_entity_src_gen.pdbx_src_id                        1 
_entity_src_gen.pdbx_alt_source_flag               sample 
_entity_src_gen.pdbx_seq_type                      'Biological sequence' 
_entity_src_gen.pdbx_beg_seq_num                   1 
_entity_src_gen.pdbx_end_seq_num                   197 
_entity_src_gen.gene_src_common_name               ? 
_entity_src_gen.gene_src_genus                     ? 
_entity_src_gen.pdbx_gene_src_gene                 'I215L CDS, I215L, ASFV-Georgia_4-165, ASFV_Kyiv_2016_131_00221' 
_entity_src_gen.gene_src_species                   ? 
_entity_src_gen.gene_src_strain                    ? 
_entity_src_gen.gene_src_tissue                    ? 
_entity_src_gen.gene_src_tissue_fraction           ? 
_entity_src_gen.gene_src_details                   ? 
_entity_src_gen.pdbx_gene_src_fragment             ? 
_entity_src_gen.pdbx_gene_src_scientific_name      'African swine fever virus' 
_entity_src_gen.pdbx_gene_src_ncbi_taxonomy_id     10497 
_entity_src_gen.pdbx_gene_src_variant              ? 
_entity_src_gen.pdbx_gene_src_cell_line            ? 
_entity_src_gen.pdbx_gene_src_atcc                 ? 
_entity_src_gen.pdbx_gene_src_organ                ? 
_entity_src_gen.pdbx_gene_src_organelle            ? 
_entity_src_gen.pdbx_gene_src_cell                 ? 
_entity_src_gen.pdbx_gene_src_cellular_location    ? 
_entity_src_gen.host_org_common_name               ? 
_entity_src_gen.pdbx_host_org_scientific_name      'Escherichia coli BL21(DE3)' 
_entity_src_gen.pdbx_host_org_ncbi_taxonomy_id     469008 
_entity_src_gen.host_org_genus                     ? 
_entity_src_gen.pdbx_host_org_gene                 ? 
_entity_src_gen.pdbx_host_org_organ                ? 
_entity_src_gen.host_org_species                   ? 
_entity_src_gen.pdbx_host_org_tissue               ? 
_entity_src_gen.pdbx_host_org_tissue_fraction      ? 
_entity_src_gen.pdbx_host_org_strain               ? 
_entity_src_gen.pdbx_host_org_variant              ? 
_entity_src_gen.pdbx_host_org_cell_line            ? 
_entity_src_gen.pdbx_host_org_atcc                 ? 
_entity_src_gen.pdbx_host_org_culture_collection   ? 
_entity_src_gen.pdbx_host_org_cell                 ? 
_entity_src_gen.pdbx_host_org_organelle            ? 
_entity_src_gen.pdbx_host_org_cellular_location    ? 
_entity_src_gen.pdbx_host_org_vector_type          ? 
_entity_src_gen.pdbx_host_org_vector               ? 
_entity_src_gen.host_org_details                   ? 
_entity_src_gen.expression_system_id               ? 
_entity_src_gen.plasmid_name                       ? 
_entity_src_gen.plasmid_details                    ? 
_entity_src_gen.pdbx_description                   ? 
# 
loop_
_chem_comp.id 
_chem_comp.type 
_chem_comp.mon_nstd_flag 
_chem_comp.name 
_chem_comp.pdbx_synonyms 
_chem_comp.formula 
_chem_comp.formula_weight 
ALA 'L-peptide linking' y ALANINE          ? 'C3 H7 N O2'     89.093  
ARG 'L-peptide linking' y ARGININE         ? 'C6 H15 N4 O2 1' 175.209 
ASN 'L-peptide linking' y ASPARAGINE       ? 'C4 H8 N2 O3'    132.118 
ASP 'L-peptide linking' y 'ASPARTIC ACID'  ? 'C4 H7 N O4'     133.103 
CYS 'L-peptide linking' y CYSTEINE         ? 'C3 H7 N O2 S'   121.158 
GLN 'L-peptide linking' y GLUTAMINE        ? 'C5 H10 N2 O3'   146.144 
GLU 'L-peptide linking' y 'GLUTAMIC ACID'  ? 'C5 H9 N O4'     147.129 
GLY 'peptide linking'   y GLYCINE          ? 'C2 H5 N O2'     75.067  
HIS 'L-peptide linking' y HISTIDINE        ? 'C6 H10 N3 O2 1' 156.162 
HOH non-polymer         . WATER            ? 'H2 O'           18.015  
ILE 'L-peptide linking' y ISOLEUCINE       ? 'C6 H13 N O2'    131.173 
LEU 'L-peptide linking' y LEUCINE          ? 'C6 H13 N O2'    131.173 
LYS 'L-peptide linking' y LYSINE           ? 'C6 H15 N2 O2 1' 147.195 
MSE 'L-peptide linking' n SELENOMETHIONINE ? 'C5 H11 N O2 Se' 196.106 
PHE 'L-peptide linking' y PHENYLALANINE    ? 'C9 H11 N O2'    165.189 
PRO 'L-peptide linking' y PROLINE          ? 'C5 H9 N O2'     115.130 
SER 'L-peptide linking' y SERINE           ? 'C3 H7 N O3'     105.093 
THR 'L-peptide linking' y THREONINE        ? 'C4 H9 N O3'     119.119 
TRP 'L-peptide linking' y TRYPTOPHAN       ? 'C11 H12 N2 O2'  204.225 
TYR 'L-peptide linking' y TYROSINE         ? 'C9 H11 N O3'    181.189 
VAL 'L-peptide linking' y VALINE           ? 'C5 H11 N O2'    117.146 
# 
loop_
_pdbx_poly_seq_scheme.asym_id 
_pdbx_poly_seq_scheme.entity_id 
_pdbx_poly_seq_scheme.seq_id 
_pdbx_poly_seq_scheme.mon_id 
_pdbx_poly_seq_scheme.ndb_seq_num 
_pdbx_poly_seq_scheme.pdb_seq_num 
_pdbx_poly_seq_scheme.auth_seq_num 
_pdbx_poly_seq_scheme.pdb_mon_id 
_pdbx_poly_seq_scheme.auth_mon_id 
_pdbx_poly_seq_scheme.pdb_strand_id 
_pdbx_poly_seq_scheme.pdb_ins_code 
_pdbx_poly_seq_scheme.hetero 
A 1 1   MSE 1   1   ?   ?   ?   B . n 
A 1 2   VAL 2   2   ?   ?   ?   B . n 
A 1 3   SER 3   3   3   SER SER B . n 
A 1 4   ARG 4   4   4   ARG ARG B . n 
A 1 5   PHE 5   5   5   PHE PHE B . n 
A 1 6   LEU 6   6   6   LEU LEU B . n 
A 1 7   ILE 7   7   7   ILE ILE B . n 
A 1 8   ALA 8   8   8   ALA ALA B . n 
A 1 9   GLU 9   9   9   GLU GLU B . n 
A 1 10  TYR 10  10  10  TYR TYR B . n 
A 1 11  ARG 11  11  11  ARG ARG B . n 
A 1 12  HIS 12  12  12  HIS HIS B . n 
A 1 13  LEU 13  13  13  LEU LEU B . n 
A 1 14  ILE 14  14  14  ILE ILE B . n 
A 1 15  GLU 15  15  15  GLU GLU B . n 
A 1 16  ASN 16  16  16  ASN ASN B . n 
A 1 17  PRO 17  17  17  PRO PRO B . n 
A 1 18  SER 18  18  18  SER SER B . n 
A 1 19  GLU 19  19  19  GLU GLU B . n 
A 1 20  ASN 20  20  20  ASN ASN B . n 
A 1 21  PHE 21  21  21  PHE PHE B . n 
A 1 22  LYS 22  22  22  LYS LYS B . n 
A 1 23  ILE 23  23  23  ILE ILE B . n 
A 1 24  SER 24  24  24  SER SER B . n 
A 1 25  VAL 25  25  25  VAL VAL B . n 
A 1 26  ASN 26  26  26  ASN ASN B . n 
A 1 27  GLU 27  27  27  GLU GLU B . n 
A 1 28  LYS 28  28  28  LYS LYS B . n 
A 1 29  ASP 29  29  29  ASP ASP B . n 
A 1 30  MSE 30  30  30  MSE MSE B . n 
A 1 31  THR 31  31  31  THR THR B . n 
A 1 32  GLU 32  32  32  GLU GLU B . n 
A 1 33  TRP 33  33  33  TRP TRP B . n 
A 1 34  ASP 34  34  34  ASP ASP B . n 
A 1 35  VAL 35  35  35  VAL VAL B . n 
A 1 36  ILE 36  36  36  ILE ILE B . n 
A 1 37  LEU 37  37  37  LEU LEU B . n 
A 1 38  ARG 38  38  38  ARG ARG B . n 
A 1 39  GLY 39  39  39  GLY GLY B . n 
A 1 40  PRO 40  40  40  PRO PRO B . n 
A 1 41  PRO 41  41  41  PRO PRO B . n 
A 1 42  ASP 42  42  42  ASP ASP B . n 
A 1 43  THR 43  43  43  THR THR B . n 
A 1 44  PHE 44  44  44  PHE PHE B . n 
A 1 45  TYR 45  45  45  TYR TYR B . n 
A 1 46  GLU 46  46  46  GLU GLU B . n 
A 1 47  GLY 47  47  47  GLY GLY B . n 
A 1 48  GLY 48  48  48  GLY GLY B . n 
A 1 49  LEU 49  49  49  LEU LEU B . n 
A 1 50  PHE 50  50  50  PHE PHE B . n 
A 1 51  LYS 51  51  51  LYS LYS B . n 
A 1 52  ALA 52  52  52  ALA ALA B . n 
A 1 53  LYS 53  53  53  LYS LYS B . n 
A 1 54  ILE 54  54  54  ILE ILE B . n 
A 1 55  ALA 55  55  55  ALA ALA B . n 
A 1 56  PHE 56  56  56  PHE PHE B . n 
A 1 57  PRO 57  57  57  PRO PRO B . n 
A 1 58  PRO 58  58  58  PRO PRO B . n 
A 1 59  GLU 59  59  59  GLU GLU B . n 
A 1 60  TYR 60  60  60  TYR TYR B . n 
A 1 61  PRO 61  61  61  PRO PRO B . n 
A 1 62  TYR 62  62  62  TYR TYR B . n 
A 1 63  ALA 63  63  63  ALA ALA B . n 
A 1 64  PRO 64  64  64  PRO PRO B . n 
A 1 65  PRO 65  65  65  PRO PRO B . n 
A 1 66  ARG 66  66  66  ARG ARG B . n 
A 1 67  LEU 67  67  67  LEU LEU B . n 
A 1 68  THR 68  68  68  THR THR B . n 
A 1 69  PHE 69  69  69  PHE PHE B . n 
A 1 70  THR 70  70  70  THR THR B . n 
A 1 71  SER 71  71  71  SER SER B . n 
A 1 72  GLU 72  72  72  GLU GLU B . n 
A 1 73  MSE 73  73  73  MSE MSE B . n 
A 1 74  TRP 74  74  74  TRP TRP B . n 
A 1 75  HIS 75  75  75  HIS HIS B . n 
A 1 76  PRO 76  76  76  PRO PRO B . n 
A 1 77  ASN 77  77  77  ASN ASN B . n 
A 1 78  ILE 78  78  78  ILE ILE B . n 
A 1 79  TYR 79  79  79  TYR TYR B . n 
A 1 80  SER 80  80  80  SER SER B . n 
A 1 81  ASP 81  81  81  ASP ASP B . n 
A 1 82  GLY 82  82  82  GLY GLY B . n 
A 1 83  LYS 83  83  83  LYS LYS B . n 
A 1 84  LEU 84  84  84  LEU LEU B . n 
A 1 85  CYS 85  85  85  CYS CYS B . n 
A 1 86  ILE 86  86  86  ILE ILE B . n 
A 1 87  SER 87  87  87  SER SER B . n 
A 1 88  ILE 88  88  88  ILE ILE B . n 
A 1 89  LEU 89  89  89  LEU LEU B . n 
A 1 90  HIS 90  90  ?   ?   ?   B . n 
A 1 91  GLY 91  91  ?   ?   ?   B . n 
A 1 92  ASP 92  92  ?   ?   ?   B . n 
A 1 93  ASN 93  93  ?   ?   ?   B . n 
A 1 94  ALA 94  94  ?   ?   ?   B . n 
A 1 95  GLU 95  95  ?   ?   ?   B . n 
A 1 96  GLU 96  96  ?   ?   ?   B . n 
A 1 97  GLN 97  97  ?   ?   ?   B . n 
A 1 98  GLY 98  98  ?   ?   ?   B . n 
A 1 99  MSE 99  99  ?   ?   ?   B . n 
A 1 100 THR 100 100 ?   ?   ?   B . n 
A 1 101 TRP 101 101 ?   ?   ?   B . n 
A 1 102 SER 102 102 ?   ?   ?   B . n 
A 1 103 PRO 103 103 ?   ?   ?   B . n 
A 1 104 ALA 104 104 ?   ?   ?   B . n 
A 1 105 GLN 105 105 ?   ?   ?   B . n 
A 1 106 LYS 106 106 ?   ?   ?   B . n 
A 1 107 ILE 107 107 107 ILE ILE B . n 
A 1 108 ASP 108 108 108 ASP ASP B . n 
A 1 109 THR 109 109 109 THR THR B . n 
A 1 110 ILE 110 110 110 ILE ILE B . n 
A 1 111 LEU 111 111 111 LEU LEU B . n 
A 1 112 LEU 112 112 112 LEU LEU B . n 
A 1 113 SER 113 113 113 SER SER B . n 
A 1 114 VAL 114 114 114 VAL VAL B . n 
A 1 115 ILE 115 115 115 ILE ILE B . n 
A 1 116 SER 116 116 116 SER SER B . n 
A 1 117 LEU 117 117 117 LEU LEU B . n 
A 1 118 LEU 118 118 118 LEU LEU B . n 
A 1 119 ASN 119 119 119 ASN ASN B . n 
A 1 120 GLU 120 120 120 GLU GLU B . n 
A 1 121 PRO 121 121 121 PRO PRO B . n 
A 1 122 ASN 122 122 122 ASN ASN B . n 
A 1 123 PRO 123 123 123 PRO PRO B . n 
A 1 124 ASP 124 124 124 ASP ASP B . n 
A 1 125 SER 125 125 125 SER SER B . n 
A 1 126 PRO 126 126 126 PRO PRO B . n 
A 1 127 ALA 127 127 127 ALA ALA B . n 
A 1 128 ASN 128 128 128 ASN ASN B . n 
A 1 129 VAL 129 129 129 VAL VAL B . n 
A 1 130 ASP 130 130 130 ASP ASP B . n 
A 1 131 ALA 131 131 131 ALA ALA B . n 
A 1 132 ALA 132 132 132 ALA ALA B . n 
A 1 133 LYS 133 133 133 LYS LYS B . n 
A 1 134 SER 134 134 134 SER SER B . n 
A 1 135 TYR 135 135 135 TYR TYR B . n 
A 1 136 ARG 136 136 136 ARG ARG B . n 
A 1 137 LYS 137 137 137 LYS LYS B . n 
A 1 138 LEU 138 138 138 LEU LEU B . n 
A 1 139 LEU 139 139 139 LEU LEU B . n 
A 1 140 TYR 140 140 140 TYR TYR B . n 
A 1 141 LYS 141 141 141 LYS LYS B . n 
A 1 142 GLU 142 142 142 GLU GLU B . n 
A 1 143 ASP 143 143 143 ASP ASP B . n 
A 1 144 LEU 144 144 144 LEU LEU B . n 
A 1 145 GLU 145 145 145 GLU GLU B . n 
A 1 146 SER 146 146 146 SER SER B . n 
A 1 147 TYR 147 147 147 TYR TYR B . n 
A 1 148 PRO 148 148 148 PRO PRO B . n 
A 1 149 MSE 149 149 149 MSE MSE B . n 
A 1 150 GLU 150 150 150 GLU GLU B . n 
A 1 151 VAL 151 151 151 VAL VAL B . n 
A 1 152 LYS 152 152 152 LYS LYS B . n 
A 1 153 ARG 153 153 153 ARG ARG B . n 
A 1 154 THR 154 154 154 THR THR B . n 
A 1 155 VAL 155 155 155 VAL VAL B . n 
A 1 156 LYS 156 156 156 LYS LYS B . n 
A 1 157 LYS 157 157 157 LYS LYS B . n 
A 1 158 SER 158 158 158 SER SER B . n 
A 1 159 LEU 159 159 159 LEU LEU B . n 
A 1 160 ASP 160 160 160 ASP ASP B . n 
A 1 161 GLU 161 161 161 GLU GLU B . n 
A 1 162 CYS 162 162 162 CYS CYS B . n 
A 1 163 SER 163 163 163 SER SER B . n 
A 1 164 PRO 164 164 164 PRO PRO B . n 
A 1 165 GLU 165 165 165 GLU GLU B . n 
A 1 166 ASP 166 166 166 ASP ASP B . n 
A 1 167 ILE 167 167 167 ILE ILE B . n 
A 1 168 GLU 168 168 168 GLU GLU B . n 
A 1 169 TYR 169 169 169 TYR TYR B . n 
A 1 170 PHE 170 170 170 PHE PHE B . n 
A 1 171 LYS 171 171 171 LYS LYS B . n 
A 1 172 ASN 172 172 172 ASN ASN B . n 
A 1 173 ALA 173 173 173 ALA ALA B . n 
A 1 174 ALA 174 174 174 ALA ALA B . n 
A 1 175 SER 175 175 175 SER SER B . n 
A 1 176 ASN 176 176 ?   ?   ?   B . n 
A 1 177 VAL 177 177 ?   ?   ?   B . n 
A 1 178 PRO 178 178 ?   ?   ?   B . n 
A 1 179 PRO 179 179 ?   ?   ?   B . n 
A 1 180 ILE 180 180 ?   ?   ?   B . n 
A 1 181 PRO 181 181 ?   ?   ?   B . n 
A 1 182 SER 182 182 ?   ?   ?   B . n 
A 1 183 ASP 183 183 ?   ?   ?   B . n 
A 1 184 ALA 184 184 ?   ?   ?   B . n 
A 1 185 TYR 185 185 ?   ?   ?   B . n 
A 1 186 GLU 186 186 ?   ?   ?   B . n 
A 1 187 ASP 187 187 ?   ?   ?   B . n 
A 1 188 GLU 188 188 ?   ?   ?   B . n 
A 1 189 CYS 189 189 ?   ?   ?   B . n 
A 1 190 HIS 190 190 ?   ?   ?   B . n 
A 1 191 HIS 191 191 ?   ?   ?   B . n 
A 1 192 HIS 192 192 ?   ?   ?   B . n 
A 1 193 HIS 193 193 ?   ?   ?   B . n 
A 1 194 HIS 194 194 ?   ?   ?   B . n 
A 1 195 HIS 195 195 ?   ?   ?   B . n 
A 1 196 HIS 196 196 ?   ?   ?   B . n 
A 1 197 HIS 197 197 ?   ?   ?   B . n 
# 
_pdbx_entity_instance_feature.ordinal        1 
_pdbx_entity_instance_feature.comp_id        MSE 
_pdbx_entity_instance_feature.asym_id        ? 
_pdbx_entity_instance_feature.seq_num        ? 
_pdbx_entity_instance_feature.auth_comp_id   MSE 
_pdbx_entity_instance_feature.auth_asym_id   ? 
_pdbx_entity_instance_feature.auth_seq_num   ? 
_pdbx_entity_instance_feature.feature_type   'SUBJECT OF INVESTIGATION' 
_pdbx_entity_instance_feature.details        ? 
# 
loop_
_pdbx_nonpoly_scheme.asym_id 
_pdbx_nonpoly_scheme.entity_id 
_pdbx_nonpoly_scheme.mon_id 
_pdbx_nonpoly_scheme.ndb_seq_num 
_pdbx_nonpoly_scheme.pdb_seq_num 
_pdbx_nonpoly_scheme.auth_seq_num 
_pdbx_nonpoly_scheme.pdb_mon_id 
_pdbx_nonpoly_scheme.auth_mon_id 
_pdbx_nonpoly_scheme.pdb_strand_id 
_pdbx_nonpoly_scheme.pdb_ins_code 
B 2 HOH 1  201 53 HOH HOH B . 
B 2 HOH 2  202 6  HOH HOH B . 
B 2 HOH 3  203 35 HOH HOH B . 
B 2 HOH 4  204 24 HOH HOH B . 
B 2 HOH 5  205 22 HOH HOH B . 
B 2 HOH 6  206 18 HOH HOH B . 
B 2 HOH 7  207 21 HOH HOH B . 
B 2 HOH 8  208 5  HOH HOH B . 
B 2 HOH 9  209 13 HOH HOH B . 
B 2 HOH 10 210 13 HOH HOH B . 
B 2 HOH 11 211 10 HOH HOH B . 
B 2 HOH 12 212 10 HOH HOH B . 
B 2 HOH 13 213 1  HOH HOH B . 
B 2 HOH 14 214 3  HOH HOH B . 
B 2 HOH 15 215 29 HOH HOH B . 
B 2 HOH 16 216 2  HOH HOH B . 
B 2 HOH 17 217 11 HOH HOH B . 
B 2 HOH 18 218 16 HOH HOH B . 
B 2 HOH 19 219 7  HOH HOH B . 
B 2 HOH 20 220 5  HOH HOH B . 
B 2 HOH 21 221 2  HOH HOH B . 
B 2 HOH 22 222 14 HOH HOH B . 
B 2 HOH 23 223 12 HOH HOH B . 
B 2 HOH 24 224 15 HOH HOH B . 
B 2 HOH 25 225 11 HOH HOH B . 
B 2 HOH 26 226 9  HOH HOH B . 
B 2 HOH 27 227 14 HOH HOH B . 
B 2 HOH 28 228 4  HOH HOH B . 
B 2 HOH 29 229 41 HOH HOH B . 
B 2 HOH 30 230 8  HOH HOH B . 
B 2 HOH 31 231 6  HOH HOH B . 
B 2 HOH 32 232 17 HOH HOH B . 
B 2 HOH 33 233 8  HOH HOH B . 
B 2 HOH 34 234 58 HOH HOH B . 
B 2 HOH 35 235 1  HOH HOH B . 
B 2 HOH 36 236 46 HOH HOH B . 
B 2 HOH 37 237 49 HOH HOH B . 
B 2 HOH 38 238 27 HOH HOH B . 
# 
loop_
_software.citation_id 
_software.classification 
_software.compiler_name 
_software.compiler_version 
_software.contact_author 
_software.contact_author_email 
_software.date 
_software.description 
_software.dependencies 
_software.hardware 
_software.language 
_software.location 
_software.mods 
_software.name 
_software.os 
_software.os_version 
_software.type 
_software.version 
_software.pdbx_ordinal 
? 'data scaling'    ? ? ? ? ? ? ? ? ? ? ? HKL-2000    ? ? ? .        1 
? refinement        ? ? ? ? ? ? ? ? ? ? ? REFMAC      ? ? ? 5.8.0267 2 
? 'data extraction' ? ? ? ? ? ? ? ? ? ? ? PDB_EXTRACT ? ? ? 3.27     3 
? phasing           ? ? ? ? ? ? ? ? ? ? ? PHASER      ? ? ? .        4 
# 
_cell.angle_alpha                  90.000 
_cell.angle_alpha_esd              ? 
_cell.angle_beta                   90.000 
_cell.angle_beta_esd               ? 
_cell.angle_gamma                  120.000 
_cell.angle_gamma_esd              ? 
_cell.entry_id                     7WLH 
_cell.details                      ? 
_cell.formula_units_Z              ? 
_cell.length_a                     142.302 
_cell.length_a_esd                 ? 
_cell.length_b                     142.302 
_cell.length_b_esd                 ? 
_cell.length_c                     39.319 
_cell.length_c_esd                 ? 
_cell.volume                       ? 
_cell.volume_esd                   ? 
_cell.Z_PDB                        6 
_cell.reciprocal_angle_alpha       ? 
_cell.reciprocal_angle_beta        ? 
_cell.reciprocal_angle_gamma       ? 
_cell.reciprocal_angle_alpha_esd   ? 
_cell.reciprocal_angle_beta_esd    ? 
_cell.reciprocal_angle_gamma_esd   ? 
_cell.reciprocal_length_a          ? 
_cell.reciprocal_length_b          ? 
_cell.reciprocal_length_c          ? 
_cell.reciprocal_length_a_esd      ? 
_cell.reciprocal_length_b_esd      ? 
_cell.reciprocal_length_c_esd      ? 
_cell.pdbx_unique_axis             ? 
# 
_symmetry.entry_id                         7WLH 
_symmetry.cell_setting                     ? 
_symmetry.Int_Tables_number                154 
_symmetry.space_group_name_Hall            ? 
_symmetry.space_group_name_H-M             'P 32 2 1' 
_symmetry.pdbx_full_space_group_name_H-M   ? 
# 
_exptl.absorpt_coefficient_mu     ? 
_exptl.absorpt_correction_T_max   ? 
_exptl.absorpt_correction_T_min   ? 
_exptl.absorpt_correction_type    ? 
_exptl.absorpt_process_details    ? 
_exptl.entry_id                   7WLH 
_exptl.crystals_number            1 
_exptl.details                    ? 
_exptl.method                     'X-RAY DIFFRACTION' 
_exptl.method_details             ? 
# 
_exptl_crystal.colour                      ? 
_exptl_crystal.density_diffrn              ? 
_exptl_crystal.density_Matthews            5.06 
_exptl_crystal.density_method              ? 
_exptl_crystal.density_percent_sol         75.71 
_exptl_crystal.description                 ? 
_exptl_crystal.F_000                       ? 
_exptl_crystal.id                          1 
_exptl_crystal.preparation                 ? 
_exptl_crystal.size_max                    ? 
_exptl_crystal.size_mid                    ? 
_exptl_crystal.size_min                    ? 
_exptl_crystal.size_rad                    ? 
_exptl_crystal.colour_lustre               ? 
_exptl_crystal.colour_modifier             ? 
_exptl_crystal.colour_primary              ? 
_exptl_crystal.density_meas                ? 
_exptl_crystal.density_meas_esd            ? 
_exptl_crystal.density_meas_gt             ? 
_exptl_crystal.density_meas_lt             ? 
_exptl_crystal.density_meas_temp           ? 
_exptl_crystal.density_meas_temp_esd       ? 
_exptl_crystal.density_meas_temp_gt        ? 
_exptl_crystal.density_meas_temp_lt        ? 
_exptl_crystal.pdbx_crystal_image_url      ? 
_exptl_crystal.pdbx_crystal_image_format   ? 
_exptl_crystal.pdbx_mosaicity              ? 
_exptl_crystal.pdbx_mosaicity_esd          ? 
# 
_exptl_crystal_grow.apparatus       ? 
_exptl_crystal_grow.atmosphere      ? 
_exptl_crystal_grow.crystal_id      1 
_exptl_crystal_grow.details         ? 
_exptl_crystal_grow.method          'VAPOR DIFFUSION, SITTING DROP' 
_exptl_crystal_grow.method_ref      ? 
_exptl_crystal_grow.pH              ? 
_exptl_crystal_grow.pressure        ? 
_exptl_crystal_grow.pressure_esd    ? 
_exptl_crystal_grow.seeding         ? 
_exptl_crystal_grow.seeding_ref     ? 
_exptl_crystal_grow.temp            293 
_exptl_crystal_grow.temp_details    ? 
_exptl_crystal_grow.temp_esd        ? 
_exptl_crystal_grow.time            ? 
_exptl_crystal_grow.pdbx_details    '0.1 M Sodium Acetate: HCl (pH 4.6), and 2.8 M Sodium Formate' 
_exptl_crystal_grow.pdbx_pH_range   ? 
# 
_diffrn.ambient_environment              ? 
_diffrn.ambient_temp                     100 
_diffrn.ambient_temp_details             ? 
_diffrn.ambient_temp_esd                 ? 
_diffrn.crystal_id                       1 
_diffrn.crystal_support                  ? 
_diffrn.crystal_treatment                ? 
_diffrn.details                          ? 
_diffrn.id                               1 
_diffrn.ambient_pressure                 ? 
_diffrn.ambient_pressure_esd             ? 
_diffrn.ambient_pressure_gt              ? 
_diffrn.ambient_pressure_lt              ? 
_diffrn.ambient_temp_gt                  ? 
_diffrn.ambient_temp_lt                  ? 
_diffrn.pdbx_serial_crystal_experiment   N 
# 
_diffrn_detector.details                      ? 
_diffrn_detector.detector                     PIXEL 
_diffrn_detector.diffrn_id                    1 
_diffrn_detector.type                         'DECTRIS PILATUS3 6M' 
_diffrn_detector.area_resol_mean              ? 
_diffrn_detector.dtime                        ? 
_diffrn_detector.pdbx_frames_total            ? 
_diffrn_detector.pdbx_collection_time_total   ? 
_diffrn_detector.pdbx_collection_date         2021-05-20 
_diffrn_detector.pdbx_frequency               ? 
# 
_diffrn_radiation.collimation                      ? 
_diffrn_radiation.diffrn_id                        1 
_diffrn_radiation.filter_edge                      ? 
_diffrn_radiation.inhomogeneity                    ? 
_diffrn_radiation.monochromator                    ? 
_diffrn_radiation.polarisn_norm                    ? 
_diffrn_radiation.polarisn_ratio                   ? 
_diffrn_radiation.probe                            ? 
_diffrn_radiation.type                             ? 
_diffrn_radiation.xray_symbol                      ? 
_diffrn_radiation.wavelength_id                    1 
_diffrn_radiation.pdbx_monochromatic_or_laue_m_l   M 
_diffrn_radiation.pdbx_wavelength_list             ? 
_diffrn_radiation.pdbx_wavelength                  ? 
_diffrn_radiation.pdbx_diffrn_protocol             'SINGLE WAVELENGTH' 
_diffrn_radiation.pdbx_analyzer                    ? 
_diffrn_radiation.pdbx_scattering_type             x-ray 
# 
_diffrn_radiation_wavelength.id           1 
_diffrn_radiation_wavelength.wavelength   0.97918 
_diffrn_radiation_wavelength.wt           1.0 
# 
_diffrn_source.current                     ? 
_diffrn_source.details                     ? 
_diffrn_source.diffrn_id                   1 
_diffrn_source.power                       ? 
_diffrn_source.size                        ? 
_diffrn_source.source                      SYNCHROTRON 
_diffrn_source.target                      ? 
_diffrn_source.type                        'SSRF BEAMLINE BL19U1' 
_diffrn_source.voltage                     ? 
_diffrn_source.take-off_angle              ? 
_diffrn_source.pdbx_wavelength_list        0.97918 
_diffrn_source.pdbx_wavelength             ? 
_diffrn_source.pdbx_synchrotron_beamline   BL19U1 
_diffrn_source.pdbx_synchrotron_site       SSRF 
# 
_reflns.B_iso_Wilson_estimate                          ? 
_reflns.entry_id                                       7WLH 
_reflns.data_reduction_details                         ? 
_reflns.data_reduction_method                          ? 
_reflns.d_resolution_high                              2.650 
_reflns.d_resolution_low                               50.000 
_reflns.details                                        ? 
_reflns.limit_h_max                                    ? 
_reflns.limit_h_min                                    ? 
_reflns.limit_k_max                                    ? 
_reflns.limit_k_min                                    ? 
_reflns.limit_l_max                                    ? 
_reflns.limit_l_min                                    ? 
_reflns.number_all                                     ? 
_reflns.number_obs                                     12713 
_reflns.observed_criterion                             ? 
_reflns.observed_criterion_F_max                       ? 
_reflns.observed_criterion_F_min                       ? 
_reflns.observed_criterion_I_max                       ? 
_reflns.observed_criterion_I_min                       ? 
_reflns.observed_criterion_sigma_F                     ? 
_reflns.observed_criterion_sigma_I                     ? 
_reflns.percent_possible_obs                           94.500 
_reflns.R_free_details                                 ? 
_reflns.Rmerge_F_all                                   ? 
_reflns.Rmerge_F_obs                                   ? 
_reflns.Friedel_coverage                               ? 
_reflns.number_gt                                      ? 
_reflns.threshold_expression                           ? 
_reflns.pdbx_redundancy                                17.800 
_reflns.pdbx_Rmerge_I_obs                              0.099 
_reflns.pdbx_Rmerge_I_all                              ? 
_reflns.pdbx_Rsym_value                                ? 
_reflns.pdbx_netI_over_av_sigmaI                       ? 
_reflns.pdbx_netI_over_sigmaI                          5.600 
_reflns.pdbx_res_netI_over_av_sigmaI_2                 ? 
_reflns.pdbx_res_netI_over_sigmaI_2                    ? 
_reflns.pdbx_chi_squared                               0.620 
_reflns.pdbx_scaling_rejects                           ? 
_reflns.pdbx_d_res_high_opt                            ? 
_reflns.pdbx_d_res_low_opt                             ? 
_reflns.pdbx_d_res_opt_method                          ? 
_reflns.phase_calculation_details                      ? 
_reflns.pdbx_Rrim_I_all                                0.101 
_reflns.pdbx_Rpim_I_all                                0.023 
_reflns.pdbx_d_opt                                     ? 
_reflns.pdbx_number_measured_all                       226540 
_reflns.pdbx_diffrn_id                                 1 
_reflns.pdbx_ordinal                                   1 
_reflns.pdbx_CC_half                                   ? 
_reflns.pdbx_CC_star                                   ? 
_reflns.pdbx_R_split                                   ? 
_reflns.pdbx_aniso_diffraction_limit_axis_1_ortho[1]   ? 
_reflns.pdbx_aniso_diffraction_limit_axis_1_ortho[2]   ? 
_reflns.pdbx_aniso_diffraction_limit_axis_1_ortho[3]   ? 
_reflns.pdbx_aniso_diffraction_limit_axis_2_ortho[1]   ? 
_reflns.pdbx_aniso_diffraction_limit_axis_2_ortho[2]   ? 
_reflns.pdbx_aniso_diffraction_limit_axis_2_ortho[3]   ? 
_reflns.pdbx_aniso_diffraction_limit_axis_3_ortho[1]   ? 
_reflns.pdbx_aniso_diffraction_limit_axis_3_ortho[2]   ? 
_reflns.pdbx_aniso_diffraction_limit_axis_3_ortho[3]   ? 
_reflns.pdbx_aniso_diffraction_limit_1                 ? 
_reflns.pdbx_aniso_diffraction_limit_2                 ? 
_reflns.pdbx_aniso_diffraction_limit_3                 ? 
_reflns.pdbx_aniso_B_tensor_eigenvector_1_ortho[1]     ? 
_reflns.pdbx_aniso_B_tensor_eigenvector_1_ortho[2]     ? 
_reflns.pdbx_aniso_B_tensor_eigenvector_1_ortho[3]     ? 
_reflns.pdbx_aniso_B_tensor_eigenvector_2_ortho[1]     ? 
_reflns.pdbx_aniso_B_tensor_eigenvector_2_ortho[2]     ? 
_reflns.pdbx_aniso_B_tensor_eigenvector_2_ortho[3]     ? 
_reflns.pdbx_aniso_B_tensor_eigenvector_3_ortho[1]     ? 
_reflns.pdbx_aniso_B_tensor_eigenvector_3_ortho[2]     ? 
_reflns.pdbx_aniso_B_tensor_eigenvector_3_ortho[3]     ? 
_reflns.pdbx_aniso_B_tensor_eigenvalue_1               ? 
_reflns.pdbx_aniso_B_tensor_eigenvalue_2               ? 
_reflns.pdbx_aniso_B_tensor_eigenvalue_3               ? 
_reflns.pdbx_orthogonalization_convention              ? 
_reflns.pdbx_percent_possible_ellipsoidal              ? 
_reflns.pdbx_percent_possible_spherical                ? 
_reflns.pdbx_percent_possible_ellipsoidal_anomalous    ? 
_reflns.pdbx_percent_possible_spherical_anomalous      ? 
_reflns.pdbx_redundancy_anomalous                      ? 
_reflns.pdbx_CC_half_anomalous                         ? 
_reflns.pdbx_absDiff_over_sigma_anomalous              ? 
_reflns.pdbx_percent_possible_anomalous                ? 
_reflns.pdbx_observed_signal_threshold                 ? 
_reflns.pdbx_signal_type                               ? 
_reflns.pdbx_signal_details                            ? 
_reflns.pdbx_signal_software_id                        ? 
# 
loop_
_reflns_shell.d_res_high 
_reflns_shell.d_res_low 
_reflns_shell.meanI_over_sigI_all 
_reflns_shell.meanI_over_sigI_obs 
_reflns_shell.number_measured_all 
_reflns_shell.number_measured_obs 
_reflns_shell.number_possible 
_reflns_shell.number_unique_all 
_reflns_shell.number_unique_obs 
_reflns_shell.percent_possible_all 
_reflns_shell.percent_possible_obs 
_reflns_shell.Rmerge_F_all 
_reflns_shell.Rmerge_F_obs 
_reflns_shell.Rmerge_I_all 
_reflns_shell.Rmerge_I_obs 
_reflns_shell.meanI_over_sigI_gt 
_reflns_shell.meanI_over_uI_all 
_reflns_shell.meanI_over_uI_gt 
_reflns_shell.number_measured_gt 
_reflns_shell.number_unique_gt 
_reflns_shell.percent_possible_gt 
_reflns_shell.Rmerge_F_gt 
_reflns_shell.Rmerge_I_gt 
_reflns_shell.pdbx_redundancy 
_reflns_shell.pdbx_Rsym_value 
_reflns_shell.pdbx_chi_squared 
_reflns_shell.pdbx_netI_over_sigmaI_all 
_reflns_shell.pdbx_netI_over_sigmaI_obs 
_reflns_shell.pdbx_Rrim_I_all 
_reflns_shell.pdbx_Rpim_I_all 
_reflns_shell.pdbx_rejects 
_reflns_shell.pdbx_ordinal 
_reflns_shell.pdbx_diffrn_id 
_reflns_shell.pdbx_CC_half 
_reflns_shell.pdbx_CC_star 
_reflns_shell.pdbx_R_split 
_reflns_shell.pdbx_percent_possible_ellipsoidal 
_reflns_shell.pdbx_percent_possible_spherical 
_reflns_shell.pdbx_percent_possible_ellipsoidal_anomalous 
_reflns_shell.pdbx_percent_possible_spherical_anomalous 
_reflns_shell.pdbx_redundancy_anomalous 
_reflns_shell.pdbx_CC_half_anomalous 
_reflns_shell.pdbx_absDiff_over_sigma_anomalous 
_reflns_shell.pdbx_percent_possible_anomalous 
2.650 2.740  ? ? ? ? ? ? 870  66.100  ? ? ? ? 0.436 ? ? ? ? ? ? ? ? 10.200 ? 0.471 ? ? 0.454 0.120 ? 1  1 0.860 ? ? ? ? ? ? ? ? ? 
? 
2.740 2.850  ? ? ? ? ? ? 1080 81.700  ? ? ? ? 0.422 ? ? ? ? ? ? ? ? 11.800 ? 0.452 ? ? 0.437 0.110 ? 2  1 0.987 ? ? ? ? ? ? ? ? ? 
? 
2.850 2.980  ? ? ? ? ? ? 1290 96.600  ? ? ? ? 0.423 ? ? ? ? ? ? ? ? 14.800 ? 0.471 ? ? 0.438 0.107 ? 3  1 0.990 ? ? ? ? ? ? ? ? ? 
? 
2.980 3.140  ? ? ? ? ? ? 1328 99.900  ? ? ? ? 0.425 ? ? ? ? ? ? ? ? 18.800 ? 0.472 ? ? 0.436 0.100 ? 4  1 0.995 ? ? ? ? ? ? ? ? ? 
? 
3.140 3.340  ? ? ? ? ? ? 1346 100.000 ? ? ? ? 0.321 ? ? ? ? ? ? ? ? 20.600 ? 0.523 ? ? 0.330 0.073 ? 5  1 0.998 ? ? ? ? ? ? ? ? ? 
? 
3.340 3.600  ? ? ? ? ? ? 1344 100.000 ? ? ? ? 0.194 ? ? ? ? ? ? ? ? 19.600 ? 0.618 ? ? 0.199 0.045 ? 6  1 0.998 ? ? ? ? ? ? ? ? ? 
? 
3.600 3.960  ? ? ? ? ? ? 1344 100.000 ? ? ? ? 0.124 ? ? ? ? ? ? ? ? 20.600 ? 0.770 ? ? 0.127 0.028 ? 7  1 0.999 ? ? ? ? ? ? ? ? ? 
? 
3.960 4.530  ? ? ? ? ? ? 1341 100.000 ? ? ? ? 0.085 ? ? ? ? ? ? ? ? 19.500 ? 0.975 ? ? 0.088 0.020 ? 8  1 0.999 ? ? ? ? ? ? ? ? ? 
? 
4.530 5.710  ? ? ? ? ? ? 1363 100.000 ? ? ? ? 0.068 ? ? ? ? ? ? ? ? 19.400 ? 0.723 ? ? 0.070 0.016 ? 9  1 0.999 ? ? ? ? ? ? ? ? ? 
? 
5.710 50.000 ? ? ? ? ? ? 1407 99.900  ? ? ? ? 0.058 ? ? ? ? ? ? ? ? 18.900 ? 0.482 ? ? 0.059 0.014 ? 10 1 0.999 ? ? ? ? ? ? ? ? ? 
? 
# 
_refine.aniso_B[1][1]                            3.8500 
_refine.aniso_B[1][2]                            1.9300 
_refine.aniso_B[1][3]                            0.0000 
_refine.aniso_B[2][2]                            3.8500 
_refine.aniso_B[2][3]                            -0.0000 
_refine.aniso_B[3][3]                            -12.5000 
_refine.B_iso_max                                207.370 
_refine.B_iso_mean                               60 
_refine.B_iso_min                                60.430 
_refine.correlation_coeff_Fo_to_Fc               0.9600 
_refine.correlation_coeff_Fo_to_Fc_free          0.9460 
_refine.details                                  
'HYDROGENS HAVE BEEN ADDED IN THE RIDING POSITIONS U VALUES      : REFINED INDIVIDUALLY' 
_refine.diff_density_max                         ? 
_refine.diff_density_max_esd                     ? 
_refine.diff_density_min                         ? 
_refine.diff_density_min_esd                     ? 
_refine.diff_density_rms                         ? 
_refine.diff_density_rms_esd                     ? 
_refine.entry_id                                 7WLH 
_refine.pdbx_refine_id                           'X-RAY DIFFRACTION' 
_refine.ls_abs_structure_details                 ? 
_refine.ls_abs_structure_Flack                   ? 
_refine.ls_abs_structure_Flack_esd               ? 
_refine.ls_abs_structure_Rogers                  ? 
_refine.ls_abs_structure_Rogers_esd              ? 
_refine.ls_d_res_high                            2.6500 
_refine.ls_d_res_low                             35.6000 
_refine.ls_extinction_coef                       ? 
_refine.ls_extinction_coef_esd                   ? 
_refine.ls_extinction_expression                 ? 
_refine.ls_extinction_method                     ? 
_refine.ls_goodness_of_fit_all                   ? 
_refine.ls_goodness_of_fit_all_esd               ? 
_refine.ls_goodness_of_fit_obs                   ? 
_refine.ls_goodness_of_fit_obs_esd               ? 
_refine.ls_hydrogen_treatment                    ? 
_refine.ls_matrix_type                           ? 
_refine.ls_number_constraints                    ? 
_refine.ls_number_parameters                     ? 
_refine.ls_number_reflns_all                     ? 
_refine.ls_number_reflns_obs                     12066 
_refine.ls_number_reflns_R_free                  631 
_refine.ls_number_reflns_R_work                  ? 
_refine.ls_number_restraints                     ? 
_refine.ls_percent_reflns_obs                    94.3700 
_refine.ls_percent_reflns_R_free                 5.0000 
_refine.ls_R_factor_all                          ? 
_refine.ls_R_factor_obs                          0.1986 
_refine.ls_R_factor_R_free                       0.2407 
_refine.ls_R_factor_R_free_error                 ? 
_refine.ls_R_factor_R_free_error_details         ? 
_refine.ls_R_factor_R_work                       0.1964 
_refine.ls_R_Fsqd_factor_obs                     ? 
_refine.ls_R_I_factor_obs                        ? 
_refine.ls_redundancy_reflns_all                 ? 
_refine.ls_redundancy_reflns_obs                 ? 
_refine.ls_restrained_S_all                      ? 
_refine.ls_restrained_S_obs                      ? 
_refine.ls_shift_over_esd_max                    ? 
_refine.ls_shift_over_esd_mean                   ? 
_refine.ls_structure_factor_coef                 ? 
_refine.ls_weighting_details                     ? 
_refine.ls_weighting_scheme                      ? 
_refine.ls_wR_factor_all                         ? 
_refine.ls_wR_factor_obs                         ? 
_refine.ls_wR_factor_R_free                      ? 
_refine.ls_wR_factor_R_work                      ? 
_refine.occupancy_max                            ? 
_refine.occupancy_min                            ? 
_refine.solvent_model_details                    MASK 
_refine.solvent_model_param_bsol                 ? 
_refine.solvent_model_param_ksol                 ? 
_refine.pdbx_R_complete                          ? 
_refine.ls_R_factor_gt                           ? 
_refine.ls_goodness_of_fit_gt                    ? 
_refine.ls_goodness_of_fit_ref                   ? 
_refine.ls_shift_over_su_max                     ? 
_refine.ls_shift_over_su_max_lt                  ? 
_refine.ls_shift_over_su_mean                    ? 
_refine.ls_shift_over_su_mean_lt                 ? 
_refine.pdbx_ls_sigma_I                          ? 
_refine.pdbx_ls_sigma_F                          0.000 
_refine.pdbx_ls_sigma_Fsqd                       ? 
_refine.pdbx_data_cutoff_high_absF               ? 
_refine.pdbx_data_cutoff_high_rms_absF           ? 
_refine.pdbx_data_cutoff_low_absF                ? 
_refine.pdbx_isotropic_thermal_model             ? 
_refine.pdbx_ls_cross_valid_method               THROUGHOUT 
_refine.pdbx_method_to_determine_struct          SAD 
_refine.pdbx_starting_model                      ? 
_refine.pdbx_stereochemistry_target_values       'MAXIMUM LIKELIHOOD' 
_refine.pdbx_R_Free_selection_details            RANDOM 
_refine.pdbx_stereochem_target_val_spec_case     ? 
_refine.pdbx_overall_ESU_R                       0.2360 
_refine.pdbx_overall_ESU_R_Free                  0.2180 
_refine.pdbx_solvent_vdw_probe_radii             1.2000 
_refine.pdbx_solvent_ion_probe_radii             0.8000 
_refine.pdbx_solvent_shrinkage_radii             0.8000 
_refine.pdbx_real_space_R                        ? 
_refine.pdbx_density_correlation                 ? 
_refine.pdbx_pd_number_of_powder_patterns        ? 
_refine.pdbx_pd_number_of_points                 ? 
_refine.pdbx_pd_meas_number_of_points            ? 
_refine.pdbx_pd_proc_ls_prof_R_factor            ? 
_refine.pdbx_pd_proc_ls_prof_wR_factor           ? 
_refine.pdbx_pd_Marquardt_correlation_coeff      ? 
_refine.pdbx_pd_Fsqrd_R_factor                   ? 
_refine.pdbx_pd_ls_matrix_band_width             ? 
_refine.pdbx_overall_phase_error                 ? 
_refine.pdbx_overall_SU_R_free_Cruickshank_DPI   ? 
_refine.pdbx_overall_SU_R_free_Blow_DPI          ? 
_refine.pdbx_overall_SU_R_Blow_DPI               ? 
_refine.pdbx_TLS_residual_ADP_flag               ? 
_refine.pdbx_diffrn_id                           1 
_refine.overall_SU_B                             12.5320 
_refine.overall_SU_ML                            0.2200 
_refine.overall_SU_R_Cruickshank_DPI             ? 
_refine.overall_SU_R_free                        ? 
_refine.overall_FOM_free_R_set                   ? 
_refine.overall_FOM_work_R_set                   ? 
_refine.pdbx_average_fsc_overall                 ? 
_refine.pdbx_average_fsc_work                    ? 
_refine.pdbx_average_fsc_free                    ? 
# 
_refine_hist.pdbx_refine_id                   'X-RAY DIFFRACTION' 
_refine_hist.cycle_id                         final 
_refine_hist.details                          ? 
_refine_hist.d_res_high                       2.6500 
_refine_hist.d_res_low                        35.6000 
_refine_hist.number_atoms_solvent             38 
_refine_hist.number_atoms_total               1303 
_refine_hist.number_reflns_all                ? 
_refine_hist.number_reflns_obs                ? 
_refine_hist.number_reflns_R_free             ? 
_refine_hist.number_reflns_R_work             ? 
_refine_hist.R_factor_all                     ? 
_refine_hist.R_factor_obs                     ? 
_refine_hist.R_factor_R_free                  ? 
_refine_hist.R_factor_R_work                  ? 
_refine_hist.pdbx_number_residues_total       156 
_refine_hist.pdbx_B_iso_mean_ligand           ? 
_refine_hist.pdbx_B_iso_mean_solvent          98.76 
_refine_hist.pdbx_number_atoms_protein        1265 
_refine_hist.pdbx_number_atoms_nucleic_acid   0 
_refine_hist.pdbx_number_atoms_ligand         0 
_refine_hist.pdbx_number_atoms_lipid          ? 
_refine_hist.pdbx_number_atoms_carb           ? 
_refine_hist.pdbx_pseudo_atom_details         ? 
# 
loop_
_refine_ls_restr.pdbx_refine_id 
_refine_ls_restr.criterion 
_refine_ls_restr.dev_ideal 
_refine_ls_restr.dev_ideal_target 
_refine_ls_restr.number 
_refine_ls_restr.rejects 
_refine_ls_restr.type 
_refine_ls_restr.weight 
_refine_ls_restr.pdbx_restraint_function 
'X-RAY DIFFRACTION' ? 0.009  0.013  1299 ? r_bond_refined_d       ? ? 
'X-RAY DIFFRACTION' ? 0.001  0.015  1216 ? r_bond_other_d         ? ? 
'X-RAY DIFFRACTION' ? 1.845  1.657  1764 ? r_angle_refined_deg    ? ? 
'X-RAY DIFFRACTION' ? 1.188  1.577  2832 ? r_angle_other_deg      ? ? 
'X-RAY DIFFRACTION' ? 10.059 5.000  154  ? r_dihedral_angle_1_deg ? ? 
'X-RAY DIFFRACTION' ? 30.894 23.231 65   ? r_dihedral_angle_2_deg ? ? 
'X-RAY DIFFRACTION' ? 20.018 15.000 216  ? r_dihedral_angle_3_deg ? ? 
'X-RAY DIFFRACTION' ? 15.461 15.000 6    ? r_dihedral_angle_4_deg ? ? 
'X-RAY DIFFRACTION' ? 0.075  0.200  170  ? r_chiral_restr         ? ? 
'X-RAY DIFFRACTION' ? 0.008  0.020  1423 ? r_gen_planes_refined   ? ? 
'X-RAY DIFFRACTION' ? 0.002  0.020  273  ? r_gen_planes_other     ? ? 
# 
_refine_ls_shell.pdbx_refine_id                   'X-RAY DIFFRACTION' 
_refine_ls_shell.d_res_high                       2.6520 
_refine_ls_shell.d_res_low                        2.7210 
_refine_ls_shell.number_reflns_all                622 
_refine_ls_shell.number_reflns_obs                ? 
_refine_ls_shell.number_reflns_R_free             21 
_refine_ls_shell.number_reflns_R_work             601 
_refine_ls_shell.percent_reflns_obs               63.4700 
_refine_ls_shell.percent_reflns_R_free            ? 
_refine_ls_shell.R_factor_all                     ? 
_refine_ls_shell.R_factor_obs                     ? 
_refine_ls_shell.R_factor_R_free                  0.4280 
_refine_ls_shell.R_factor_R_free_error            0.0000 
_refine_ls_shell.R_factor_R_work                  0.4140 
_refine_ls_shell.redundancy_reflns_all            ? 
_refine_ls_shell.redundancy_reflns_obs            ? 
_refine_ls_shell.wR_factor_all                    ? 
_refine_ls_shell.wR_factor_obs                    ? 
_refine_ls_shell.wR_factor_R_free                 ? 
_refine_ls_shell.wR_factor_R_work                 ? 
_refine_ls_shell.pdbx_R_complete                  ? 
_refine_ls_shell.pdbx_total_number_of_bins_used   20 
_refine_ls_shell.pdbx_phase_error                 ? 
_refine_ls_shell.pdbx_fsc_work                    ? 
_refine_ls_shell.pdbx_fsc_free                    ? 
# 
_struct.entry_id                     7WLH 
_struct.title                        'The crystal structure of African swine fever virus I215L' 
_struct.pdbx_model_details           ? 
_struct.pdbx_formula_weight          ? 
_struct.pdbx_formula_weight_method   ? 
_struct.pdbx_model_type_details      ? 
_struct.pdbx_CASP_flag               N 
# 
_struct_keywords.entry_id        7WLH 
_struct_keywords.text            'ASFV, I215L, VIRAL PROTEIN, TRANSFERASE' 
_struct_keywords.pdbx_keywords   TRANSFERASE 
# 
loop_
_struct_asym.id 
_struct_asym.pdbx_blank_PDB_chainid_flag 
_struct_asym.pdbx_modified 
_struct_asym.entity_id 
_struct_asym.details 
A N N 1 ? 
B N N 2 ? 
# 
_struct_ref.id                         1 
_struct_ref.db_name                    UNP 
_struct_ref.db_code                    A0A2X0TKQ7_ASF 
_struct_ref.pdbx_db_accession          A0A2X0TKQ7 
_struct_ref.pdbx_db_isoform            ? 
_struct_ref.entity_id                  1 
_struct_ref.pdbx_seq_one_letter_code   
;MVSRFLIAEYRHLIENPSENFKISVNEKDMTEWDVILRGPPDTFYEGGLFKAKIAFPPEYPYAPPRLTFTSEMWHPNIYS
DGKLCISILHGDNAEEQGMTWSPAQKIDTILLSVISLLNEPNPDSPANVDAAKSYRKLLYKEDLESYPMEVKRTVKKSLD
ECSPEDIEYFKNAASNVPPIPSDAYEDEC
;
_struct_ref.pdbx_align_begin           1 
# 
_struct_ref_seq.align_id                      1 
_struct_ref_seq.ref_id                        1 
_struct_ref_seq.pdbx_PDB_id_code              7WLH 
_struct_ref_seq.pdbx_strand_id                B 
_struct_ref_seq.seq_align_beg                 1 
_struct_ref_seq.pdbx_seq_align_beg_ins_code   ? 
_struct_ref_seq.seq_align_end                 189 
_struct_ref_seq.pdbx_seq_align_end_ins_code   ? 
_struct_ref_seq.pdbx_db_accession             A0A2X0TKQ7 
_struct_ref_seq.db_align_beg                  1 
_struct_ref_seq.pdbx_db_align_beg_ins_code    ? 
_struct_ref_seq.db_align_end                  189 
_struct_ref_seq.pdbx_db_align_end_ins_code    ? 
_struct_ref_seq.pdbx_auth_seq_align_beg       1 
_struct_ref_seq.pdbx_auth_seq_align_end       189 
# 
loop_
_struct_ref_seq_dif.align_id 
_struct_ref_seq_dif.pdbx_pdb_id_code 
_struct_ref_seq_dif.mon_id 
_struct_ref_seq_dif.pdbx_pdb_strand_id 
_struct_ref_seq_dif.seq_num 
_struct_ref_seq_dif.pdbx_pdb_ins_code 
_struct_ref_seq_dif.pdbx_seq_db_name 
_struct_ref_seq_dif.pdbx_seq_db_accession_code 
_struct_ref_seq_dif.db_mon_id 
_struct_ref_seq_dif.pdbx_seq_db_seq_num 
_struct_ref_seq_dif.details 
_struct_ref_seq_dif.pdbx_auth_seq_num 
_struct_ref_seq_dif.pdbx_ordinal 
1 7WLH HIS B 190 ? UNP A0A2X0TKQ7 ? ? 'expression tag' 190 1 
1 7WLH HIS B 191 ? UNP A0A2X0TKQ7 ? ? 'expression tag' 191 2 
1 7WLH HIS B 192 ? UNP A0A2X0TKQ7 ? ? 'expression tag' 192 3 
1 7WLH HIS B 193 ? UNP A0A2X0TKQ7 ? ? 'expression tag' 193 4 
1 7WLH HIS B 194 ? UNP A0A2X0TKQ7 ? ? 'expression tag' 194 5 
1 7WLH HIS B 195 ? UNP A0A2X0TKQ7 ? ? 'expression tag' 195 6 
1 7WLH HIS B 196 ? UNP A0A2X0TKQ7 ? ? 'expression tag' 196 7 
1 7WLH HIS B 197 ? UNP A0A2X0TKQ7 ? ? 'expression tag' 197 8 
# 
_pdbx_struct_assembly.id                   1 
_pdbx_struct_assembly.details              author_defined_assembly 
_pdbx_struct_assembly.method_details       ? 
_pdbx_struct_assembly.oligomeric_details   monomeric 
_pdbx_struct_assembly.oligomeric_count     1 
# 
loop_
_pdbx_struct_assembly_prop.biol_id 
_pdbx_struct_assembly_prop.type 
_pdbx_struct_assembly_prop.value 
_pdbx_struct_assembly_prop.details 
1 'ABSA (A^2)' 0    ? 
1 MORE         0    ? 
1 'SSA (A^2)'  9220 ? 
# 
_pdbx_struct_assembly_gen.assembly_id       1 
_pdbx_struct_assembly_gen.oper_expression   1 
_pdbx_struct_assembly_gen.asym_id_list      A,B 
# 
_pdbx_struct_assembly_auth_evidence.id                     1 
_pdbx_struct_assembly_auth_evidence.assembly_id            1 
_pdbx_struct_assembly_auth_evidence.experimental_support   'gel filtration' 
_pdbx_struct_assembly_auth_evidence.details                ? 
# 
_pdbx_struct_oper_list.id                   1 
_pdbx_struct_oper_list.type                 'identity operation' 
_pdbx_struct_oper_list.name                 1_555 
_pdbx_struct_oper_list.symmetry_operation   x,y,z 
_pdbx_struct_oper_list.matrix[1][1]         1.0000000000 
_pdbx_struct_oper_list.matrix[1][2]         0.0000000000 
_pdbx_struct_oper_list.matrix[1][3]         0.0000000000 
_pdbx_struct_oper_list.vector[1]            0.0000000000 
_pdbx_struct_oper_list.matrix[2][1]         0.0000000000 
_pdbx_struct_oper_list.matrix[2][2]         1.0000000000 
_pdbx_struct_oper_list.matrix[2][3]         0.0000000000 
_pdbx_struct_oper_list.vector[2]            0.0000000000 
_pdbx_struct_oper_list.matrix[3][1]         0.0000000000 
_pdbx_struct_oper_list.matrix[3][2]         0.0000000000 
_pdbx_struct_oper_list.matrix[3][3]         1.0000000000 
_pdbx_struct_oper_list.vector[3]            0.0000000000 
# 
loop_
_struct_conf.conf_type_id 
_struct_conf.id 
_struct_conf.pdbx_PDB_helix_id 
_struct_conf.beg_label_comp_id 
_struct_conf.beg_label_asym_id 
_struct_conf.beg_label_seq_id 
_struct_conf.pdbx_beg_PDB_ins_code 
_struct_conf.end_label_comp_id 
_struct_conf.end_label_asym_id 
_struct_conf.end_label_seq_id 
_struct_conf.pdbx_end_PDB_ins_code 
_struct_conf.beg_auth_comp_id 
_struct_conf.beg_auth_asym_id 
_struct_conf.beg_auth_seq_id 
_struct_conf.end_auth_comp_id 
_struct_conf.end_auth_asym_id 
_struct_conf.end_auth_seq_id 
_struct_conf.pdbx_PDB_helix_class 
_struct_conf.details 
_struct_conf.pdbx_PDB_helix_length 
HELX_P HELX_P1 AA1 SER A 3   ? ASN A 16  ? SER B 3   ASN B 16  1 ? 14 
HELX_P HELX_P2 AA2 GLU A 59  ? ALA A 63  ? GLU B 59  ALA B 63  5 ? 5  
HELX_P HELX_P3 AA3 ASP A 108 ? ASN A 119 ? ASP B 108 ASN B 119 1 ? 12 
HELX_P HELX_P4 AA4 ASN A 128 ? TYR A 140 ? ASN B 128 TYR B 140 1 ? 13 
HELX_P HELX_P5 AA5 GLU A 145 ? GLU A 161 ? GLU B 145 GLU B 161 1 ? 17 
HELX_P HELX_P6 AA6 SER A 163 ? PHE A 170 ? SER B 163 PHE B 170 1 ? 8  
# 
_struct_conf_type.id          HELX_P 
_struct_conf_type.criteria    ? 
_struct_conf_type.reference   ? 
# 
loop_
_struct_conn.id 
_struct_conn.conn_type_id 
_struct_conn.pdbx_leaving_atom_flag 
_struct_conn.pdbx_PDB_id 
_struct_conn.ptnr1_label_asym_id 
_struct_conn.ptnr1_label_comp_id 
_struct_conn.ptnr1_label_seq_id 
_struct_conn.ptnr1_label_atom_id 
_struct_conn.pdbx_ptnr1_label_alt_id 
_struct_conn.pdbx_ptnr1_PDB_ins_code 
_struct_conn.pdbx_ptnr1_standard_comp_id 
_struct_conn.ptnr1_symmetry 
_struct_conn.ptnr2_label_asym_id 
_struct_conn.ptnr2_label_comp_id 
_struct_conn.ptnr2_label_seq_id 
_struct_conn.ptnr2_label_atom_id 
_struct_conn.pdbx_ptnr2_label_alt_id 
_struct_conn.pdbx_ptnr2_PDB_ins_code 
_struct_conn.ptnr1_auth_asym_id 
_struct_conn.ptnr1_auth_comp_id 
_struct_conn.ptnr1_auth_seq_id 
_struct_conn.ptnr2_auth_asym_id 
_struct_conn.ptnr2_auth_comp_id 
_struct_conn.ptnr2_auth_seq_id 
_struct_conn.ptnr2_symmetry 
_struct_conn.pdbx_ptnr3_label_atom_id 
_struct_conn.pdbx_ptnr3_label_seq_id 
_struct_conn.pdbx_ptnr3_label_comp_id 
_struct_conn.pdbx_ptnr3_label_asym_id 
_struct_conn.pdbx_ptnr3_label_alt_id 
_struct_conn.pdbx_ptnr3_PDB_ins_code 
_struct_conn.details 
_struct_conn.pdbx_dist_value 
_struct_conn.pdbx_value_order 
_struct_conn.pdbx_role 
covale1 covale both ? A ASP 29  C ? ? ? 1_555 A MSE 30  N ? ? B ASP 29  B MSE 30  1_555 ? ? ? ? ? ? ? 1.335 ? ? 
covale2 covale both ? A MSE 30  C ? ? ? 1_555 A THR 31  N ? ? B MSE 30  B THR 31  1_555 ? ? ? ? ? ? ? 1.346 ? ? 
covale3 covale both ? A GLU 72  C ? ? ? 1_555 A MSE 73  N ? ? B GLU 72  B MSE 73  1_555 ? ? ? ? ? ? ? 1.331 ? ? 
covale4 covale both ? A MSE 73  C ? ? ? 1_555 A TRP 74  N ? ? B MSE 73  B TRP 74  1_555 ? ? ? ? ? ? ? 1.325 ? ? 
covale5 covale both ? A PRO 148 C ? ? ? 1_555 A MSE 149 N ? ? B PRO 148 B MSE 149 1_555 ? ? ? ? ? ? ? 1.335 ? ? 
covale6 covale both ? A MSE 149 C ? ? ? 1_555 A GLU 150 N ? ? B MSE 149 B GLU 150 1_555 ? ? ? ? ? ? ? 1.336 ? ? 
# 
_struct_conn_type.id          covale 
_struct_conn_type.criteria    ? 
_struct_conn_type.reference   ? 
# 
loop_
_pdbx_modification_feature.ordinal 
_pdbx_modification_feature.label_comp_id 
_pdbx_modification_feature.label_asym_id 
_pdbx_modification_feature.label_seq_id 
_pdbx_modification_feature.label_alt_id 
_pdbx_modification_feature.modified_residue_label_comp_id 
_pdbx_modification_feature.modified_residue_label_asym_id 
_pdbx_modification_feature.modified_residue_label_seq_id 
_pdbx_modification_feature.modified_residue_label_alt_id 
_pdbx_modification_feature.auth_comp_id 
_pdbx_modification_feature.auth_asym_id 
_pdbx_modification_feature.auth_seq_id 
_pdbx_modification_feature.PDB_ins_code 
_pdbx_modification_feature.symmetry 
_pdbx_modification_feature.modified_residue_auth_comp_id 
_pdbx_modification_feature.modified_residue_auth_asym_id 
_pdbx_modification_feature.modified_residue_auth_seq_id 
_pdbx_modification_feature.modified_residue_PDB_ins_code 
_pdbx_modification_feature.modified_residue_symmetry 
_pdbx_modification_feature.comp_id_linking_atom 
_pdbx_modification_feature.modified_residue_id_linking_atom 
_pdbx_modification_feature.modified_residue_id 
_pdbx_modification_feature.ref_pcm_id 
_pdbx_modification_feature.ref_comp_id 
_pdbx_modification_feature.type 
_pdbx_modification_feature.category 
1 MSE A 30  ? . . . . MSE B 30  ? 1_555 . . . . . . . MET 1 MSE Selenomethionine 'Named protein modification' 
2 MSE A 73  ? . . . . MSE B 73  ? 1_555 . . . . . . . MET 1 MSE Selenomethionine 'Named protein modification' 
3 MSE A 149 ? . . . . MSE B 149 ? 1_555 . . . . . . . MET 1 MSE Selenomethionine 'Named protein modification' 
# 
_struct_sheet.id               AA1 
_struct_sheet.type             ? 
_struct_sheet.number_strands   4 
_struct_sheet.details          ? 
# 
loop_
_struct_sheet_order.sheet_id 
_struct_sheet_order.range_id_1 
_struct_sheet_order.range_id_2 
_struct_sheet_order.offset 
_struct_sheet_order.sense 
AA1 1 2 ? anti-parallel 
AA1 2 3 ? anti-parallel 
AA1 3 4 ? anti-parallel 
# 
loop_
_struct_sheet_range.sheet_id 
_struct_sheet_range.id 
_struct_sheet_range.beg_label_comp_id 
_struct_sheet_range.beg_label_asym_id 
_struct_sheet_range.beg_label_seq_id 
_struct_sheet_range.pdbx_beg_PDB_ins_code 
_struct_sheet_range.end_label_comp_id 
_struct_sheet_range.end_label_asym_id 
_struct_sheet_range.end_label_seq_id 
_struct_sheet_range.pdbx_end_PDB_ins_code 
_struct_sheet_range.beg_auth_comp_id 
_struct_sheet_range.beg_auth_asym_id 
_struct_sheet_range.beg_auth_seq_id 
_struct_sheet_range.end_auth_comp_id 
_struct_sheet_range.end_auth_asym_id 
_struct_sheet_range.end_auth_seq_id 
AA1 1 LYS A 22 ? VAL A 25 ? LYS B 22 VAL B 25 
AA1 2 GLU A 32 ? LEU A 37 ? GLU B 32 LEU B 37 
AA1 3 PHE A 50 ? ALA A 55 ? PHE B 50 ALA B 55 
AA1 4 ARG A 66 ? PHE A 69 ? ARG B 66 PHE B 69 
# 
loop_
_pdbx_struct_sheet_hbond.sheet_id 
_pdbx_struct_sheet_hbond.range_id_1 
_pdbx_struct_sheet_hbond.range_id_2 
_pdbx_struct_sheet_hbond.range_1_label_atom_id 
_pdbx_struct_sheet_hbond.range_1_label_comp_id 
_pdbx_struct_sheet_hbond.range_1_label_asym_id 
_pdbx_struct_sheet_hbond.range_1_label_seq_id 
_pdbx_struct_sheet_hbond.range_1_PDB_ins_code 
_pdbx_struct_sheet_hbond.range_1_auth_atom_id 
_pdbx_struct_sheet_hbond.range_1_auth_comp_id 
_pdbx_struct_sheet_hbond.range_1_auth_asym_id 
_pdbx_struct_sheet_hbond.range_1_auth_seq_id 
_pdbx_struct_sheet_hbond.range_2_label_atom_id 
_pdbx_struct_sheet_hbond.range_2_label_comp_id 
_pdbx_struct_sheet_hbond.range_2_label_asym_id 
_pdbx_struct_sheet_hbond.range_2_label_seq_id 
_pdbx_struct_sheet_hbond.range_2_PDB_ins_code 
_pdbx_struct_sheet_hbond.range_2_auth_atom_id 
_pdbx_struct_sheet_hbond.range_2_auth_comp_id 
_pdbx_struct_sheet_hbond.range_2_auth_asym_id 
_pdbx_struct_sheet_hbond.range_2_auth_seq_id 
AA1 1 2 N SER A 24 ? N SER B 24 O ASP A 34 ? O ASP B 34 
AA1 2 3 N TRP A 33 ? N TRP B 33 O ILE A 54 ? O ILE B 54 
AA1 3 4 N LYS A 53 ? N LYS B 53 O THR A 68 ? O THR B 68 
# 
_pdbx_entry_details.entry_id                   7WLH 
_pdbx_entry_details.has_ligand_of_interest     Y 
_pdbx_entry_details.compound_details           ? 
_pdbx_entry_details.source_details             ? 
_pdbx_entry_details.nonpolymer_details         ? 
_pdbx_entry_details.sequence_details           ? 
_pdbx_entry_details.has_protein_modification   Y 
# 
_pdbx_validate_close_contact.id               1 
_pdbx_validate_close_contact.PDB_model_num    1 
_pdbx_validate_close_contact.auth_atom_id_1   O 
_pdbx_validate_close_contact.auth_asym_id_1   B 
_pdbx_validate_close_contact.auth_comp_id_1   TYR 
_pdbx_validate_close_contact.auth_seq_id_1    60 
_pdbx_validate_close_contact.PDB_ins_code_1   ? 
_pdbx_validate_close_contact.label_alt_id_1   ? 
_pdbx_validate_close_contact.auth_atom_id_2   N 
_pdbx_validate_close_contact.auth_asym_id_2   B 
_pdbx_validate_close_contact.auth_comp_id_2   TYR 
_pdbx_validate_close_contact.auth_seq_id_2    62 
_pdbx_validate_close_contact.PDB_ins_code_2   ? 
_pdbx_validate_close_contact.label_alt_id_2   ? 
_pdbx_validate_close_contact.dist             2.04 
# 
_pdbx_validate_rmsd_angle.id                         1 
_pdbx_validate_rmsd_angle.PDB_model_num              1 
_pdbx_validate_rmsd_angle.auth_atom_id_1             CG 
_pdbx_validate_rmsd_angle.auth_asym_id_1             B 
_pdbx_validate_rmsd_angle.auth_comp_id_1             MSE 
_pdbx_validate_rmsd_angle.auth_seq_id_1              149 
_pdbx_validate_rmsd_angle.PDB_ins_code_1             ? 
_pdbx_validate_rmsd_angle.label_alt_id_1             ? 
_pdbx_validate_rmsd_angle.auth_atom_id_2             SE 
_pdbx_validate_rmsd_angle.auth_asym_id_2             B 
_pdbx_validate_rmsd_angle.auth_comp_id_2             MSE 
_pdbx_validate_rmsd_angle.auth_seq_id_2              149 
_pdbx_validate_rmsd_angle.PDB_ins_code_2             ? 
_pdbx_validate_rmsd_angle.label_alt_id_2             ? 
_pdbx_validate_rmsd_angle.auth_atom_id_3             CE 
_pdbx_validate_rmsd_angle.auth_asym_id_3             B 
_pdbx_validate_rmsd_angle.auth_comp_id_3             MSE 
_pdbx_validate_rmsd_angle.auth_seq_id_3              149 
_pdbx_validate_rmsd_angle.PDB_ins_code_3             ? 
_pdbx_validate_rmsd_angle.label_alt_id_3             ? 
_pdbx_validate_rmsd_angle.angle_value                125.59 
_pdbx_validate_rmsd_angle.angle_target_value         98.90 
_pdbx_validate_rmsd_angle.angle_deviation            26.69 
_pdbx_validate_rmsd_angle.angle_standard_deviation   2.20 
_pdbx_validate_rmsd_angle.linker_flag                N 
# 
loop_
_pdbx_validate_torsion.id 
_pdbx_validate_torsion.PDB_model_num 
_pdbx_validate_torsion.auth_comp_id 
_pdbx_validate_torsion.auth_asym_id 
_pdbx_validate_torsion.auth_seq_id 
_pdbx_validate_torsion.PDB_ins_code 
_pdbx_validate_torsion.label_alt_id 
_pdbx_validate_torsion.phi 
_pdbx_validate_torsion.psi 
1  1 LEU B 6   ? ? -28.19  -66.13  
2  1 ASN B 16  ? ? -118.25 60.50   
3  1 ASN B 20  ? ? -145.00 39.04   
4  1 PHE B 21  ? ? -172.77 143.97  
5  1 SER B 24  ? ? -174.85 146.92  
6  1 GLU B 46  ? ? -21.76  -65.00  
7  1 LEU B 49  ? ? 54.63   78.45   
8  1 TYR B 60  ? ? 23.83   -118.55 
9  1 PRO B 61  ? ? -28.59  -44.63  
10 1 SER B 87  ? ? -39.87  -31.48  
11 1 ILE B 88  ? ? -56.18  -87.73  
12 1 ASP B 108 ? ? -21.40  -62.20  
13 1 ASP B 124 ? ? -77.32  -79.76  
14 1 PRO B 126 ? ? -101.76 70.96   
15 1 SER B 146 ? ? -55.52  -72.47  
16 1 PHE B 170 ? ? -79.50  -104.41 
17 1 ASN B 172 ? ? 135.66  -81.67  
18 1 ALA B 173 ? ? -67.38  27.77   
# 
loop_
_pdbx_validate_peptide_omega.id 
_pdbx_validate_peptide_omega.PDB_model_num 
_pdbx_validate_peptide_omega.auth_comp_id_1 
_pdbx_validate_peptide_omega.auth_asym_id_1 
_pdbx_validate_peptide_omega.auth_seq_id_1 
_pdbx_validate_peptide_omega.PDB_ins_code_1 
_pdbx_validate_peptide_omega.label_alt_id_1 
_pdbx_validate_peptide_omega.auth_comp_id_2 
_pdbx_validate_peptide_omega.auth_asym_id_2 
_pdbx_validate_peptide_omega.auth_seq_id_2 
_pdbx_validate_peptide_omega.PDB_ins_code_2 
_pdbx_validate_peptide_omega.label_alt_id_2 
_pdbx_validate_peptide_omega.omega 
1 1 ASN B 20 ? ? PHE B 21 ? ? 147.61  
2 1 TYR B 60 ? ? PRO B 61 ? ? -132.32 
# 
loop_
_pdbx_struct_mod_residue.id 
_pdbx_struct_mod_residue.label_asym_id 
_pdbx_struct_mod_residue.label_comp_id 
_pdbx_struct_mod_residue.label_seq_id 
_pdbx_struct_mod_residue.auth_asym_id 
_pdbx_struct_mod_residue.auth_comp_id 
_pdbx_struct_mod_residue.auth_seq_id 
_pdbx_struct_mod_residue.PDB_ins_code 
_pdbx_struct_mod_residue.parent_comp_id 
_pdbx_struct_mod_residue.details 
1 A MSE 30  B MSE 30  ? MET 'modified residue' 
2 A MSE 73  B MSE 73  ? MET 'modified residue' 
3 A MSE 149 B MSE 149 ? MET 'modified residue' 
# 
_pdbx_struct_special_symmetry.id              1 
_pdbx_struct_special_symmetry.PDB_model_num   1 
_pdbx_struct_special_symmetry.auth_asym_id    B 
_pdbx_struct_special_symmetry.auth_comp_id    HOH 
_pdbx_struct_special_symmetry.auth_seq_id     219 
_pdbx_struct_special_symmetry.PDB_ins_code    ? 
_pdbx_struct_special_symmetry.label_asym_id   B 
_pdbx_struct_special_symmetry.label_comp_id   HOH 
_pdbx_struct_special_symmetry.label_seq_id    . 
# 
loop_
_pdbx_unobs_or_zero_occ_residues.id 
_pdbx_unobs_or_zero_occ_residues.PDB_model_num 
_pdbx_unobs_or_zero_occ_residues.polymer_flag 
_pdbx_unobs_or_zero_occ_residues.occupancy_flag 
_pdbx_unobs_or_zero_occ_residues.auth_asym_id 
_pdbx_unobs_or_zero_occ_residues.auth_comp_id 
_pdbx_unobs_or_zero_occ_residues.auth_seq_id 
_pdbx_unobs_or_zero_occ_residues.PDB_ins_code 
_pdbx_unobs_or_zero_occ_residues.label_asym_id 
_pdbx_unobs_or_zero_occ_residues.label_comp_id 
_pdbx_unobs_or_zero_occ_residues.label_seq_id 
1  1 Y 1 B MSE 1   ? A MSE 1   
2  1 Y 1 B VAL 2   ? A VAL 2   
3  1 Y 1 B HIS 90  ? A HIS 90  
4  1 Y 1 B GLY 91  ? A GLY 91  
5  1 Y 1 B ASP 92  ? A ASP 92  
6  1 Y 1 B ASN 93  ? A ASN 93  
7  1 Y 1 B ALA 94  ? A ALA 94  
8  1 Y 1 B GLU 95  ? A GLU 95  
9  1 Y 1 B GLU 96  ? A GLU 96  
10 1 Y 1 B GLN 97  ? A GLN 97  
11 1 Y 1 B GLY 98  ? A GLY 98  
12 1 Y 1 B MSE 99  ? A MSE 99  
13 1 Y 1 B THR 100 ? A THR 100 
14 1 Y 1 B TRP 101 ? A TRP 101 
15 1 Y 1 B SER 102 ? A SER 102 
16 1 Y 1 B PRO 103 ? A PRO 103 
17 1 Y 1 B ALA 104 ? A ALA 104 
18 1 Y 1 B GLN 105 ? A GLN 105 
19 1 Y 1 B LYS 106 ? A LYS 106 
20 1 Y 1 B ASN 176 ? A ASN 176 
21 1 Y 1 B VAL 177 ? A VAL 177 
22 1 Y 1 B PRO 178 ? A PRO 178 
23 1 Y 1 B PRO 179 ? A PRO 179 
24 1 Y 1 B ILE 180 ? A ILE 180 
25 1 Y 1 B PRO 181 ? A PRO 181 
26 1 Y 1 B SER 182 ? A SER 182 
27 1 Y 1 B ASP 183 ? A ASP 183 
28 1 Y 1 B ALA 184 ? A ALA 184 
29 1 Y 1 B TYR 185 ? A TYR 185 
30 1 Y 1 B GLU 186 ? A GLU 186 
31 1 Y 1 B ASP 187 ? A ASP 187 
32 1 Y 1 B GLU 188 ? A GLU 188 
33 1 Y 1 B CYS 189 ? A CYS 189 
34 1 Y 1 B HIS 190 ? A HIS 190 
35 1 Y 1 B HIS 191 ? A HIS 191 
36 1 Y 1 B HIS 192 ? A HIS 192 
37 1 Y 1 B HIS 193 ? A HIS 193 
38 1 Y 1 B HIS 194 ? A HIS 194 
39 1 Y 1 B HIS 195 ? A HIS 195 
40 1 Y 1 B HIS 196 ? A HIS 196 
41 1 Y 1 B HIS 197 ? A HIS 197 
# 
loop_
_chem_comp_atom.comp_id 
_chem_comp_atom.atom_id 
_chem_comp_atom.type_symbol 
_chem_comp_atom.pdbx_aromatic_flag 
_chem_comp_atom.pdbx_stereo_config 
_chem_comp_atom.pdbx_ordinal 
ALA N    N  N N 1   
ALA CA   C  N S 2   
ALA C    C  N N 3   
ALA O    O  N N 4   
ALA CB   C  N N 5   
ALA OXT  O  N N 6   
ALA H    H  N N 7   
ALA H2   H  N N 8   
ALA HA   H  N N 9   
ALA HB1  H  N N 10  
ALA HB2  H  N N 11  
ALA HB3  H  N N 12  
ALA HXT  H  N N 13  
ARG N    N  N N 14  
ARG CA   C  N S 15  
ARG C    C  N N 16  
ARG O    O  N N 17  
ARG CB   C  N N 18  
ARG CG   C  N N 19  
ARG CD   C  N N 20  
ARG NE   N  N N 21  
ARG CZ   C  N N 22  
ARG NH1  N  N N 23  
ARG NH2  N  N N 24  
ARG OXT  O  N N 25  
ARG H    H  N N 26  
ARG H2   H  N N 27  
ARG HA   H  N N 28  
ARG HB2  H  N N 29  
ARG HB3  H  N N 30  
ARG HG2  H  N N 31  
ARG HG3  H  N N 32  
ARG HD2  H  N N 33  
ARG HD3  H  N N 34  
ARG HE   H  N N 35  
ARG HH11 H  N N 36  
ARG HH12 H  N N 37  
ARG HH21 H  N N 38  
ARG HH22 H  N N 39  
ARG HXT  H  N N 40  
ASN N    N  N N 41  
ASN CA   C  N S 42  
ASN C    C  N N 43  
ASN O    O  N N 44  
ASN CB   C  N N 45  
ASN CG   C  N N 46  
ASN OD1  O  N N 47  
ASN ND2  N  N N 48  
ASN OXT  O  N N 49  
ASN H    H  N N 50  
ASN H2   H  N N 51  
ASN HA   H  N N 52  
ASN HB2  H  N N 53  
ASN HB3  H  N N 54  
ASN HD21 H  N N 55  
ASN HD22 H  N N 56  
ASN HXT  H  N N 57  
ASP N    N  N N 58  
ASP CA   C  N S 59  
ASP C    C  N N 60  
ASP O    O  N N 61  
ASP CB   C  N N 62  
ASP CG   C  N N 63  
ASP OD1  O  N N 64  
ASP OD2  O  N N 65  
ASP OXT  O  N N 66  
ASP H    H  N N 67  
ASP H2   H  N N 68  
ASP HA   H  N N 69  
ASP HB2  H  N N 70  
ASP HB3  H  N N 71  
ASP HD2  H  N N 72  
ASP HXT  H  N N 73  
CYS N    N  N N 74  
CYS CA   C  N R 75  
CYS C    C  N N 76  
CYS O    O  N N 77  
CYS CB   C  N N 78  
CYS SG   S  N N 79  
CYS OXT  O  N N 80  
CYS H    H  N N 81  
CYS H2   H  N N 82  
CYS HA   H  N N 83  
CYS HB2  H  N N 84  
CYS HB3  H  N N 85  
CYS HG   H  N N 86  
CYS HXT  H  N N 87  
GLN N    N  N N 88  
GLN CA   C  N S 89  
GLN C    C  N N 90  
GLN O    O  N N 91  
GLN CB   C  N N 92  
GLN CG   C  N N 93  
GLN CD   C  N N 94  
GLN OE1  O  N N 95  
GLN NE2  N  N N 96  
GLN OXT  O  N N 97  
GLN H    H  N N 98  
GLN H2   H  N N 99  
GLN HA   H  N N 100 
GLN HB2  H  N N 101 
GLN HB3  H  N N 102 
GLN HG2  H  N N 103 
GLN HG3  H  N N 104 
GLN HE21 H  N N 105 
GLN HE22 H  N N 106 
GLN HXT  H  N N 107 
GLU N    N  N N 108 
GLU CA   C  N S 109 
GLU C    C  N N 110 
GLU O    O  N N 111 
GLU CB   C  N N 112 
GLU CG   C  N N 113 
GLU CD   C  N N 114 
GLU OE1  O  N N 115 
GLU OE2  O  N N 116 
GLU OXT  O  N N 117 
GLU H    H  N N 118 
GLU H2   H  N N 119 
GLU HA   H  N N 120 
GLU HB2  H  N N 121 
GLU HB3  H  N N 122 
GLU HG2  H  N N 123 
GLU HG3  H  N N 124 
GLU HE2  H  N N 125 
GLU HXT  H  N N 126 
GLY N    N  N N 127 
GLY CA   C  N N 128 
GLY C    C  N N 129 
GLY O    O  N N 130 
GLY OXT  O  N N 131 
GLY H    H  N N 132 
GLY H2   H  N N 133 
GLY HA2  H  N N 134 
GLY HA3  H  N N 135 
GLY HXT  H  N N 136 
HIS N    N  N N 137 
HIS CA   C  N S 138 
HIS C    C  N N 139 
HIS O    O  N N 140 
HIS CB   C  N N 141 
HIS CG   C  Y N 142 
HIS ND1  N  Y N 143 
HIS CD2  C  Y N 144 
HIS CE1  C  Y N 145 
HIS NE2  N  Y N 146 
HIS OXT  O  N N 147 
HIS H    H  N N 148 
HIS H2   H  N N 149 
HIS HA   H  N N 150 
HIS HB2  H  N N 151 
HIS HB3  H  N N 152 
HIS HD1  H  N N 153 
HIS HD2  H  N N 154 
HIS HE1  H  N N 155 
HIS HE2  H  N N 156 
HIS HXT  H  N N 157 
HOH O    O  N N 158 
HOH H1   H  N N 159 
HOH H2   H  N N 160 
ILE N    N  N N 161 
ILE CA   C  N S 162 
ILE C    C  N N 163 
ILE O    O  N N 164 
ILE CB   C  N S 165 
ILE CG1  C  N N 166 
ILE CG2  C  N N 167 
ILE CD1  C  N N 168 
ILE OXT  O  N N 169 
ILE H    H  N N 170 
ILE H2   H  N N 171 
ILE HA   H  N N 172 
ILE HB   H  N N 173 
ILE HG12 H  N N 174 
ILE HG13 H  N N 175 
ILE HG21 H  N N 176 
ILE HG22 H  N N 177 
ILE HG23 H  N N 178 
ILE HD11 H  N N 179 
ILE HD12 H  N N 180 
ILE HD13 H  N N 181 
ILE HXT  H  N N 182 
LEU N    N  N N 183 
LEU CA   C  N S 184 
LEU C    C  N N 185 
LEU O    O  N N 186 
LEU CB   C  N N 187 
LEU CG   C  N N 188 
LEU CD1  C  N N 189 
LEU CD2  C  N N 190 
LEU OXT  O  N N 191 
LEU H    H  N N 192 
LEU H2   H  N N 193 
LEU HA   H  N N 194 
LEU HB2  H  N N 195 
LEU HB3  H  N N 196 
LEU HG   H  N N 197 
LEU HD11 H  N N 198 
LEU HD12 H  N N 199 
LEU HD13 H  N N 200 
LEU HD21 H  N N 201 
LEU HD22 H  N N 202 
LEU HD23 H  N N 203 
LEU HXT  H  N N 204 
LYS N    N  N N 205 
LYS CA   C  N S 206 
LYS C    C  N N 207 
LYS O    O  N N 208 
LYS CB   C  N N 209 
LYS CG   C  N N 210 
LYS CD   C  N N 211 
LYS CE   C  N N 212 
LYS NZ   N  N N 213 
LYS OXT  O  N N 214 
LYS H    H  N N 215 
LYS H2   H  N N 216 
LYS HA   H  N N 217 
LYS HB2  H  N N 218 
LYS HB3  H  N N 219 
LYS HG2  H  N N 220 
LYS HG3  H  N N 221 
LYS HD2  H  N N 222 
LYS HD3  H  N N 223 
LYS HE2  H  N N 224 
LYS HE3  H  N N 225 
LYS HZ1  H  N N 226 
LYS HZ2  H  N N 227 
LYS HZ3  H  N N 228 
LYS HXT  H  N N 229 
MSE N    N  N N 230 
MSE CA   C  N S 231 
MSE C    C  N N 232 
MSE O    O  N N 233 
MSE OXT  O  N N 234 
MSE CB   C  N N 235 
MSE CG   C  N N 236 
MSE SE   SE N N 237 
MSE CE   C  N N 238 
MSE H    H  N N 239 
MSE H2   H  N N 240 
MSE HA   H  N N 241 
MSE HXT  H  N N 242 
MSE HB2  H  N N 243 
MSE HB3  H  N N 244 
MSE HG2  H  N N 245 
MSE HG3  H  N N 246 
MSE HE1  H  N N 247 
MSE HE2  H  N N 248 
MSE HE3  H  N N 249 
PHE N    N  N N 250 
PHE CA   C  N S 251 
PHE C    C  N N 252 
PHE O    O  N N 253 
PHE CB   C  N N 254 
PHE CG   C  Y N 255 
PHE CD1  C  Y N 256 
PHE CD2  C  Y N 257 
PHE CE1  C  Y N 258 
PHE CE2  C  Y N 259 
PHE CZ   C  Y N 260 
PHE OXT  O  N N 261 
PHE H    H  N N 262 
PHE H2   H  N N 263 
PHE HA   H  N N 264 
PHE HB2  H  N N 265 
PHE HB3  H  N N 266 
PHE HD1  H  N N 267 
PHE HD2  H  N N 268 
PHE HE1  H  N N 269 
PHE HE2  H  N N 270 
PHE HZ   H  N N 271 
PHE HXT  H  N N 272 
PRO N    N  N N 273 
PRO CA   C  N S 274 
PRO C    C  N N 275 
PRO O    O  N N 276 
PRO CB   C  N N 277 
PRO CG   C  N N 278 
PRO CD   C  N N 279 
PRO OXT  O  N N 280 
PRO H    H  N N 281 
PRO HA   H  N N 282 
PRO HB2  H  N N 283 
PRO HB3  H  N N 284 
PRO HG2  H  N N 285 
PRO HG3  H  N N 286 
PRO HD2  H  N N 287 
PRO HD3  H  N N 288 
PRO HXT  H  N N 289 
SER N    N  N N 290 
SER CA   C  N S 291 
SER C    C  N N 292 
SER O    O  N N 293 
SER CB   C  N N 294 
SER OG   O  N N 295 
SER OXT  O  N N 296 
SER H    H  N N 297 
SER H2   H  N N 298 
SER HA   H  N N 299 
SER HB2  H  N N 300 
SER HB3  H  N N 301 
SER HG   H  N N 302 
SER HXT  H  N N 303 
THR N    N  N N 304 
THR CA   C  N S 305 
THR C    C  N N 306 
THR O    O  N N 307 
THR CB   C  N R 308 
THR OG1  O  N N 309 
THR CG2  C  N N 310 
THR OXT  O  N N 311 
THR H    H  N N 312 
THR H2   H  N N 313 
THR HA   H  N N 314 
THR HB   H  N N 315 
THR HG1  H  N N 316 
THR HG21 H  N N 317 
THR HG22 H  N N 318 
THR HG23 H  N N 319 
THR HXT  H  N N 320 
TRP N    N  N N 321 
TRP CA   C  N S 322 
TRP C    C  N N 323 
TRP O    O  N N 324 
TRP CB   C  N N 325 
TRP CG   C  Y N 326 
TRP CD1  C  Y N 327 
TRP CD2  C  Y N 328 
TRP NE1  N  Y N 329 
TRP CE2  C  Y N 330 
TRP CE3  C  Y N 331 
TRP CZ2  C  Y N 332 
TRP CZ3  C  Y N 333 
TRP CH2  C  Y N 334 
TRP OXT  O  N N 335 
TRP H    H  N N 336 
TRP H2   H  N N 337 
TRP HA   H  N N 338 
TRP HB2  H  N N 339 
TRP HB3  H  N N 340 
TRP HD1  H  N N 341 
TRP HE1  H  N N 342 
TRP HE3  H  N N 343 
TRP HZ2  H  N N 344 
TRP HZ3  H  N N 345 
TRP HH2  H  N N 346 
TRP HXT  H  N N 347 
TYR N    N  N N 348 
TYR CA   C  N S 349 
TYR C    C  N N 350 
TYR O    O  N N 351 
TYR CB   C  N N 352 
TYR CG   C  Y N 353 
TYR CD1  C  Y N 354 
TYR CD2  C  Y N 355 
TYR CE1  C  Y N 356 
TYR CE2  C  Y N 357 
TYR CZ   C  Y N 358 
TYR OH   O  N N 359 
TYR OXT  O  N N 360 
TYR H    H  N N 361 
TYR H2   H  N N 362 
TYR HA   H  N N 363 
TYR HB2  H  N N 364 
TYR HB3  H  N N 365 
TYR HD1  H  N N 366 
TYR HD2  H  N N 367 
TYR HE1  H  N N 368 
TYR HE2  H  N N 369 
TYR HH   H  N N 370 
TYR HXT  H  N N 371 
VAL N    N  N N 372 
VAL CA   C  N S 373 
VAL C    C  N N 374 
VAL O    O  N N 375 
VAL CB   C  N N 376 
VAL CG1  C  N N 377 
VAL CG2  C  N N 378 
VAL OXT  O  N N 379 
VAL H    H  N N 380 
VAL H2   H  N N 381 
VAL HA   H  N N 382 
VAL HB   H  N N 383 
VAL HG11 H  N N 384 
VAL HG12 H  N N 385 
VAL HG13 H  N N 386 
VAL HG21 H  N N 387 
VAL HG22 H  N N 388 
VAL HG23 H  N N 389 
VAL HXT  H  N N 390 
# 
loop_
_chem_comp_bond.comp_id 
_chem_comp_bond.atom_id_1 
_chem_comp_bond.atom_id_2 
_chem_comp_bond.value_order 
_chem_comp_bond.pdbx_aromatic_flag 
_chem_comp_bond.pdbx_stereo_config 
_chem_comp_bond.pdbx_ordinal 
ALA N   CA   sing N N 1   
ALA N   H    sing N N 2   
ALA N   H2   sing N N 3   
ALA CA  C    sing N N 4   
ALA CA  CB   sing N N 5   
ALA CA  HA   sing N N 6   
ALA C   O    doub N N 7   
ALA C   OXT  sing N N 8   
ALA CB  HB1  sing N N 9   
ALA CB  HB2  sing N N 10  
ALA CB  HB3  sing N N 11  
ALA OXT HXT  sing N N 12  
ARG N   CA   sing N N 13  
ARG N   H    sing N N 14  
ARG N   H2   sing N N 15  
ARG CA  C    sing N N 16  
ARG CA  CB   sing N N 17  
ARG CA  HA   sing N N 18  
ARG C   O    doub N N 19  
ARG C   OXT  sing N N 20  
ARG CB  CG   sing N N 21  
ARG CB  HB2  sing N N 22  
ARG CB  HB3  sing N N 23  
ARG CG  CD   sing N N 24  
ARG CG  HG2  sing N N 25  
ARG CG  HG3  sing N N 26  
ARG CD  NE   sing N N 27  
ARG CD  HD2  sing N N 28  
ARG CD  HD3  sing N N 29  
ARG NE  CZ   sing N N 30  
ARG NE  HE   sing N N 31  
ARG CZ  NH1  sing N N 32  
ARG CZ  NH2  doub N N 33  
ARG NH1 HH11 sing N N 34  
ARG NH1 HH12 sing N N 35  
ARG NH2 HH21 sing N N 36  
ARG NH2 HH22 sing N N 37  
ARG OXT HXT  sing N N 38  
ASN N   CA   sing N N 39  
ASN N   H    sing N N 40  
ASN N   H2   sing N N 41  
ASN CA  C    sing N N 42  
ASN CA  CB   sing N N 43  
ASN CA  HA   sing N N 44  
ASN C   O    doub N N 45  
ASN C   OXT  sing N N 46  
ASN CB  CG   sing N N 47  
ASN CB  HB2  sing N N 48  
ASN CB  HB3  sing N N 49  
ASN CG  OD1  doub N N 50  
ASN CG  ND2  sing N N 51  
ASN ND2 HD21 sing N N 52  
ASN ND2 HD22 sing N N 53  
ASN OXT HXT  sing N N 54  
ASP N   CA   sing N N 55  
ASP N   H    sing N N 56  
ASP N   H2   sing N N 57  
ASP CA  C    sing N N 58  
ASP CA  CB   sing N N 59  
ASP CA  HA   sing N N 60  
ASP C   O    doub N N 61  
ASP C   OXT  sing N N 62  
ASP CB  CG   sing N N 63  
ASP CB  HB2  sing N N 64  
ASP CB  HB3  sing N N 65  
ASP CG  OD1  doub N N 66  
ASP CG  OD2  sing N N 67  
ASP OD2 HD2  sing N N 68  
ASP OXT HXT  sing N N 69  
CYS N   CA   sing N N 70  
CYS N   H    sing N N 71  
CYS N   H2   sing N N 72  
CYS CA  C    sing N N 73  
CYS CA  CB   sing N N 74  
CYS CA  HA   sing N N 75  
CYS C   O    doub N N 76  
CYS C   OXT  sing N N 77  
CYS CB  SG   sing N N 78  
CYS CB  HB2  sing N N 79  
CYS CB  HB3  sing N N 80  
CYS SG  HG   sing N N 81  
CYS OXT HXT  sing N N 82  
GLN N   CA   sing N N 83  
GLN N   H    sing N N 84  
GLN N   H2   sing N N 85  
GLN CA  C    sing N N 86  
GLN CA  CB   sing N N 87  
GLN CA  HA   sing N N 88  
GLN C   O    doub N N 89  
GLN C   OXT  sing N N 90  
GLN CB  CG   sing N N 91  
GLN CB  HB2  sing N N 92  
GLN CB  HB3  sing N N 93  
GLN CG  CD   sing N N 94  
GLN CG  HG2  sing N N 95  
GLN CG  HG3  sing N N 96  
GLN CD  OE1  doub N N 97  
GLN CD  NE2  sing N N 98  
GLN NE2 HE21 sing N N 99  
GLN NE2 HE22 sing N N 100 
GLN OXT HXT  sing N N 101 
GLU N   CA   sing N N 102 
GLU N   H    sing N N 103 
GLU N   H2   sing N N 104 
GLU CA  C    sing N N 105 
GLU CA  CB   sing N N 106 
GLU CA  HA   sing N N 107 
GLU C   O    doub N N 108 
GLU C   OXT  sing N N 109 
GLU CB  CG   sing N N 110 
GLU CB  HB2  sing N N 111 
GLU CB  HB3  sing N N 112 
GLU CG  CD   sing N N 113 
GLU CG  HG2  sing N N 114 
GLU CG  HG3  sing N N 115 
GLU CD  OE1  doub N N 116 
GLU CD  OE2  sing N N 117 
GLU OE2 HE2  sing N N 118 
GLU OXT HXT  sing N N 119 
GLY N   CA   sing N N 120 
GLY N   H    sing N N 121 
GLY N   H2   sing N N 122 
GLY CA  C    sing N N 123 
GLY CA  HA2  sing N N 124 
GLY CA  HA3  sing N N 125 
GLY C   O    doub N N 126 
GLY C   OXT  sing N N 127 
GLY OXT HXT  sing N N 128 
HIS N   CA   sing N N 129 
HIS N   H    sing N N 130 
HIS N   H2   sing N N 131 
HIS CA  C    sing N N 132 
HIS CA  CB   sing N N 133 
HIS CA  HA   sing N N 134 
HIS C   O    doub N N 135 
HIS C   OXT  sing N N 136 
HIS CB  CG   sing N N 137 
HIS CB  HB2  sing N N 138 
HIS CB  HB3  sing N N 139 
HIS CG  ND1  sing Y N 140 
HIS CG  CD2  doub Y N 141 
HIS ND1 CE1  doub Y N 142 
HIS ND1 HD1  sing N N 143 
HIS CD2 NE2  sing Y N 144 
HIS CD2 HD2  sing N N 145 
HIS CE1 NE2  sing Y N 146 
HIS CE1 HE1  sing N N 147 
HIS NE2 HE2  sing N N 148 
HIS OXT HXT  sing N N 149 
HOH O   H1   sing N N 150 
HOH O   H2   sing N N 151 
ILE N   CA   sing N N 152 
ILE N   H    sing N N 153 
ILE N   H2   sing N N 154 
ILE CA  C    sing N N 155 
ILE CA  CB   sing N N 156 
ILE CA  HA   sing N N 157 
ILE C   O    doub N N 158 
ILE C   OXT  sing N N 159 
ILE CB  CG1  sing N N 160 
ILE CB  CG2  sing N N 161 
ILE CB  HB   sing N N 162 
ILE CG1 CD1  sing N N 163 
ILE CG1 HG12 sing N N 164 
ILE CG1 HG13 sing N N 165 
ILE CG2 HG21 sing N N 166 
ILE CG2 HG22 sing N N 167 
ILE CG2 HG23 sing N N 168 
ILE CD1 HD11 sing N N 169 
ILE CD1 HD12 sing N N 170 
ILE CD1 HD13 sing N N 171 
ILE OXT HXT  sing N N 172 
LEU N   CA   sing N N 173 
LEU N   H    sing N N 174 
LEU N   H2   sing N N 175 
LEU CA  C    sing N N 176 
LEU CA  CB   sing N N 177 
LEU CA  HA   sing N N 178 
LEU C   O    doub N N 179 
LEU C   OXT  sing N N 180 
LEU CB  CG   sing N N 181 
LEU CB  HB2  sing N N 182 
LEU CB  HB3  sing N N 183 
LEU CG  CD1  sing N N 184 
LEU CG  CD2  sing N N 185 
LEU CG  HG   sing N N 186 
LEU CD1 HD11 sing N N 187 
LEU CD1 HD12 sing N N 188 
LEU CD1 HD13 sing N N 189 
LEU CD2 HD21 sing N N 190 
LEU CD2 HD22 sing N N 191 
LEU CD2 HD23 sing N N 192 
LEU OXT HXT  sing N N 193 
LYS N   CA   sing N N 194 
LYS N   H    sing N N 195 
LYS N   H2   sing N N 196 
LYS CA  C    sing N N 197 
LYS CA  CB   sing N N 198 
LYS CA  HA   sing N N 199 
LYS C   O    doub N N 200 
LYS C   OXT  sing N N 201 
LYS CB  CG   sing N N 202 
LYS CB  HB2  sing N N 203 
LYS CB  HB3  sing N N 204 
LYS CG  CD   sing N N 205 
LYS CG  HG2  sing N N 206 
LYS CG  HG3  sing N N 207 
LYS CD  CE   sing N N 208 
LYS CD  HD2  sing N N 209 
LYS CD  HD3  sing N N 210 
LYS CE  NZ   sing N N 211 
LYS CE  HE2  sing N N 212 
LYS CE  HE3  sing N N 213 
LYS NZ  HZ1  sing N N 214 
LYS NZ  HZ2  sing N N 215 
LYS NZ  HZ3  sing N N 216 
LYS OXT HXT  sing N N 217 
MSE N   CA   sing N N 218 
MSE N   H    sing N N 219 
MSE N   H2   sing N N 220 
MSE CA  C    sing N N 221 
MSE CA  CB   sing N N 222 
MSE CA  HA   sing N N 223 
MSE C   O    doub N N 224 
MSE C   OXT  sing N N 225 
MSE OXT HXT  sing N N 226 
MSE CB  CG   sing N N 227 
MSE CB  HB2  sing N N 228 
MSE CB  HB3  sing N N 229 
MSE CG  SE   sing N N 230 
MSE CG  HG2  sing N N 231 
MSE CG  HG3  sing N N 232 
MSE SE  CE   sing N N 233 
MSE CE  HE1  sing N N 234 
MSE CE  HE2  sing N N 235 
MSE CE  HE3  sing N N 236 
PHE N   CA   sing N N 237 
PHE N   H    sing N N 238 
PHE N   H2   sing N N 239 
PHE CA  C    sing N N 240 
PHE CA  CB   sing N N 241 
PHE CA  HA   sing N N 242 
PHE C   O    doub N N 243 
PHE C   OXT  sing N N 244 
PHE CB  CG   sing N N 245 
PHE CB  HB2  sing N N 246 
PHE CB  HB3  sing N N 247 
PHE CG  CD1  doub Y N 248 
PHE CG  CD2  sing Y N 249 
PHE CD1 CE1  sing Y N 250 
PHE CD1 HD1  sing N N 251 
PHE CD2 CE2  doub Y N 252 
PHE CD2 HD2  sing N N 253 
PHE CE1 CZ   doub Y N 254 
PHE CE1 HE1  sing N N 255 
PHE CE2 CZ   sing Y N 256 
PHE CE2 HE2  sing N N 257 
PHE CZ  HZ   sing N N 258 
PHE OXT HXT  sing N N 259 
PRO N   CA   sing N N 260 
PRO N   CD   sing N N 261 
PRO N   H    sing N N 262 
PRO CA  C    sing N N 263 
PRO CA  CB   sing N N 264 
PRO CA  HA   sing N N 265 
PRO C   O    doub N N 266 
PRO C   OXT  sing N N 267 
PRO CB  CG   sing N N 268 
PRO CB  HB2  sing N N 269 
PRO CB  HB3  sing N N 270 
PRO CG  CD   sing N N 271 
PRO CG  HG2  sing N N 272 
PRO CG  HG3  sing N N 273 
PRO CD  HD2  sing N N 274 
PRO CD  HD3  sing N N 275 
PRO OXT HXT  sing N N 276 
SER N   CA   sing N N 277 
SER N   H    sing N N 278 
SER N   H2   sing N N 279 
SER CA  C    sing N N 280 
SER CA  CB   sing N N 281 
SER CA  HA   sing N N 282 
SER C   O    doub N N 283 
SER C   OXT  sing N N 284 
SER CB  OG   sing N N 285 
SER CB  HB2  sing N N 286 
SER CB  HB3  sing N N 287 
SER OG  HG   sing N N 288 
SER OXT HXT  sing N N 289 
THR N   CA   sing N N 290 
THR N   H    sing N N 291 
THR N   H2   sing N N 292 
THR CA  C    sing N N 293 
THR CA  CB   sing N N 294 
THR CA  HA   sing N N 295 
THR C   O    doub N N 296 
THR C   OXT  sing N N 297 
THR CB  OG1  sing N N 298 
THR CB  CG2  sing N N 299 
THR CB  HB   sing N N 300 
THR OG1 HG1  sing N N 301 
THR CG2 HG21 sing N N 302 
THR CG2 HG22 sing N N 303 
THR CG2 HG23 sing N N 304 
THR OXT HXT  sing N N 305 
TRP N   CA   sing N N 306 
TRP N   H    sing N N 307 
TRP N   H2   sing N N 308 
TRP CA  C    sing N N 309 
TRP CA  CB   sing N N 310 
TRP CA  HA   sing N N 311 
TRP C   O    doub N N 312 
TRP C   OXT  sing N N 313 
TRP CB  CG   sing N N 314 
TRP CB  HB2  sing N N 315 
TRP CB  HB3  sing N N 316 
TRP CG  CD1  doub Y N 317 
TRP CG  CD2  sing Y N 318 
TRP CD1 NE1  sing Y N 319 
TRP CD1 HD1  sing N N 320 
TRP CD2 CE2  doub Y N 321 
TRP CD2 CE3  sing Y N 322 
TRP NE1 CE2  sing Y N 323 
TRP NE1 HE1  sing N N 324 
TRP CE2 CZ2  sing Y N 325 
TRP CE3 CZ3  doub Y N 326 
TRP CE3 HE3  sing N N 327 
TRP CZ2 CH2  doub Y N 328 
TRP CZ2 HZ2  sing N N 329 
TRP CZ3 CH2  sing Y N 330 
TRP CZ3 HZ3  sing N N 331 
TRP CH2 HH2  sing N N 332 
TRP OXT HXT  sing N N 333 
TYR N   CA   sing N N 334 
TYR N   H    sing N N 335 
TYR N   H2   sing N N 336 
TYR CA  C    sing N N 337 
TYR CA  CB   sing N N 338 
TYR CA  HA   sing N N 339 
TYR C   O    doub N N 340 
TYR C   OXT  sing N N 341 
TYR CB  CG   sing N N 342 
TYR CB  HB2  sing N N 343 
TYR CB  HB3  sing N N 344 
TYR CG  CD1  doub Y N 345 
TYR CG  CD2  sing Y N 346 
TYR CD1 CE1  sing Y N 347 
TYR CD1 HD1  sing N N 348 
TYR CD2 CE2  doub Y N 349 
TYR CD2 HD2  sing N N 350 
TYR CE1 CZ   doub Y N 351 
TYR CE1 HE1  sing N N 352 
TYR CE2 CZ   sing Y N 353 
TYR CE2 HE2  sing N N 354 
TYR CZ  OH   sing N N 355 
TYR OH  HH   sing N N 356 
TYR OXT HXT  sing N N 357 
VAL N   CA   sing N N 358 
VAL N   H    sing N N 359 
VAL N   H2   sing N N 360 
VAL CA  C    sing N N 361 
VAL CA  CB   sing N N 362 
VAL CA  HA   sing N N 363 
VAL C   O    doub N N 364 
VAL C   OXT  sing N N 365 
VAL CB  CG1  sing N N 366 
VAL CB  CG2  sing N N 367 
VAL CB  HB   sing N N 368 
VAL CG1 HG11 sing N N 369 
VAL CG1 HG12 sing N N 370 
VAL CG1 HG13 sing N N 371 
VAL CG2 HG21 sing N N 372 
VAL CG2 HG22 sing N N 373 
VAL CG2 HG23 sing N N 374 
VAL OXT HXT  sing N N 375 
# 
_pdbx_audit_support.funding_organization   'National Natural Science Foundation of China (NSFC)' 
_pdbx_audit_support.country                China 
_pdbx_audit_support.grant_number           32102652 
_pdbx_audit_support.ordinal                1 
# 
_atom_sites.entry_id                    7WLH 
_atom_sites.Cartn_transf_matrix[1][1]   ? 
_atom_sites.Cartn_transf_matrix[1][2]   ? 
_atom_sites.Cartn_transf_matrix[1][3]   ? 
_atom_sites.Cartn_transf_matrix[2][1]   ? 
_atom_sites.Cartn_transf_matrix[2][2]   ? 
_atom_sites.Cartn_transf_matrix[2][3]   ? 
_atom_sites.Cartn_transf_matrix[3][1]   ? 
_atom_sites.Cartn_transf_matrix[3][2]   ? 
_atom_sites.Cartn_transf_matrix[3][3]   ? 
_atom_sites.Cartn_transf_vector[1]      ? 
_atom_sites.Cartn_transf_vector[2]      ? 
_atom_sites.Cartn_transf_vector[3]      ? 
_atom_sites.fract_transf_matrix[1][1]   -0.00710780 
_atom_sites.fract_transf_matrix[1][2]   0.00240641 
_atom_sites.fract_transf_matrix[1][3]   -0.00308649 
_atom_sites.fract_transf_matrix[2][1]   -0.00662836 
_atom_sites.fract_transf_matrix[2][2]   -0.00456253 
_atom_sites.fract_transf_matrix[2][3]   0.00104170 
_atom_sites.fract_transf_matrix[3][1]   -0.00516333 
_atom_sites.fract_transf_matrix[3][2]   0.01242836 
_atom_sites.fract_transf_matrix[3][3]   0.02158039 
_atom_sites.fract_transf_vector[1]      0.511010 
_atom_sites.fract_transf_vector[2]      0.365047 
_atom_sites.fract_transf_vector[3]      0.163060 
_atom_sites.solution_primary            ? 
_atom_sites.solution_secondary          ? 
_atom_sites.solution_hydrogens          ? 
_atom_sites.special_details             ? 
# 
loop_
_atom_type.symbol 
C  
N  
O  
S  
SE 
# 
loop_
_atom_site.group_PDB 
_atom_site.id 
_atom_site.type_symbol 
_atom_site.label_atom_id 
_atom_site.label_alt_id 
_atom_site.label_comp_id 
_atom_site.label_asym_id 
_atom_site.label_entity_id 
_atom_site.label_seq_id 
_atom_site.pdbx_PDB_ins_code 
_atom_site.Cartn_x 
_atom_site.Cartn_y 
_atom_site.Cartn_z 
_atom_site.occupancy 
_atom_site.B_iso_or_equiv 
_atom_site.pdbx_formal_charge 
_atom_site.auth_seq_id 
_atom_site.auth_comp_id 
_atom_site.auth_asym_id 
_atom_site.auth_atom_id 
_atom_site.pdbx_PDB_model_num 
ATOM   1    N  N   . SER A 1 3   ? -9.950  18.075  -12.045 1.00 117.41 ? 3   SER B N   1 
ATOM   2    C  CA  . SER A 1 3   ? -8.663  17.607  -12.579 1.00 119.18 ? 3   SER B CA  1 
ATOM   3    C  C   . SER A 1 3   ? -7.510  18.516  -12.119 1.00 124.85 ? 3   SER B C   1 
ATOM   4    O  O   . SER A 1 3   ? -6.360  18.138  -12.355 1.00 132.66 ? 3   SER B O   1 
ATOM   5    C  CB  . SER A 1 3   ? -8.732  17.506  -14.082 1.00 111.04 ? 3   SER B CB  1 
ATOM   6    O  OG  . SER A 1 3   ? -7.997  16.376  -14.550 1.00 98.06  ? 3   SER B OG  1 
ATOM   7    N  N   . ARG A 1 4   ? -7.782  19.600  -11.388 1.00 108.97 ? 4   ARG B N   1 
ATOM   8    C  CA  . ARG A 1 4   ? -6.863  20.763  -11.257 1.00 116.05 ? 4   ARG B CA  1 
ATOM   9    C  C   . ARG A 1 4   ? -6.030  20.721  -9.954  1.00 122.54 ? 4   ARG B C   1 
ATOM   10   O  O   . ARG A 1 4   ? -4.799  21.019  -10.000 1.00 97.32  ? 4   ARG B O   1 
ATOM   11   C  CB  . ARG A 1 4   ? -7.729  22.018  -11.341 1.00 139.55 ? 4   ARG B CB  1 
ATOM   12   C  CG  . ARG A 1 4   ? -8.859  21.921  -12.353 1.00 152.24 ? 4   ARG B CG  1 
ATOM   13   C  CD  . ARG A 1 4   ? -9.564  23.255  -12.501 1.00 165.05 ? 4   ARG B CD  1 
ATOM   14   N  NE  . ARG A 1 4   ? -9.733  23.555  -13.914 1.00 183.17 ? 4   ARG B NE  1 
ATOM   15   C  CZ  . ARG A 1 4   ? -9.857  24.772  -14.431 1.00 191.23 ? 4   ARG B CZ  1 
ATOM   16   N  NH1 . ARG A 1 4   ? -9.842  25.842  -13.653 1.00 207.37 ? 4   ARG B NH1 1 
ATOM   17   N  NH2 . ARG A 1 4   ? -9.993  24.913  -15.738 1.00 194.61 ? 4   ARG B NH2 1 
ATOM   18   N  N   . PHE A 1 5   ? -6.661  20.438  -8.812  1.00 137.78 ? 5   PHE B N   1 
ATOM   19   C  CA  . PHE A 1 5   ? -5.975  20.197  -7.507  1.00 157.70 ? 5   PHE B CA  1 
ATOM   20   C  C   . PHE A 1 5   ? -5.015  19.012  -7.711  1.00 144.10 ? 5   PHE B C   1 
ATOM   21   O  O   . PHE A 1 5   ? -3.772  19.136  -7.501  1.00 100.08 ? 5   PHE B O   1 
ATOM   22   C  CB  . PHE A 1 5   ? -7.020  19.985  -6.394  1.00 176.74 ? 5   PHE B CB  1 
ATOM   23   C  CG  . PHE A 1 5   ? -6.491  19.574  -5.037  1.00 180.52 ? 5   PHE B CG  1 
ATOM   24   C  CD1 . PHE A 1 5   ? -5.409  20.228  -4.452  1.00 165.85 ? 5   PHE B CD1 1 
ATOM   25   C  CD2 . PHE A 1 5   ? -7.086  18.530  -4.338  1.00 168.68 ? 5   PHE B CD2 1 
ATOM   26   C  CE1 . PHE A 1 5   ? -4.924  19.834  -3.211  1.00 154.00 ? 5   PHE B CE1 1 
ATOM   27   C  CE2 . PHE A 1 5   ? -6.598  18.135  -3.099  1.00 166.05 ? 5   PHE B CE2 1 
ATOM   28   C  CZ  . PHE A 1 5   ? -5.521  18.790  -2.537  1.00 158.18 ? 5   PHE B CZ  1 
ATOM   29   N  N   . LEU A 1 6   ? -5.608  17.888  -8.132  1.00 130.82 ? 6   LEU B N   1 
ATOM   30   C  CA  . LEU A 1 6   ? -4.916  16.669  -8.603  1.00 122.33 ? 6   LEU B CA  1 
ATOM   31   C  C   . LEU A 1 6   ? -3.574  17.077  -9.190  1.00 124.54 ? 6   LEU B C   1 
ATOM   32   O  O   . LEU A 1 6   ? -2.526  16.768  -8.580  1.00 125.49 ? 6   LEU B O   1 
ATOM   33   C  CB  . LEU A 1 6   ? -5.783  16.021  -9.682  1.00 117.96 ? 6   LEU B CB  1 
ATOM   34   C  CG  . LEU A 1 6   ? -6.762  14.968  -9.179  1.00 126.82 ? 6   LEU B CG  1 
ATOM   35   C  CD1 . LEU A 1 6   ? -7.839  14.663  -10.224 1.00 126.39 ? 6   LEU B CD1 1 
ATOM   36   C  CD2 . LEU A 1 6   ? -6.014  13.706  -8.767  1.00 122.44 ? 6   LEU B CD2 1 
ATOM   37   N  N   . ILE A 1 7   ? -3.654  17.813  -10.300 1.00 102.97 ? 7   ILE B N   1 
ATOM   38   C  CA  . ILE A 1 7   ? -2.503  18.147  -11.185 1.00 105.68 ? 7   ILE B CA  1 
ATOM   39   C  C   . ILE A 1 7   ? -1.449  18.931  -10.384 1.00 108.04 ? 7   ILE B C   1 
ATOM   40   O  O   . ILE A 1 7   ? -0.222  18.690  -10.616 1.00 100.66 ? 7   ILE B O   1 
ATOM   41   C  CB  . ILE A 1 7   ? -3.003  18.870  -12.457 1.00 98.73  ? 7   ILE B CB  1 
ATOM   42   C  CG1 . ILE A 1 7   ? -3.830  17.916  -13.322 1.00 107.87 ? 7   ILE B CG1 1 
ATOM   43   C  CG2 . ILE A 1 7   ? -1.850  19.460  -13.256 1.00 91.71  ? 7   ILE B CG2 1 
ATOM   44   C  CD1 . ILE A 1 7   ? -4.528  18.550  -14.493 1.00 98.60  ? 7   ILE B CD1 1 
ATOM   45   N  N   . ALA A 1 8   ? -1.885  19.810  -9.473  1.00 103.79 ? 8   ALA B N   1 
ATOM   46   C  CA  . ALA A 1 8   ? -0.978  20.549  -8.564  1.00 115.80 ? 8   ALA B CA  1 
ATOM   47   C  C   . ALA A 1 8   ? -0.339  19.546  -7.598  1.00 120.04 ? 8   ALA B C   1 
ATOM   48   O  O   . ALA A 1 8   ? 0.919   19.533  -7.480  1.00 101.33 ? 8   ALA B O   1 
ATOM   49   C  CB  . ALA A 1 8   ? -1.723  21.641  -7.832  1.00 120.56 ? 8   ALA B CB  1 
ATOM   50   N  N   . GLU A 1 9   ? -1.173  18.726  -6.947  1.00 118.10 ? 9   GLU B N   1 
ATOM   51   C  CA  . GLU A 1 9   ? -0.694  17.720  -5.970  1.00 120.53 ? 9   GLU B CA  1 
ATOM   52   C  C   . GLU A 1 9   ? 0.328   16.871  -6.733  1.00 116.98 ? 9   GLU B C   1 
ATOM   53   O  O   . GLU A 1 9   ? 1.499   16.790  -6.279  1.00 99.66  ? 9   GLU B O   1 
ATOM   54   C  CB  . GLU A 1 9   ? -1.872  16.949  -5.355  1.00 135.44 ? 9   GLU B CB  1 
ATOM   55   C  CG  . GLU A 1 9   ? -1.621  16.505  -3.912  1.00 139.41 ? 9   GLU B CG  1 
ATOM   56   C  CD  . GLU A 1 9   ? -2.757  15.772  -3.204  1.00 161.08 ? 9   GLU B CD  1 
ATOM   57   O  OE1 . GLU A 1 9   ? -3.909  15.714  -3.758  1.00 148.98 ? 9   GLU B OE1 1 
ATOM   58   O  OE2 . GLU A 1 9   ? -2.488  15.260  -2.082  1.00 164.19 ? 9   GLU B OE2 1 
ATOM   59   N  N   . TYR A 1 10  ? -0.074  16.362  -7.908  1.00 108.36 ? 10  TYR B N   1 
ATOM   60   C  CA  . TYR A 1 10  ? 0.748   15.464  -8.758  1.00 100.51 ? 10  TYR B CA  1 
ATOM   61   C  C   . TYR A 1 10  ? 2.122   16.100  -8.975  1.00 102.48 ? 10  TYR B C   1 
ATOM   62   O  O   . TYR A 1 10  ? 3.138   15.451  -8.649  1.00 97.74  ? 10  TYR B O   1 
ATOM   63   C  CB  . TYR A 1 10  ? 0.082   15.128  -10.097 1.00 102.87 ? 10  TYR B CB  1 
ATOM   64   C  CG  . TYR A 1 10  ? 0.882   14.129  -10.900 1.00 116.45 ? 10  TYR B CG  1 
ATOM   65   C  CD1 . TYR A 1 10  ? 0.759   12.762  -10.690 1.00 126.42 ? 10  TYR B CD1 1 
ATOM   66   C  CD2 . TYR A 1 10  ? 1.828   14.549  -11.820 1.00 119.30 ? 10  TYR B CD2 1 
ATOM   67   C  CE1 . TYR A 1 10  ? 1.526   11.846  -11.399 1.00 127.74 ? 10  TYR B CE1 1 
ATOM   68   C  CE2 . TYR A 1 10  ? 2.603   13.649  -12.535 1.00 116.31 ? 10  TYR B CE2 1 
ATOM   69   C  CZ  . TYR A 1 10  ? 2.455   12.290  -12.326 1.00 121.04 ? 10  TYR B CZ  1 
ATOM   70   O  OH  . TYR A 1 10  ? 3.222   11.409  -13.038 1.00 112.36 ? 10  TYR B OH  1 
ATOM   71   N  N   . ARG A 1 11  ? 2.158   17.330  -9.504  1.00 112.29 ? 11  ARG B N   1 
ATOM   72   C  CA  . ARG A 1 11  ? 3.439   18.022  -9.810  1.00 116.24 ? 11  ARG B CA  1 
ATOM   73   C  C   . ARG A 1 11  ? 4.191   18.197  -8.488  1.00 122.22 ? 11  ARG B C   1 
ATOM   74   O  O   . ARG A 1 11  ? 5.429   17.984  -8.504  1.00 108.36 ? 11  ARG B O   1 
ATOM   75   C  CB  . ARG A 1 11  ? 3.219   19.327  -10.586 1.00 117.19 ? 11  ARG B CB  1 
ATOM   76   C  CG  . ARG A 1 11  ? 2.761   19.118  -12.025 1.00 123.99 ? 11  ARG B CG  1 
ATOM   77   C  CD  . ARG A 1 11  ? 2.775   20.365  -12.898 1.00 133.87 ? 11  ARG B CD  1 
ATOM   78   N  NE  . ARG A 1 11  ? 1.927   20.241  -14.090 1.00 133.19 ? 11  ARG B NE  1 
ATOM   79   C  CZ  . ARG A 1 11  ? 1.894   21.109  -15.110 1.00 127.89 ? 11  ARG B CZ  1 
ATOM   80   N  NH1 . ARG A 1 11  ? 2.660   22.186  -15.091 1.00 142.81 ? 11  ARG B NH1 1 
ATOM   81   N  NH2 . ARG A 1 11  ? 1.103   20.897  -16.152 1.00 114.36 ? 11  ARG B NH2 1 
ATOM   82   N  N   . HIS A 1 12  ? 3.462   18.497  -7.393  1.00 133.42 ? 12  HIS B N   1 
ATOM   83   C  CA  . HIS A 1 12  ? 4.014   18.721  -6.025  1.00 142.39 ? 12  HIS B CA  1 
ATOM   84   C  C   . HIS A 1 12  ? 4.882   17.507  -5.674  1.00 130.15 ? 12  HIS B C   1 
ATOM   85   O  O   . HIS A 1 12  ? 6.098   17.700  -5.357  1.00 98.34  ? 12  HIS B O   1 
ATOM   86   C  CB  . HIS A 1 12  ? 2.898   19.032  -4.995  1.00 151.73 ? 12  HIS B CB  1 
ATOM   87   C  CG  . HIS A 1 12  ? 3.395   19.310  -3.610  1.00 171.01 ? 12  HIS B CG  1 
ATOM   88   N  ND1 . HIS A 1 12  ? 3.320   18.371  -2.589  1.00 183.61 ? 12  HIS B ND1 1 
ATOM   89   C  CD2 . HIS A 1 12  ? 3.985   20.402  -3.072  1.00 164.88 ? 12  HIS B CD2 1 
ATOM   90   C  CE1 . HIS A 1 12  ? 3.845   18.873  -1.490  1.00 172.11 ? 12  HIS B CE1 1 
ATOM   91   N  NE2 . HIS A 1 12  ? 4.264   20.116  -1.762  1.00 166.14 ? 12  HIS B NE2 1 
ATOM   92   N  N   . LEU A 1 13  ? 4.289   16.317  -5.849  1.00 120.18 ? 13  LEU B N   1 
ATOM   93   C  CA  . LEU A 1 13  ? 4.852   14.992  -5.476  1.00 106.71 ? 13  LEU B CA  1 
ATOM   94   C  C   . LEU A 1 13  ? 6.030   14.624  -6.388  1.00 106.58 ? 13  LEU B C   1 
ATOM   95   O  O   . LEU A 1 13  ? 7.079   14.184  -5.834  1.00 104.75 ? 13  LEU B O   1 
ATOM   96   C  CB  . LEU A 1 13  ? 3.723   13.963  -5.536  1.00 104.76 ? 13  LEU B CB  1 
ATOM   97   C  CG  . LEU A 1 13  ? 2.647   14.156  -4.466  1.00 108.98 ? 13  LEU B CG  1 
ATOM   98   C  CD1 . LEU A 1 13  ? 1.272   13.739  -4.962  1.00 105.82 ? 13  LEU B CD1 1 
ATOM   99   C  CD2 . LEU A 1 13  ? 3.006   13.397  -3.197  1.00 115.33 ? 13  LEU B CD2 1 
ATOM   100  N  N   . ILE A 1 14  ? 5.912   14.845  -7.707  1.00 110.42 ? 14  ILE B N   1 
ATOM   101  C  CA  . ILE A 1 14  ? 7.016   14.550  -8.678  1.00 116.70 ? 14  ILE B CA  1 
ATOM   102  C  C   . ILE A 1 14  ? 8.221   15.440  -8.354  1.00 125.45 ? 14  ILE B C   1 
ATOM   103  O  O   . ILE A 1 14  ? 9.342   14.964  -8.560  1.00 108.15 ? 14  ILE B O   1 
ATOM   104  C  CB  . ILE A 1 14  ? 6.619   14.732  -10.157 1.00 119.59 ? 14  ILE B CB  1 
ATOM   105  C  CG1 . ILE A 1 14  ? 5.208   14.234  -10.487 1.00 124.22 ? 14  ILE B CG1 1 
ATOM   106  C  CG2 . ILE A 1 14  ? 7.671   14.078  -11.044 1.00 110.86 ? 14  ILE B CG2 1 
ATOM   107  C  CD1 . ILE A 1 14  ? 4.935   12.806  -10.077 1.00 131.15 ? 14  ILE B CD1 1 
ATOM   108  N  N   . GLU A 1 15  ? 7.981   16.686  -7.917  1.00 138.65 ? 15  GLU B N   1 
ATOM   109  C  CA  . GLU A 1 15  ? 9.021   17.665  -7.485  1.00 146.50 ? 15  GLU B CA  1 
ATOM   110  C  C   . GLU A 1 15  ? 9.654   17.221  -6.161  1.00 136.24 ? 15  GLU B C   1 
ATOM   111  O  O   . GLU A 1 15  ? 10.832  17.556  -5.971  1.00 122.53 ? 15  GLU B O   1 
ATOM   112  C  CB  . GLU A 1 15  ? 8.429   19.061  -7.256  1.00 166.38 ? 15  GLU B CB  1 
ATOM   113  C  CG  . GLU A 1 15  ? 9.123   20.158  -8.036  1.00 159.34 ? 15  GLU B CG  1 
ATOM   114  C  CD  . GLU A 1 15  ? 8.702   20.173  -9.493  1.00 164.94 ? 15  GLU B CD  1 
ATOM   115  O  OE1 . GLU A 1 15  ? 9.592   20.025  -10.354 1.00 158.77 ? 15  GLU B OE1 1 
ATOM   116  O  OE2 . GLU A 1 15  ? 7.480   20.307  -9.761  1.00 154.84 ? 15  GLU B OE2 1 
ATOM   117  N  N   . ASN A 1 16  ? 8.873   16.559  -5.290  1.00 136.47 ? 16  ASN B N   1 
ATOM   118  C  CA  . ASN A 1 16  ? 9.199   16.207  -3.876  1.00 141.03 ? 16  ASN B CA  1 
ATOM   119  C  C   . ASN A 1 16  ? 9.208   14.691  -3.688  1.00 130.51 ? 16  ASN B C   1 
ATOM   120  O  O   . ASN A 1 16  ? 8.463   14.173  -2.861  1.00 124.00 ? 16  ASN B O   1 
ATOM   121  C  CB  . ASN A 1 16  ? 8.156   16.750  -2.886  1.00 151.52 ? 16  ASN B CB  1 
ATOM   122  C  CG  . ASN A 1 16  ? 8.002   18.254  -2.905  1.00 153.84 ? 16  ASN B CG  1 
ATOM   123  O  OD1 . ASN A 1 16  ? 6.880   18.780  -2.946  1.00 123.90 ? 16  ASN B OD1 1 
ATOM   124  N  ND2 . ASN A 1 16  ? 9.129   18.944  -2.855  1.00 150.25 ? 16  ASN B ND2 1 
ATOM   125  N  N   . PRO A 1 17  ? 10.069  13.926  -4.393  1.00 133.00 ? 17  PRO B N   1 
ATOM   126  C  CA  . PRO A 1 17  ? 10.083  12.467  -4.281  1.00 142.49 ? 17  PRO B CA  1 
ATOM   127  C  C   . PRO A 1 17  ? 10.132  11.968  -2.829  1.00 137.08 ? 17  PRO B C   1 
ATOM   128  O  O   . PRO A 1 17  ? 10.928  12.494  -2.076  1.00 140.60 ? 17  PRO B O   1 
ATOM   129  C  CB  . PRO A 1 17  ? 11.376  12.029  -4.999  1.00 143.05 ? 17  PRO B CB  1 
ATOM   130  C  CG  . PRO A 1 17  ? 12.178  13.301  -5.159  1.00 150.70 ? 17  PRO B CG  1 
ATOM   131  C  CD  . PRO A 1 17  ? 11.152  14.415  -5.251  1.00 155.10 ? 17  PRO B CD  1 
ATOM   132  N  N   . SER A 1 18  ? 9.307   10.964  -2.498  1.00 128.90 ? 18  SER B N   1 
ATOM   133  C  CA  . SER A 1 18  ? 9.156   10.361  -1.145  1.00 119.59 ? 18  SER B CA  1 
ATOM   134  C  C   . SER A 1 18  ? 10.066  9.130   -1.012  1.00 117.22 ? 18  SER B C   1 
ATOM   135  O  O   . SER A 1 18  ? 10.250  8.391   -2.009  1.00 119.91 ? 18  SER B O   1 
ATOM   136  C  CB  . SER A 1 18  ? 7.707   10.019  -0.858  1.00 118.54 ? 18  SER B CB  1 
ATOM   137  O  OG  . SER A 1 18  ? 7.500   9.784   0.525   1.00 110.10 ? 18  SER B OG  1 
ATOM   138  N  N   . GLU A 1 19  ? 10.606  8.920   0.189   1.00 116.93 ? 19  GLU B N   1 
ATOM   139  C  CA  . GLU A 1 19  ? 11.525  7.804   0.530   1.00 119.91 ? 19  GLU B CA  1 
ATOM   140  C  C   . GLU A 1 19  ? 10.765  6.478   0.357   1.00 119.07 ? 19  GLU B C   1 
ATOM   141  O  O   . GLU A 1 19  ? 11.425  5.427   0.093   1.00 114.40 ? 19  GLU B O   1 
ATOM   142  C  CB  . GLU A 1 19  ? 12.046  8.042   1.953   1.00 129.43 ? 19  GLU B CB  1 
ATOM   143  C  CG  . GLU A 1 19  ? 13.320  7.286   2.289   1.00 144.98 ? 19  GLU B CG  1 
ATOM   144  C  CD  . GLU A 1 19  ? 14.076  7.803   3.503   1.00 146.56 ? 19  GLU B CD  1 
ATOM   145  O  OE1 . GLU A 1 19  ? 13.840  8.966   3.892   1.00 146.95 ? 19  GLU B OE1 1 
ATOM   146  O  OE2 . GLU A 1 19  ? 14.885  7.035   4.064   1.00 136.05 ? 19  GLU B OE2 1 
ATOM   147  N  N   . ASN A 1 20  ? 9.427   6.536   0.445   1.00 101.15 ? 20  ASN B N   1 
ATOM   148  C  CA  . ASN A 1 20  ? 8.563   5.342   0.612   1.00 104.06 ? 20  ASN B CA  1 
ATOM   149  C  C   . ASN A 1 20  ? 7.222   5.486   -0.130  1.00 96.25  ? 20  ASN B C   1 
ATOM   150  O  O   . ASN A 1 20  ? 6.210   5.003   0.385   1.00 93.13  ? 20  ASN B O   1 
ATOM   151  C  CB  . ASN A 1 20  ? 8.413   5.046   2.106   1.00 123.96 ? 20  ASN B CB  1 
ATOM   152  C  CG  . ASN A 1 20  ? 8.150   6.289   2.916   1.00 111.32 ? 20  ASN B CG  1 
ATOM   153  O  OD1 . ASN A 1 20  ? 8.106   7.383   2.367   1.00 119.44 ? 20  ASN B OD1 1 
ATOM   154  N  ND2 . ASN A 1 20  ? 7.962   6.119   4.210   1.00 110.61 ? 20  ASN B ND2 1 
ATOM   155  N  N   . PHE A 1 21  ? 7.219   6.070   -1.328  1.00 97.75  ? 21  PHE B N   1 
ATOM   156  C  CA  . PHE A 1 21  ? 6.278   5.704   -2.420  1.00 93.25  ? 21  PHE B CA  1 
ATOM   157  C  C   . PHE A 1 21  ? 6.661   6.435   -3.707  1.00 93.13  ? 21  PHE B C   1 
ATOM   158  O  O   . PHE A 1 21  ? 7.174   7.549   -3.625  1.00 111.64 ? 21  PHE B O   1 
ATOM   159  C  CB  . PHE A 1 21  ? 4.823   5.952   -2.033  1.00 88.98  ? 21  PHE B CB  1 
ATOM   160  C  CG  . PHE A 1 21  ? 4.529   7.361   -1.629  1.00 96.61  ? 21  PHE B CG  1 
ATOM   161  C  CD1 . PHE A 1 21  ? 4.530   7.729   -0.300  1.00 100.90 ? 21  PHE B CD1 1 
ATOM   162  C  CD2 . PHE A 1 21  ? 4.260   8.321   -2.586  1.00 112.80 ? 21  PHE B CD2 1 
ATOM   163  C  CE1 . PHE A 1 21  ? 4.276   9.042   0.062   1.00 111.37 ? 21  PHE B CE1 1 
ATOM   164  C  CE2 . PHE A 1 21  ? 4.009   9.632   -2.222  1.00 115.93 ? 21  PHE B CE2 1 
ATOM   165  C  CZ  . PHE A 1 21  ? 4.014   9.990   -0.896  1.00 111.87 ? 21  PHE B CZ  1 
ATOM   166  N  N   . LYS A 1 22  ? 6.483   5.748   -4.839  1.00 104.40 ? 22  LYS B N   1 
ATOM   167  C  CA  . LYS A 1 22  ? 6.603   6.238   -6.238  1.00 97.32  ? 22  LYS B CA  1 
ATOM   168  C  C   . LYS A 1 22  ? 5.153   6.354   -6.717  1.00 92.56  ? 22  LYS B C   1 
ATOM   169  O  O   . LYS A 1 22  ? 4.366   5.417   -6.476  1.00 93.63  ? 22  LYS B O   1 
ATOM   170  C  CB  . LYS A 1 22  ? 7.477   5.260   -7.054  1.00 105.01 ? 22  LYS B CB  1 
ATOM   171  C  CG  . LYS A 1 22  ? 8.080   5.707   -8.400  1.00 118.14 ? 22  LYS B CG  1 
ATOM   172  C  CD  . LYS A 1 22  ? 7.135   5.668   -9.636  1.00 144.16 ? 22  LYS B CD  1 
ATOM   173  C  CE  . LYS A 1 22  ? 6.816   4.289   -10.213 1.00 144.44 ? 22  LYS B CE  1 
ATOM   174  N  NZ  . LYS A 1 22  ? 5.350   4.016   -10.365 1.00 111.82 ? 22  LYS B NZ  1 
ATOM   175  N  N   . ILE A 1 23  ? 4.775   7.478   -7.313  1.00 100.54 ? 23  ILE B N   1 
ATOM   176  C  CA  . ILE A 1 23  ? 3.515   7.548   -8.109  1.00 106.07 ? 23  ILE B CA  1 
ATOM   177  C  C   . ILE A 1 23  ? 3.854   7.962   -9.546  1.00 100.21 ? 23  ILE B C   1 
ATOM   178  O  O   . ILE A 1 23  ? 4.997   8.390   -9.823  1.00 98.01  ? 23  ILE B O   1 
ATOM   179  C  CB  . ILE A 1 23  ? 2.452   8.465   -7.470  1.00 109.05 ? 23  ILE B CB  1 
ATOM   180  C  CG1 . ILE A 1 23  ? 2.761   9.936   -7.736  1.00 117.72 ? 23  ILE B CG1 1 
ATOM   181  C  CG2 . ILE A 1 23  ? 2.283   8.165   -5.985  1.00 106.02 ? 23  ILE B CG2 1 
ATOM   182  C  CD1 . ILE A 1 23  ? 1.918   10.884  -6.941  1.00 133.23 ? 23  ILE B CD1 1 
ATOM   183  N  N   . SER A 1 24  ? 2.869   7.793   -10.422 1.00 97.15  ? 24  SER B N   1 
ATOM   184  C  CA  . SER A 1 24  ? 2.948   7.904   -11.897 1.00 97.52  ? 24  SER B CA  1 
ATOM   185  C  C   . SER A 1 24  ? 1.517   7.747   -12.413 1.00 88.13  ? 24  SER B C   1 
ATOM   186  O  O   . SER A 1 24  ? 0.739   7.033   -11.773 1.00 92.55  ? 24  SER B O   1 
ATOM   187  C  CB  . SER A 1 24  ? 3.903   6.873   -12.491 1.00 109.77 ? 24  SER B CB  1 
ATOM   188  O  OG  . SER A 1 24  ? 3.212   5.700   -12.921 1.00 130.88 ? 24  SER B OG  1 
ATOM   189  N  N   . VAL A 1 25  ? 1.160   8.415   -13.500 1.00 88.75  ? 25  VAL B N   1 
ATOM   190  C  CA  . VAL A 1 25  ? -0.234  8.380   -14.018 1.00 93.80  ? 25  VAL B CA  1 
ATOM   191  C  C   . VAL A 1 25  ? -0.402  7.085   -14.800 1.00 96.79  ? 25  VAL B C   1 
ATOM   192  O  O   . VAL A 1 25  ? 0.541   6.700   -15.531 1.00 101.66 ? 25  VAL B O   1 
ATOM   193  C  CB  . VAL A 1 25  ? -0.557  9.588   -14.913 1.00 103.61 ? 25  VAL B CB  1 
ATOM   194  C  CG1 . VAL A 1 25  ? -2.058  9.718   -15.141 1.00 112.59 ? 25  VAL B CG1 1 
ATOM   195  C  CG2 . VAL A 1 25  ? 0.020   10.870  -14.347 1.00 101.16 ? 25  VAL B CG2 1 
ATOM   196  N  N   . ASN A 1 26  ? -1.559  6.447   -14.660 1.00 94.47  ? 26  ASN B N   1 
ATOM   197  C  CA  . ASN A 1 26  ? -1.885  5.269   -15.493 1.00 111.30 ? 26  ASN B CA  1 
ATOM   198  C  C   . ASN A 1 26  ? -2.004  5.821   -16.916 1.00 125.64 ? 26  ASN B C   1 
ATOM   199  O  O   . ASN A 1 26  ? -2.908  6.646   -17.176 1.00 122.96 ? 26  ASN B O   1 
ATOM   200  C  CB  . ASN A 1 26  ? -3.063  4.496   -14.898 1.00 123.59 ? 26  ASN B CB  1 
ATOM   201  C  CG  . ASN A 1 26  ? -3.591  3.384   -15.777 1.00 121.95 ? 26  ASN B CG  1 
ATOM   202  O  OD1 . ASN A 1 26  ? -4.680  2.859   -15.530 1.00 130.03 ? 26  ASN B OD1 1 
ATOM   203  N  ND2 . ASN A 1 26  ? -2.843  3.035   -16.808 1.00 115.44 ? 26  ASN B ND2 1 
ATOM   204  N  N   . GLU A 1 27  ? -1.031  5.472   -17.760 1.00 146.03 ? 27  GLU B N   1 
ATOM   205  C  CA  . GLU A 1 27  ? -0.923  5.923   -19.172 1.00 147.69 ? 27  GLU B CA  1 
ATOM   206  C  C   . GLU A 1 27  ? -2.294  5.757   -19.836 1.00 132.81 ? 27  GLU B C   1 
ATOM   207  O  O   . GLU A 1 27  ? -2.798  6.758   -20.365 1.00 124.82 ? 27  GLU B O   1 
ATOM   208  C  CB  . GLU A 1 27  ? 0.170   5.127   -19.895 1.00 171.64 ? 27  GLU B CB  1 
ATOM   209  C  CG  . GLU A 1 27  ? 1.573   5.331   -19.334 1.00 174.87 ? 27  GLU B CG  1 
ATOM   210  C  CD  . GLU A 1 27  ? 2.119   6.738   -19.523 1.00 167.60 ? 27  GLU B CD  1 
ATOM   211  O  OE1 . GLU A 1 27  ? 1.493   7.692   -19.018 1.00 149.42 ? 27  GLU B OE1 1 
ATOM   212  O  OE2 . GLU A 1 27  ? 3.159   6.883   -20.196 1.00 143.96 ? 27  GLU B OE2 1 
ATOM   213  N  N   . LYS A 1 28  ? -2.878  4.551   -19.743 1.00 131.87 ? 28  LYS B N   1 
ATOM   214  C  CA  . LYS A 1 28  ? -4.190  4.164   -20.342 1.00 138.00 ? 28  LYS B CA  1 
ATOM   215  C  C   . LYS A 1 28  ? -5.311  5.015   -19.740 1.00 137.82 ? 28  LYS B C   1 
ATOM   216  O  O   . LYS A 1 28  ? -6.061  5.592   -20.527 1.00 141.41 ? 28  LYS B O   1 
ATOM   217  C  CB  . LYS A 1 28  ? -4.562  2.688   -20.123 1.00 146.16 ? 28  LYS B CB  1 
ATOM   218  C  CG  . LYS A 1 28  ? -3.525  1.638   -20.529 1.00 164.27 ? 28  LYS B CG  1 
ATOM   219  C  CD  . LYS A 1 28  ? -3.540  1.231   -22.008 1.00 171.05 ? 28  LYS B CD  1 
ATOM   220  C  CE  . LYS A 1 28  ? -2.747  -0.027  -22.308 1.00 169.36 ? 28  LYS B CE  1 
ATOM   221  N  NZ  . LYS A 1 28  ? -1.300  0.266   -22.443 1.00 195.24 ? 28  LYS B NZ  1 
ATOM   222  N  N   . ASP A 1 29  ? -5.413  5.093   -18.405 1.00 136.49 ? 29  ASP B N   1 
ATOM   223  C  CA  . ASP A 1 29  ? -6.525  5.779   -17.684 1.00 114.15 ? 29  ASP B CA  1 
ATOM   224  C  C   . ASP A 1 29  ? -6.001  6.993   -16.898 1.00 104.96 ? 29  ASP B C   1 
ATOM   225  O  O   . ASP A 1 29  ? -5.177  6.885   -16.003 1.00 101.20 ? 29  ASP B O   1 
ATOM   226  C  CB  . ASP A 1 29  ? -7.291  4.766   -16.835 1.00 102.85 ? 29  ASP B CB  1 
ATOM   227  C  CG  . ASP A 1 29  ? -8.497  5.376   -16.149 1.00 107.64 ? 29  ASP B CG  1 
ATOM   228  O  OD1 . ASP A 1 29  ? -8.507  6.602   -15.980 1.00 96.75  ? 29  ASP B OD1 1 
ATOM   229  O  OD2 . ASP A 1 29  ? -9.406  4.620   -15.779 1.00 103.52 ? 29  ASP B OD2 1 
HETATM 230  N  N   . MSE A 1 30  ? -6.501  8.184   -17.239 1.00 126.23 ? 30  MSE B N   1 
HETATM 231  C  CA  . MSE A 1 30  ? -6.090  9.431   -16.602 1.00 127.33 ? 30  MSE B CA  1 
HETATM 232  C  C   . MSE A 1 30  ? -6.583  9.485   -15.158 1.00 114.09 ? 30  MSE B C   1 
HETATM 233  O  O   . MSE A 1 30  ? -5.975  10.172  -14.343 1.00 102.01 ? 30  MSE B O   1 
HETATM 234  C  CB  . MSE A 1 30  ? -6.701  10.650  -17.314 1.00 152.30 ? 30  MSE B CB  1 
HETATM 235  C  CG  . MSE A 1 30  ? -6.256  10.901  -18.739 1.00 135.66 ? 30  MSE B CG  1 
HETATM 236  SE SE  . MSE A 1 30  ? -4.345  11.302  -18.714 0.66 169.23 ? 30  MSE B SE  1 
HETATM 237  C  CE  . MSE A 1 30  ? -3.253  9.670   -18.949 1.00 157.88 ? 30  MSE B CE  1 
ATOM   238  N  N   . THR A 1 31  ? -7.715  8.810   -14.886 1.00 94.60  ? 31  THR B N   1 
ATOM   239  C  CA  . THR A 1 31  ? -8.384  8.865   -13.598 1.00 99.26  ? 31  THR B CA  1 
ATOM   240  C  C   . THR A 1 31  ? -7.742  7.890   -12.592 1.00 104.13 ? 31  THR B C   1 
ATOM   241  O  O   . THR A 1 31  ? -8.306  7.734   -11.489 1.00 108.43 ? 31  THR B O   1 
ATOM   242  C  CB  . THR A 1 31  ? -9.899  8.628   -13.735 1.00 105.53 ? 31  THR B CB  1 
ATOM   243  O  OG1 . THR A 1 31  ? -10.225 7.244   -13.899 1.00 98.44  ? 31  THR B OG1 1 
ATOM   244  C  CG2 . THR A 1 31  ? -10.505 9.439   -14.860 1.00 110.09 ? 31  THR B CG2 1 
ATOM   245  N  N   . GLU A 1 32  ? -6.599  7.281   -12.920 1.00 99.35  ? 32  GLU B N   1 
ATOM   246  C  CA  . GLU A 1 32  ? -5.892  6.322   -12.035 1.00 92.39  ? 32  GLU B CA  1 
ATOM   247  C  C   . GLU A 1 32  ? -4.434  6.750   -11.887 1.00 82.35  ? 32  GLU B C   1 
ATOM   248  O  O   . GLU A 1 32  ? -3.837  7.128   -12.880 1.00 92.72  ? 32  GLU B O   1 
ATOM   249  C  CB  . GLU A 1 32  ? -5.965  4.909   -12.610 1.00 95.66  ? 32  GLU B CB  1 
ATOM   250  C  CG  . GLU A 1 32  ? -7.225  4.145   -12.245 1.00 107.00 ? 32  GLU B CG  1 
ATOM   251  C  CD  . GLU A 1 32  ? -7.219  2.673   -12.629 1.00 112.49 ? 32  GLU B CD  1 
ATOM   252  O  OE1 . GLU A 1 32  ? -6.130  2.111   -12.907 1.00 96.52  ? 32  GLU B OE1 1 
ATOM   253  O  OE2 . GLU A 1 32  ? -8.313  2.092   -12.657 1.00 130.97 ? 32  GLU B OE2 1 
ATOM   254  N  N   . TRP A 1 33  ? -3.880  6.689   -10.684 1.00 84.48  ? 33  TRP B N   1 
ATOM   255  C  CA  . TRP A 1 33  ? -2.411  6.701   -10.500 1.00 94.13  ? 33  TRP B CA  1 
ATOM   256  C  C   . TRP A 1 33  ? -1.964  5.316   -10.060 1.00 98.55  ? 33  TRP B C   1 
ATOM   257  O  O   . TRP A 1 33  ? -2.649  4.708   -9.222  1.00 120.33 ? 33  TRP B O   1 
ATOM   258  C  CB  . TRP A 1 33  ? -1.955  7.734   -9.479  1.00 99.67  ? 33  TRP B CB  1 
ATOM   259  C  CG  . TRP A 1 33  ? -2.426  9.120   -9.758  1.00 103.63 ? 33  TRP B CG  1 
ATOM   260  C  CD1 . TRP A 1 33  ? -3.220  9.557   -10.778 1.00 101.72 ? 33  TRP B CD1 1 
ATOM   261  C  CD2 . TRP A 1 33  ? -2.159  10.260  -8.933  1.00 102.23 ? 33  TRP B CD2 1 
ATOM   262  N  NE1 . TRP A 1 33  ? -3.436  10.902  -10.655 1.00 100.88 ? 33  TRP B NE1 1 
ATOM   263  C  CE2 . TRP A 1 33  ? -2.811  11.357  -9.524  1.00 104.49 ? 33  TRP B CE2 1 
ATOM   264  C  CE3 . TRP A 1 33  ? -1.438  10.453  -7.754  1.00 102.95 ? 33  TRP B CE3 1 
ATOM   265  C  CZ2 . TRP A 1 33  ? -2.760  12.633  -8.966  1.00 112.88 ? 33  TRP B CZ2 1 
ATOM   266  C  CZ3 . TRP A 1 33  ? -1.391  11.717  -7.206  1.00 102.79 ? 33  TRP B CZ3 1 
ATOM   267  C  CH2 . TRP A 1 33  ? -2.049  12.790  -7.801  1.00 98.78  ? 33  TRP B CH2 1 
ATOM   268  N  N   . ASP A 1 34  ? -0.859  4.858   -10.632 1.00 94.33  ? 34  ASP B N   1 
ATOM   269  C  CA  . ASP A 1 34  ? -0.123  3.659   -10.186 1.00 92.17  ? 34  ASP B CA  1 
ATOM   270  C  C   . ASP A 1 34  ? 0.797   4.122   -9.068  1.00 93.66  ? 34  ASP B C   1 
ATOM   271  O  O   . ASP A 1 34  ? 1.620   5.021   -9.308  1.00 93.78  ? 34  ASP B O   1 
ATOM   272  C  CB  . ASP A 1 34  ? 0.716   3.039   -11.301 1.00 89.99  ? 34  ASP B CB  1 
ATOM   273  C  CG  . ASP A 1 34  ? -0.034  2.856   -12.599 1.00 89.90  ? 34  ASP B CG  1 
ATOM   274  O  OD1 . ASP A 1 34  ? -1.082  2.167   -12.571 1.00 84.19  ? 34  ASP B OD1 1 
ATOM   275  O  OD2 . ASP A 1 34  ? 0.440   3.416   -13.623 1.00 99.80  ? 34  ASP B OD2 1 
ATOM   276  N  N   . VAL A 1 35  ? 0.661   3.515   -7.899  1.00 92.15  ? 35  VAL B N   1 
ATOM   277  C  CA  . VAL A 1 35  ? 1.632   3.691   -6.790  1.00 86.09  ? 35  VAL B CA  1 
ATOM   278  C  C   . VAL A 1 35  ? 2.368   2.377   -6.586  1.00 81.04  ? 35  VAL B C   1 
ATOM   279  O  O   . VAL A 1 35  ? 1.823   1.292   -6.948  1.00 79.46  ? 35  VAL B O   1 
ATOM   280  C  CB  . VAL A 1 35  ? 0.931   4.085   -5.487  1.00 91.55  ? 35  VAL B CB  1 
ATOM   281  C  CG1 . VAL A 1 35  ? 1.927   4.277   -4.359  1.00 105.77 ? 35  VAL B CG1 1 
ATOM   282  C  CG2 . VAL A 1 35  ? 0.024   5.292   -5.676  1.00 91.20  ? 35  VAL B CG2 1 
ATOM   283  N  N   . ILE A 1 36  ? 3.562   2.524   -6.038  1.00 75.17  ? 36  ILE B N   1 
ATOM   284  C  CA  . ILE A 1 36  ? 4.329   1.487   -5.312  1.00 81.73  ? 36  ILE B CA  1 
ATOM   285  C  C   . ILE A 1 36  ? 4.575   2.088   -3.940  1.00 87.19  ? 36  ILE B C   1 
ATOM   286  O  O   . ILE A 1 36  ? 5.266   3.123   -3.935  1.00 83.57  ? 36  ILE B O   1 
ATOM   287  C  CB  . ILE A 1 36  ? 5.660   1.217   -6.043  1.00 92.25  ? 36  ILE B CB  1 
ATOM   288  C  CG1 . ILE A 1 36  ? 5.415   0.826   -7.501  1.00 102.80 ? 36  ILE B CG1 1 
ATOM   289  C  CG2 . ILE A 1 36  ? 6.522   0.190   -5.313  1.00 91.80  ? 36  ILE B CG2 1 
ATOM   290  C  CD1 . ILE A 1 36  ? 6.679   0.730   -8.320  1.00 107.15 ? 36  ILE B CD1 1 
ATOM   291  N  N   . LEU A 1 37  ? 4.033   1.542   -2.842  1.00 84.76  ? 37  LEU B N   1 
ATOM   292  C  CA  . LEU A 1 37  ? 4.494   2.052   -1.526  1.00 97.02  ? 37  LEU B CA  1 
ATOM   293  C  C   . LEU A 1 37  ? 5.369   1.012   -0.858  1.00 87.81  ? 37  LEU B C   1 
ATOM   294  O  O   . LEU A 1 37  ? 5.050   -0.145  -0.928  1.00 79.47  ? 37  LEU B O   1 
ATOM   295  C  CB  . LEU A 1 37  ? 3.378   2.560   -0.615  1.00 94.80  ? 37  LEU B CB  1 
ATOM   296  C  CG  . LEU A 1 37  ? 2.045   1.871   -0.729  1.00 92.37  ? 37  LEU B CG  1 
ATOM   297  C  CD1 . LEU A 1 37  ? 2.180   0.454   -0.267  1.00 108.21 ? 37  LEU B CD1 1 
ATOM   298  C  CD2 . LEU A 1 37  ? 1.038   2.606   0.116   1.00 104.60 ? 37  LEU B CD2 1 
ATOM   299  N  N   . ARG A 1 38  ? 6.473   1.475   -0.284  1.00 96.02  ? 38  ARG B N   1 
ATOM   300  C  CA  . ARG A 1 38  ? 7.497   0.592   0.300   1.00 100.57 ? 38  ARG B CA  1 
ATOM   301  C  C   . ARG A 1 38  ? 7.040   0.175   1.689   1.00 94.99  ? 38  ARG B C   1 
ATOM   302  O  O   . ARG A 1 38  ? 6.582   1.027   2.483   1.00 95.98  ? 38  ARG B O   1 
ATOM   303  C  CB  . ARG A 1 38  ? 8.855   1.285   0.382   1.00 110.22 ? 38  ARG B CB  1 
ATOM   304  C  CG  . ARG A 1 38  ? 9.250   1.683   1.791   1.00 107.60 ? 38  ARG B CG  1 
ATOM   305  C  CD  . ARG A 1 38  ? 10.668  2.165   1.794   1.00 111.02 ? 38  ARG B CD  1 
ATOM   306  N  NE  . ARG A 1 38  ? 10.880  2.908   3.021   1.00 124.92 ? 38  ARG B NE  1 
ATOM   307  C  CZ  . ARG A 1 38  ? 11.968  3.609   3.255   1.00 134.95 ? 38  ARG B CZ  1 
ATOM   308  N  NH1 . ARG A 1 38  ? 12.914  3.655   2.328   1.00 157.43 ? 38  ARG B NH1 1 
ATOM   309  N  NH2 . ARG A 1 38  ? 12.102  4.259   4.397   1.00 119.93 ? 38  ARG B NH2 1 
ATOM   310  N  N   . GLY A 1 39  ? 7.224   -1.097  1.984   1.00 91.79  ? 39  GLY B N   1 
ATOM   311  C  CA  . GLY A 1 39  ? 6.886   -1.639  3.305   1.00 103.81 ? 39  GLY B CA  1 
ATOM   312  C  C   . GLY A 1 39  ? 7.685   -0.956  4.406   1.00 88.26  ? 39  GLY B C   1 
ATOM   313  O  O   . GLY A 1 39  ? 8.898   -0.824  4.301   1.00 89.48  ? 39  GLY B O   1 
ATOM   314  N  N   . PRO A 1 40  ? 7.034   -0.559  5.511   1.00 83.25  ? 40  PRO B N   1 
ATOM   315  C  CA  . PRO A 1 40  ? 7.731   0.114   6.598   1.00 85.00  ? 40  PRO B CA  1 
ATOM   316  C  C   . PRO A 1 40  ? 8.855   -0.771  7.116   1.00 87.58  ? 40  PRO B C   1 
ATOM   317  O  O   . PRO A 1 40  ? 8.662   -1.971  7.300   1.00 88.81  ? 40  PRO B O   1 
ATOM   318  C  CB  . PRO A 1 40  ? 6.656   0.343   7.668   1.00 90.65  ? 40  PRO B CB  1 
ATOM   319  C  CG  . PRO A 1 40  ? 5.513   -0.590  7.286   1.00 88.60  ? 40  PRO B CG  1 
ATOM   320  C  CD  . PRO A 1 40  ? 5.609   -0.778  5.788   1.00 86.96  ? 40  PRO B CD  1 
ATOM   321  N  N   . PRO A 1 41  ? 10.074  -0.219  7.309   1.00 91.51  ? 41  PRO B N   1 
ATOM   322  C  CA  . PRO A 1 41  ? 11.162  -0.954  7.943   1.00 92.06  ? 41  PRO B CA  1 
ATOM   323  C  C   . PRO A 1 41  ? 10.847  -1.274  9.401   1.00 91.97  ? 41  PRO B C   1 
ATOM   324  O  O   . PRO A 1 41  ? 10.007  -0.601  9.966   1.00 93.04  ? 41  PRO B O   1 
ATOM   325  C  CB  . PRO A 1 41  ? 12.355  0.003   7.858   1.00 95.50  ? 41  PRO B CB  1 
ATOM   326  C  CG  . PRO A 1 41  ? 12.010  0.906   6.691   1.00 93.44  ? 41  PRO B CG  1 
ATOM   327  C  CD  . PRO A 1 41  ? 10.517  1.102   6.841   1.00 92.67  ? 41  PRO B CD  1 
ATOM   328  N  N   . ASP A 1 42  ? 11.548  -2.280  9.928   1.00 103.83 ? 42  ASP B N   1 
ATOM   329  C  CA  . ASP A 1 42  ? 11.428  -2.842  11.302  1.00 106.89 ? 42  ASP B CA  1 
ATOM   330  C  C   . ASP A 1 42  ? 10.017  -3.379  11.510  1.00 96.81  ? 42  ASP B C   1 
ATOM   331  O  O   . ASP A 1 42  ? 9.574   -3.418  12.656  1.00 127.14 ? 42  ASP B O   1 
ATOM   332  C  CB  . ASP A 1 42  ? 11.892  -1.825  12.344  1.00 108.13 ? 42  ASP B CB  1 
ATOM   333  C  CG  . ASP A 1 42  ? 13.403  -1.744  12.327  1.00 120.19 ? 42  ASP B CG  1 
ATOM   334  O  OD1 . ASP A 1 42  ? 14.034  -2.821  12.411  1.00 128.79 ? 42  ASP B OD1 1 
ATOM   335  O  OD2 . ASP A 1 42  ? 13.931  -0.634  12.147  1.00 123.26 ? 42  ASP B OD2 1 
ATOM   336  N  N   . THR A 1 43  ? 9.368   -3.795  10.423  1.00 96.79  ? 43  THR B N   1 
ATOM   337  C  CA  . THR A 1 43  ? 8.073   -4.518  10.421  1.00 89.66  ? 43  THR B CA  1 
ATOM   338  C  C   . THR A 1 43  ? 8.212   -5.743  9.522   1.00 92.43  ? 43  THR B C   1 
ATOM   339  O  O   . THR A 1 43  ? 9.206   -5.861  8.796   1.00 84.93  ? 43  THR B O   1 
ATOM   340  C  CB  . THR A 1 43  ? 6.920   -3.642  9.920   1.00 86.98  ? 43  THR B CB  1 
ATOM   341  O  OG1 . THR A 1 43  ? 6.930   -3.649  8.491   1.00 81.59  ? 43  THR B OG1 1 
ATOM   342  C  CG2 . THR A 1 43  ? 7.014   -2.216  10.414  1.00 81.18  ? 43  THR B CG2 1 
ATOM   343  N  N   . PHE A 1 44  ? 7.213   -6.605  9.548   1.00 89.79  ? 44  PHE B N   1 
ATOM   344  C  CA  . PHE A 1 44  ? 7.152   -7.809  8.699   1.00 82.64  ? 44  PHE B CA  1 
ATOM   345  C  C   . PHE A 1 44  ? 7.226   -7.441  7.212   1.00 85.02  ? 44  PHE B C   1 
ATOM   346  O  O   . PHE A 1 44  ? 7.741   -8.257  6.424   1.00 88.05  ? 44  PHE B O   1 
ATOM   347  C  CB  . PHE A 1 44  ? 5.853   -8.529  9.013   1.00 88.28  ? 44  PHE B CB  1 
ATOM   348  C  CG  . PHE A 1 44  ? 5.786   -9.008  10.433  1.00 93.96  ? 44  PHE B CG  1 
ATOM   349  C  CD1 . PHE A 1 44  ? 6.873   -9.671  10.997  1.00 97.37  ? 44  PHE B CD1 1 
ATOM   350  C  CD2 . PHE A 1 44  ? 4.632   -8.817  11.183  1.00 95.04  ? 44  PHE B CD2 1 
ATOM   351  C  CE1 . PHE A 1 44  ? 6.805   -10.137 12.299  1.00 94.48  ? 44  PHE B CE1 1 
ATOM   352  C  CE2 . PHE A 1 44  ? 4.567   -9.288  12.482  1.00 91.38  ? 44  PHE B CE2 1 
ATOM   353  C  CZ  . PHE A 1 44  ? 5.654   -9.936  13.038  1.00 87.09  ? 44  PHE B CZ  1 
ATOM   354  N  N   . TYR A 1 45  ? 6.736   -6.251  6.853   1.00 80.57  ? 45  TYR B N   1 
ATOM   355  C  CA  . TYR A 1 45  ? 6.623   -5.754  5.461   1.00 76.44  ? 45  TYR B CA  1 
ATOM   356  C  C   . TYR A 1 45  ? 7.980   -5.201  5.001   1.00 81.48  ? 45  TYR B C   1 
ATOM   357  O  O   . TYR A 1 45  ? 8.034   -4.765  3.837   1.00 81.30  ? 45  TYR B O   1 
ATOM   358  C  CB  . TYR A 1 45  ? 5.468   -4.754  5.355   1.00 71.41  ? 45  TYR B CB  1 
ATOM   359  C  CG  . TYR A 1 45  ? 4.122   -5.298  5.783   1.00 77.45  ? 45  TYR B CG  1 
ATOM   360  C  CD1 . TYR A 1 45  ? 3.786   -5.412  7.125   1.00 72.49  ? 45  TYR B CD1 1 
ATOM   361  C  CD2 . TYR A 1 45  ? 3.165   -5.683  4.856   1.00 77.43  ? 45  TYR B CD2 1 
ATOM   362  C  CE1 . TYR A 1 45  ? 2.565   -5.923  7.533   1.00 70.94  ? 45  TYR B CE1 1 
ATOM   363  C  CE2 . TYR A 1 45  ? 1.939   -6.198  5.246   1.00 80.68  ? 45  TYR B CE2 1 
ATOM   364  C  CZ  . TYR A 1 45  ? 1.633   -6.318  6.592   1.00 81.65  ? 45  TYR B CZ  1 
ATOM   365  O  OH  . TYR A 1 45  ? 0.429   -6.832  6.996   1.00 83.12  ? 45  TYR B OH  1 
ATOM   366  N  N   . GLU A 1 46  ? 9.031   -5.346  5.825   1.00 86.92  ? 46  GLU B N   1 
ATOM   367  C  CA  . GLU A 1 46  ? 10.402  -4.778  5.662   1.00 95.01  ? 46  GLU B CA  1 
ATOM   368  C  C   . GLU A 1 46  ? 10.707  -4.425  4.204   1.00 101.75 ? 46  GLU B C   1 
ATOM   369  O  O   . GLU A 1 46  ? 10.914  -3.227  3.940   1.00 128.74 ? 46  GLU B O   1 
ATOM   370  C  CB  . GLU A 1 46  ? 11.489  -5.741  6.148   1.00 117.50 ? 46  GLU B CB  1 
ATOM   371  C  CG  . GLU A 1 46  ? 11.971  -5.481  7.577   1.00 118.65 ? 46  GLU B CG  1 
ATOM   372  C  CD  . GLU A 1 46  ? 13.134  -4.523  7.785   1.00 116.11 ? 46  GLU B CD  1 
ATOM   373  O  OE1 . GLU A 1 46  ? 13.795  -4.146  6.809   1.00 110.72 ? 46  GLU B OE1 1 
ATOM   374  O  OE2 . GLU A 1 46  ? 13.377  -4.152  8.944   1.00 131.40 ? 46  GLU B OE2 1 
ATOM   375  N  N   . GLY A 1 47  ? 10.777  -5.384  3.284   1.00 78.05  ? 47  GLY B N   1 
ATOM   376  C  CA  . GLY A 1 47  ? 11.392  -5.078  1.970   1.00 85.50  ? 47  GLY B CA  1 
ATOM   377  C  C   . GLY A 1 47  ? 10.400  -4.913  0.825   1.00 89.26  ? 47  GLY B C   1 
ATOM   378  O  O   . GLY A 1 47  ? 10.752  -5.275  -0.297  1.00 82.66  ? 47  GLY B O   1 
ATOM   379  N  N   . GLY A 1 48  ? 9.272   -4.260  1.078   1.00 88.06  ? 48  GLY B N   1 
ATOM   380  C  CA  . GLY A 1 48  ? 7.993   -4.429  0.377   1.00 88.13  ? 48  GLY B CA  1 
ATOM   381  C  C   . GLY A 1 48  ? 7.983   -4.021  -1.083  1.00 88.07  ? 48  GLY B C   1 
ATOM   382  O  O   . GLY A 1 48  ? 7.928   -4.908  -1.920  1.00 118.23 ? 48  GLY B O   1 
ATOM   383  N  N   . LEU A 1 49  ? 7.846   -2.742  -1.395  1.00 96.58  ? 49  LEU B N   1 
ATOM   384  C  CA  . LEU A 1 49  ? 7.432   -2.282  -2.761  1.00 102.43 ? 49  LEU B CA  1 
ATOM   385  C  C   . LEU A 1 49  ? 6.116   -2.931  -3.204  1.00 83.86  ? 49  LEU B C   1 
ATOM   386  O  O   . LEU A 1 49  ? 6.192   -3.820  -4.043  1.00 83.04  ? 49  LEU B O   1 
ATOM   387  C  CB  . LEU A 1 49  ? 8.508   -2.627  -3.791  1.00 92.48  ? 49  LEU B CB  1 
ATOM   388  C  CG  . LEU A 1 49  ? 9.938   -2.330  -3.366  1.00 99.42  ? 49  LEU B CG  1 
ATOM   389  C  CD1 . LEU A 1 49  ? 10.853  -2.384  -4.572  1.00 110.31 ? 49  LEU B CD1 1 
ATOM   390  C  CD2 . LEU A 1 49  ? 10.051  -0.985  -2.671  1.00 98.79  ? 49  LEU B CD2 1 
ATOM   391  N  N   . PHE A 1 50  ? 4.969   -2.450  -2.714  1.00 76.86  ? 50  PHE B N   1 
ATOM   392  C  CA  . PHE A 1 50  ? 3.625   -2.985  -3.058  1.00 86.49  ? 50  PHE B CA  1 
ATOM   393  C  C   . PHE A 1 50  ? 2.943   -2.064  -4.082  1.00 81.35  ? 50  PHE B C   1 
ATOM   394  O  O   . PHE A 1 50  ? 2.605   -0.908  -3.782  1.00 89.03  ? 50  PHE B O   1 
ATOM   395  C  CB  . PHE A 1 50  ? 2.785   -3.188  -1.790  1.00 89.25  ? 50  PHE B CB  1 
ATOM   396  C  CG  . PHE A 1 50  ? 3.428   -4.029  -0.716  1.00 84.99  ? 50  PHE B CG  1 
ATOM   397  C  CD1 . PHE A 1 50  ? 3.316   -5.410  -0.733  1.00 84.00  ? 50  PHE B CD1 1 
ATOM   398  C  CD2 . PHE A 1 50  ? 4.132   -3.440  0.320   1.00 86.26  ? 50  PHE B CD2 1 
ATOM   399  C  CE1 . PHE A 1 50  ? 3.893   -6.192  0.255   1.00 84.15  ? 50  PHE B CE1 1 
ATOM   400  C  CE2 . PHE A 1 50  ? 4.712   -4.219  1.310   1.00 96.12  ? 50  PHE B CE2 1 
ATOM   401  C  CZ  . PHE A 1 50  ? 4.598   -5.595  1.272   1.00 96.95  ? 50  PHE B CZ  1 
ATOM   402  N  N   . LYS A 1 51  ? 2.738   -2.582  -5.288  1.00 87.51  ? 51  LYS B N   1 
ATOM   403  C  CA  . LYS A 1 51  ? 1.992   -1.897  -6.371  1.00 87.58  ? 51  LYS B CA  1 
ATOM   404  C  C   . LYS A 1 51  ? 0.539   -1.779  -5.925  1.00 75.17  ? 51  LYS B C   1 
ATOM   405  O  O   . LYS A 1 51  ? 0.025   -2.750  -5.372  1.00 68.64  ? 51  LYS B O   1 
ATOM   406  C  CB  . LYS A 1 51  ? 2.068   -2.687  -7.684  1.00 96.94  ? 51  LYS B CB  1 
ATOM   407  C  CG  . LYS A 1 51  ? 3.420   -2.689  -8.401  1.00 111.87 ? 51  LYS B CG  1 
ATOM   408  C  CD  . LYS A 1 51  ? 3.534   -3.765  -9.502  1.00 137.44 ? 51  LYS B CD  1 
ATOM   409  C  CE  . LYS A 1 51  ? 4.194   -3.308  -10.795 1.00 131.00 ? 51  LYS B CE  1 
ATOM   410  N  NZ  . LYS A 1 51  ? 5.642   -3.044  -10.609 1.00 131.85 ? 51  LYS B NZ  1 
ATOM   411  N  N   . ALA A 1 52  ? -0.094  -0.640  -6.189  1.00 72.92  ? 52  ALA B N   1 
ATOM   412  C  CA  . ALA A 1 52  ? -1.565  -0.466  -6.108  1.00 73.84  ? 52  ALA B CA  1 
ATOM   413  C  C   . ALA A 1 52  ? -2.012  0.662   -7.051  1.00 77.66  ? 52  ALA B C   1 
ATOM   414  O  O   . ALA A 1 52  ? -1.120  1.325   -7.677  1.00 72.40  ? 52  ALA B O   1 
ATOM   415  C  CB  . ALA A 1 52  ? -1.956  -0.188  -4.679  1.00 81.76  ? 52  ALA B CB  1 
ATOM   416  N  N   . LYS A 1 53  ? -3.329  0.877   -7.140  1.00 74.93  ? 53  LYS B N   1 
ATOM   417  C  CA  . LYS A 1 53  ? -3.970  1.915   -7.994  1.00 91.35  ? 53  LYS B CA  1 
ATOM   418  C  C   . LYS A 1 53  ? -4.787  2.864   -7.112  1.00 89.25  ? 53  LYS B C   1 
ATOM   419  O  O   . LYS A 1 53  ? -5.677  2.400   -6.381  1.00 88.61  ? 53  LYS B O   1 
ATOM   420  C  CB  . LYS A 1 53  ? -4.933  1.316   -9.034  1.00 100.24 ? 53  LYS B CB  1 
ATOM   421  C  CG  . LYS A 1 53  ? -4.394  0.159   -9.857  1.00 110.66 ? 53  LYS B CG  1 
ATOM   422  C  CD  . LYS A 1 53  ? -3.084  0.474   -10.563 1.00 124.47 ? 53  LYS B CD  1 
ATOM   423  C  CE  . LYS A 1 53  ? -2.922  -0.262  -11.878 1.00 123.45 ? 53  LYS B CE  1 
ATOM   424  N  NZ  . LYS A 1 53  ? -3.823  0.284   -12.921 1.00 131.82 ? 53  LYS B NZ  1 
ATOM   425  N  N   . ILE A 1 54  ? -4.550  4.162   -7.222  1.00 95.43  ? 54  ILE B N   1 
ATOM   426  C  CA  . ILE A 1 54  ? -5.529  5.162   -6.729  1.00 88.78  ? 54  ILE B CA  1 
ATOM   427  C  C   . ILE A 1 54  ? -6.376  5.541   -7.925  1.00 81.96  ? 54  ILE B C   1 
ATOM   428  O  O   . ILE A 1 54  ? -5.814  6.095   -8.857  1.00 98.00  ? 54  ILE B O   1 
ATOM   429  C  CB  . ILE A 1 54  ? -4.883  6.412   -6.130  1.00 92.22  ? 54  ILE B CB  1 
ATOM   430  C  CG1 . ILE A 1 54  ? -3.621  6.121   -5.324  1.00 92.24  ? 54  ILE B CG1 1 
ATOM   431  C  CG2 . ILE A 1 54  ? -5.922  7.124   -5.296  1.00 105.73 ? 54  ILE B CG2 1 
ATOM   432  C  CD1 . ILE A 1 54  ? -2.860  7.367   -4.971  1.00 102.78 ? 54  ILE B CD1 1 
ATOM   433  N  N   . ALA A 1 55  ? -7.655  5.206   -7.886  1.00 87.00  ? 55  ALA B N   1 
ATOM   434  C  CA  . ALA A 1 55  ? -8.663  5.635   -8.874  1.00 94.47  ? 55  ALA B CA  1 
ATOM   435  C  C   . ALA A 1 55  ? -9.445  6.820   -8.300  1.00 100.40 ? 55  ALA B C   1 
ATOM   436  O  O   . ALA A 1 55  ? -10.161 6.638   -7.313  1.00 96.83  ? 55  ALA B O   1 
ATOM   437  C  CB  . ALA A 1 55  ? -9.579  4.484   -9.202  1.00 99.47  ? 55  ALA B CB  1 
ATOM   438  N  N   . PHE A 1 56  ? -9.347  7.991   -8.920  1.00 98.44  ? 56  PHE B N   1 
ATOM   439  C  CA  . PHE A 1 56  ? -10.191 9.156   -8.564  1.00 92.66  ? 56  PHE B CA  1 
ATOM   440  C  C   . PHE A 1 56  ? -11.523 9.080   -9.312  1.00 93.39  ? 56  PHE B C   1 
ATOM   441  O  O   . PHE A 1 56  ? -11.546 8.966   -10.532 1.00 107.08 ? 56  PHE B O   1 
ATOM   442  C  CB  . PHE A 1 56  ? -9.438  10.441  -8.876  1.00 88.01  ? 56  PHE B CB  1 
ATOM   443  C  CG  . PHE A 1 56  ? -8.071  10.512  -8.257  1.00 83.34  ? 56  PHE B CG  1 
ATOM   444  C  CD1 . PHE A 1 56  ? -6.968  9.989   -8.911  1.00 90.67  ? 56  PHE B CD1 1 
ATOM   445  C  CD2 . PHE A 1 56  ? -7.889  11.099  -7.018  1.00 83.72  ? 56  PHE B CD2 1 
ATOM   446  C  CE1 . PHE A 1 56  ? -5.701  10.080  -8.350  1.00 97.02  ? 56  PHE B CE1 1 
ATOM   447  C  CE2 . PHE A 1 56  ? -6.627  11.169  -6.446  1.00 95.69  ? 56  PHE B CE2 1 
ATOM   448  C  CZ  . PHE A 1 56  ? -5.531  10.667  -7.118  1.00 96.31  ? 56  PHE B CZ  1 
ATOM   449  N  N   . PRO A 1 57  ? -12.683 9.098   -8.621  1.00 92.85  ? 57  PRO B N   1 
ATOM   450  C  CA  . PRO A 1 57  ? -13.971 9.145   -9.301  1.00 91.41  ? 57  PRO B CA  1 
ATOM   451  C  C   . PRO A 1 57  ? -14.128 10.399  -10.145 1.00 105.96 ? 57  PRO B C   1 
ATOM   452  O  O   . PRO A 1 57  ? -13.281 11.295  -10.121 1.00 100.34 ? 57  PRO B O   1 
ATOM   453  C  CB  . PRO A 1 57  ? -15.024 9.191   -8.193  1.00 102.26 ? 57  PRO B CB  1 
ATOM   454  C  CG  . PRO A 1 57  ? -14.251 9.473   -6.922  1.00 109.51 ? 57  PRO B CG  1 
ATOM   455  C  CD  . PRO A 1 57  ? -12.827 9.018   -7.166  1.00 106.11 ? 57  PRO B CD  1 
ATOM   456  N  N   . PRO A 1 58  ? -15.216 10.465  -10.938 1.00 118.70 ? 58  PRO B N   1 
ATOM   457  C  CA  . PRO A 1 58  ? -15.451 11.614  -11.812 1.00 119.09 ? 58  PRO B CA  1 
ATOM   458  C  C   . PRO A 1 58  ? -15.440 12.959  -11.061 1.00 119.07 ? 58  PRO B C   1 
ATOM   459  O  O   . PRO A 1 58  ? -14.685 13.880  -11.452 1.00 98.16  ? 58  PRO B O   1 
ATOM   460  C  CB  . PRO A 1 58  ? -16.810 11.329  -12.468 1.00 128.29 ? 58  PRO B CB  1 
ATOM   461  C  CG  . PRO A 1 58  ? -17.268 9.951   -11.986 1.00 124.78 ? 58  PRO B CG  1 
ATOM   462  C  CD  . PRO A 1 58  ? -16.193 9.377   -11.100 1.00 113.17 ? 58  PRO B CD  1 
ATOM   463  N  N   . GLU A 1 59  ? -16.244 13.038  -9.993  1.00 121.82 ? 59  GLU B N   1 
ATOM   464  C  CA  . GLU A 1 59  ? -16.351 14.229  -9.095  1.00 143.11 ? 59  GLU B CA  1 
ATOM   465  C  C   . GLU A 1 59  ? -15.076 14.424  -8.259  1.00 132.41 ? 59  GLU B C   1 
ATOM   466  O  O   . GLU A 1 59  ? -14.793 15.567  -7.820  1.00 102.04 ? 59  GLU B O   1 
ATOM   467  C  CB  . GLU A 1 59  ? -17.535 14.129  -8.128  1.00 122.24 ? 59  GLU B CB  1 
ATOM   468  C  CG  . GLU A 1 59  ? -17.592 12.843  -7.338  1.00 107.00 ? 59  GLU B CG  1 
ATOM   469  C  CD  . GLU A 1 59  ? -18.303 11.761  -8.121  1.00 117.73 ? 59  GLU B CD  1 
ATOM   470  O  OE1 . GLU A 1 59  ? -17.908 11.560  -9.289  1.00 107.84 ? 59  GLU B OE1 1 
ATOM   471  O  OE2 . GLU A 1 59  ? -19.258 11.151  -7.576  1.00 117.83 ? 59  GLU B OE2 1 
ATOM   472  N  N   . TYR A 1 60  ? -14.343 13.354  -7.979  1.00 125.62 ? 60  TYR B N   1 
ATOM   473  C  CA  . TYR A 1 60  ? -13.335 13.414  -6.905  1.00 121.05 ? 60  TYR B CA  1 
ATOM   474  C  C   . TYR A 1 60  ? -13.815 14.538  -5.998  1.00 139.50 ? 60  TYR B C   1 
ATOM   475  O  O   . TYR A 1 60  ? -14.970 14.498  -5.585  1.00 170.83 ? 60  TYR B O   1 
ATOM   476  C  CB  . TYR A 1 60  ? -11.941 13.585  -7.485  1.00 105.78 ? 60  TYR B CB  1 
ATOM   477  C  CG  . TYR A 1 60  ? -10.829 13.791  -6.488  1.00 92.91  ? 60  TYR B CG  1 
ATOM   478  C  CD1 . TYR A 1 60  ? -10.675 13.020  -5.347  1.00 83.81  ? 60  TYR B CD1 1 
ATOM   479  C  CD2 . TYR A 1 60  ? -9.879  14.765  -6.731  1.00 94.20  ? 60  TYR B CD2 1 
ATOM   480  C  CE1 . TYR A 1 60  ? -9.593  13.230  -4.490  1.00 98.40  ? 60  TYR B CE1 1 
ATOM   481  C  CE2 . TYR A 1 60  ? -8.812  14.996  -5.880  1.00 87.30  ? 60  TYR B CE2 1 
ATOM   482  C  CZ  . TYR A 1 60  ? -8.649  14.216  -4.762  1.00 89.72  ? 60  TYR B CZ  1 
ATOM   483  O  OH  . TYR A 1 60  ? -7.539  14.499  -4.007  1.00 102.43 ? 60  TYR B OH  1 
ATOM   484  N  N   . PRO A 1 61  ? -13.067 15.645  -5.787  1.00 120.42 ? 61  PRO B N   1 
ATOM   485  C  CA  . PRO A 1 61  ? -12.872 16.120  -4.414  1.00 98.52  ? 61  PRO B CA  1 
ATOM   486  C  C   . PRO A 1 61  ? -14.092 15.706  -3.577  1.00 98.93  ? 61  PRO B C   1 
ATOM   487  O  O   . PRO A 1 61  ? -13.920 15.136  -2.516  1.00 91.82  ? 61  PRO B O   1 
ATOM   488  C  CB  . PRO A 1 61  ? -12.652 17.621  -4.594  1.00 94.53  ? 61  PRO B CB  1 
ATOM   489  C  CG  . PRO A 1 61  ? -11.970 17.705  -5.960  1.00 107.74 ? 61  PRO B CG  1 
ATOM   490  C  CD  . PRO A 1 61  ? -12.616 16.613  -6.805  1.00 96.16  ? 61  PRO B CD  1 
ATOM   491  N  N   . TYR A 1 62  ? -15.291 15.901  -4.135  1.00 105.02 ? 62  TYR B N   1 
ATOM   492  C  CA  . TYR A 1 62  ? -16.601 15.568  -3.508  1.00 107.27 ? 62  TYR B CA  1 
ATOM   493  C  C   . TYR A 1 62  ? -16.690 14.102  -3.060  1.00 95.91  ? 62  TYR B C   1 
ATOM   494  O  O   . TYR A 1 62  ? -17.240 13.861  -1.988  1.00 118.85 ? 62  TYR B O   1 
ATOM   495  C  CB  . TYR A 1 62  ? -17.736 15.895  -4.472  1.00 104.22 ? 62  TYR B CB  1 
ATOM   496  C  CG  . TYR A 1 62  ? -17.853 17.357  -4.816  1.00 103.20 ? 62  TYR B CG  1 
ATOM   497  C  CD1 . TYR A 1 62  ? -18.429 18.261  -3.932  1.00 97.25  ? 62  TYR B CD1 1 
ATOM   498  C  CD2 . TYR A 1 62  ? -17.400 17.829  -6.038  1.00 106.40 ? 62  TYR B CD2 1 
ATOM   499  C  CE1 . TYR A 1 62  ? -18.548 19.604  -4.255  1.00 99.74  ? 62  TYR B CE1 1 
ATOM   500  C  CE2 . TYR A 1 62  ? -17.537 19.162  -6.389  1.00 111.40 ? 62  TYR B CE2 1 
ATOM   501  C  CZ  . TYR A 1 62  ? -18.110 20.049  -5.493  1.00 115.58 ? 62  TYR B CZ  1 
ATOM   502  O  OH  . TYR A 1 62  ? -18.231 21.356  -5.861  1.00 106.04 ? 62  TYR B OH  1 
ATOM   503  N  N   . ALA A 1 63  ? -16.229 13.152  -3.867  1.00 103.11 ? 63  ALA B N   1 
ATOM   504  C  CA  . ALA A 1 63  ? -16.117 11.726  -3.481  1.00 101.45 ? 63  ALA B CA  1 
ATOM   505  C  C   . ALA A 1 63  ? -14.660 11.409  -3.150  1.00 107.22 ? 63  ALA B C   1 
ATOM   506  O  O   . ALA A 1 63  ? -13.715 11.997  -3.689  1.00 94.94  ? 63  ALA B O   1 
ATOM   507  C  CB  . ALA A 1 63  ? -16.651 10.828  -4.568  1.00 109.20 ? 63  ALA B CB  1 
ATOM   508  N  N   . PRO A 1 64  ? -14.429 10.446  -2.241  1.00 105.97 ? 64  PRO B N   1 
ATOM   509  C  CA  . PRO A 1 64  ? -13.068 10.092  -1.872  1.00 99.06  ? 64  PRO B CA  1 
ATOM   510  C  C   . PRO A 1 64  ? -12.467 9.158   -2.922  1.00 105.60 ? 64  PRO B C   1 
ATOM   511  O  O   . PRO A 1 64  ? -13.174 8.345   -3.551  1.00 93.79  ? 64  PRO B O   1 
ATOM   512  C  CB  . PRO A 1 64  ? -13.288 9.421   -0.515  1.00 109.52 ? 64  PRO B CB  1 
ATOM   513  C  CG  . PRO A 1 64  ? -14.639 8.722   -0.662  1.00 106.96 ? 64  PRO B CG  1 
ATOM   514  C  CD  . PRO A 1 64  ? -15.448 9.615   -1.578  1.00 108.17 ? 64  PRO B CD  1 
ATOM   515  N  N   . PRO A 1 65  ? -11.133 9.255   -3.126  1.00 87.54  ? 65  PRO B N   1 
ATOM   516  C  CA  . PRO A 1 65  ? -10.413 8.334   -3.987  1.00 88.93  ? 65  PRO B CA  1 
ATOM   517  C  C   . PRO A 1 65  ? -10.438 6.920   -3.386  1.00 96.66  ? 65  PRO B C   1 
ATOM   518  O  O   . PRO A 1 65  ? -10.386 6.791   -2.184  1.00 89.35  ? 65  PRO B O   1 
ATOM   519  C  CB  . PRO A 1 65  ? -8.996  8.921   -4.076  1.00 93.02  ? 65  PRO B CB  1 
ATOM   520  C  CG  . PRO A 1 65  ? -8.838  9.758   -2.833  1.00 94.08  ? 65  PRO B CG  1 
ATOM   521  C  CD  . PRO A 1 65  ? -10.238 10.229  -2.489  1.00 101.12 ? 65  PRO B CD  1 
ATOM   522  N  N   . ARG A 1 66  ? -10.572 5.916   -4.260  1.00 106.10 ? 66  ARG B N   1 
ATOM   523  C  CA  . ARG A 1 66  ? -10.563 4.466   -3.944  1.00 92.77  ? 66  ARG B CA  1 
ATOM   524  C  C   . ARG A 1 66  ? -9.128  3.972   -4.144  1.00 88.25  ? 66  ARG B C   1 
ATOM   525  O  O   . ARG A 1 66  ? -8.434  4.556   -4.979  1.00 88.12  ? 66  ARG B O   1 
ATOM   526  C  CB  . ARG A 1 66  ? -11.683 3.788   -4.739  1.00 93.04  ? 66  ARG B CB  1 
ATOM   527  C  CG  . ARG A 1 66  ? -13.035 4.023   -4.073  1.00 126.25 ? 66  ARG B CG  1 
ATOM   528  C  CD  . ARG A 1 66  ? -14.270 3.444   -4.730  1.00 136.72 ? 66  ARG B CD  1 
ATOM   529  N  NE  . ARG A 1 66  ? -14.426 3.986   -6.073  1.00 160.32 ? 66  ARG B NE  1 
ATOM   530  C  CZ  . ARG A 1 66  ? -14.877 5.204   -6.385  1.00 167.61 ? 66  ARG B CZ  1 
ATOM   531  N  NH1 . ARG A 1 66  ? -15.240 6.070   -5.447  1.00 165.91 ? 66  ARG B NH1 1 
ATOM   532  N  NH2 . ARG A 1 66  ? -14.953 5.547   -7.661  1.00 154.88 ? 66  ARG B NH2 1 
ATOM   533  N  N   . LEU A 1 67  ? -8.671  3.050   -3.286  1.00 93.75  ? 67  LEU B N   1 
ATOM   534  C  CA  . LEU A 1 67  ? -7.286  2.508   -3.276  1.00 81.64  ? 67  LEU B CA  1 
ATOM   535  C  C   . LEU A 1 67  ? -7.372  0.989   -3.343  1.00 84.81  ? 67  LEU B C   1 
ATOM   536  O  O   . LEU A 1 67  ? -8.066  0.416   -2.504  1.00 85.23  ? 67  LEU B O   1 
ATOM   537  C  CB  . LEU A 1 67  ? -6.543  2.938   -2.016  1.00 84.02  ? 67  LEU B CB  1 
ATOM   538  C  CG  . LEU A 1 67  ? -5.193  2.254   -1.810  1.00 97.03  ? 67  LEU B CG  1 
ATOM   539  C  CD1 . LEU A 1 67  ? -4.192  2.663   -2.874  1.00 96.89  ? 67  LEU B CD1 1 
ATOM   540  C  CD2 . LEU A 1 67  ? -4.633  2.581   -0.442  1.00 109.49 ? 67  LEU B CD2 1 
ATOM   541  N  N   . THR A 1 68  ? -6.734  0.391   -4.351  1.00 85.95  ? 68  THR B N   1 
ATOM   542  C  CA  . THR A 1 68  ? -6.743  -1.067  -4.599  1.00 84.59  ? 68  THR B CA  1 
ATOM   543  C  C   . THR A 1 68  ? -5.323  -1.560  -4.856  1.00 81.53  ? 68  THR B C   1 
ATOM   544  O  O   . THR A 1 68  ? -4.665  -1.053  -5.762  1.00 84.53  ? 68  THR B O   1 
ATOM   545  C  CB  . THR A 1 68  ? -7.660  -1.431  -5.760  1.00 85.55  ? 68  THR B CB  1 
ATOM   546  O  OG1 . THR A 1 68  ? -8.928  -0.826  -5.501  1.00 86.91  ? 68  THR B OG1 1 
ATOM   547  C  CG2 . THR A 1 68  ? -7.781  -2.929  -5.923  1.00 89.50  ? 68  THR B CG2 1 
ATOM   548  N  N   . PHE A 1 69  ? -4.874  -2.507  -4.048  1.00 81.65  ? 69  PHE B N   1 
ATOM   549  C  CA  . PHE A 1 69  ? -3.576  -3.182  -4.234  1.00 84.95  ? 69  PHE B CA  1 
ATOM   550  C  C   . PHE A 1 69  ? -3.658  -4.092  -5.458  1.00 89.97  ? 69  PHE B C   1 
ATOM   551  O  O   . PHE A 1 69  ? -4.632  -4.853  -5.630  1.00 83.04  ? 69  PHE B O   1 
ATOM   552  C  CB  . PHE A 1 69  ? -3.184  -3.910  -2.955  1.00 83.60  ? 69  PHE B CB  1 
ATOM   553  C  CG  . PHE A 1 69  ? -2.721  -2.944  -1.910  1.00 76.14  ? 69  PHE B CG  1 
ATOM   554  C  CD1 . PHE A 1 69  ? -3.620  -2.387  -1.023  1.00 74.04  ? 69  PHE B CD1 1 
ATOM   555  C  CD2 . PHE A 1 69  ? -1.397  -2.547  -1.867  1.00 79.28  ? 69  PHE B CD2 1 
ATOM   556  C  CE1 . PHE A 1 69  ? -3.185  -1.478  -0.075  1.00 77.60  ? 69  PHE B CE1 1 
ATOM   557  C  CE2 . PHE A 1 69  ? -0.963  -1.627  -0.929  1.00 74.67  ? 69  PHE B CE2 1 
ATOM   558  C  CZ  . PHE A 1 69  ? -1.858  -1.093  -0.036  1.00 80.08  ? 69  PHE B CZ  1 
ATOM   559  N  N   . THR A 1 70  ? -2.640  -3.933  -6.296  1.00 89.72  ? 70  THR B N   1 
ATOM   560  C  CA  . THR A 1 70  ? -2.239  -4.816  -7.412  1.00 86.52  ? 70  THR B CA  1 
ATOM   561  C  C   . THR A 1 70  ? -1.561  -6.037  -6.804  1.00 82.00  ? 70  THR B C   1 
ATOM   562  O  O   . THR A 1 70  ? -2.059  -7.140  -7.017  1.00 81.28  ? 70  THR B O   1 
ATOM   563  C  CB  . THR A 1 70  ? -1.259  -4.054  -8.307  1.00 99.06  ? 70  THR B CB  1 
ATOM   564  O  OG1 . THR A 1 70  ? -2.153  -3.205  -9.024  1.00 80.31  ? 70  THR B OG1 1 
ATOM   565  C  CG2 . THR A 1 70  ? -0.371  -4.931  -9.175  1.00 106.87 ? 70  THR B CG2 1 
ATOM   566  N  N   . SER A 1 71  ? -0.475  -5.804  -6.060  1.00 74.25  ? 71  SER B N   1 
ATOM   567  C  CA  . SER A 1 71  ? 0.244   -6.818  -5.251  1.00 74.61  ? 71  SER B CA  1 
ATOM   568  C  C   . SER A 1 71  ? -0.734  -7.621  -4.385  1.00 78.06  ? 71  SER B C   1 
ATOM   569  O  O   . SER A 1 71  ? -1.757  -7.104  -3.933  1.00 88.53  ? 71  SER B O   1 
ATOM   570  C  CB  . SER A 1 71  ? 1.300   -6.191  -4.403  1.00 78.32  ? 71  SER B CB  1 
ATOM   571  O  OG  . SER A 1 71  ? 2.135   -5.349  -5.171  1.00 79.76  ? 71  SER B OG  1 
ATOM   572  N  N   . GLU A 1 72  ? -0.432  -8.885  -4.180  1.00 83.80  ? 72  GLU B N   1 
ATOM   573  C  CA  . GLU A 1 72  ? -1.114  -9.644  -3.128  1.00 86.45  ? 72  GLU B CA  1 
ATOM   574  C  C   . GLU A 1 72  ? -0.581  -9.053  -1.841  1.00 79.95  ? 72  GLU B C   1 
ATOM   575  O  O   . GLU A 1 72  ? 0.630   -8.789  -1.732  1.00 71.13  ? 72  GLU B O   1 
ATOM   576  C  CB  . GLU A 1 72  ? -0.819  -11.136 -3.237  1.00 87.98  ? 72  GLU B CB  1 
ATOM   577  C  CG  . GLU A 1 72  ? -1.720  -11.971 -2.364  1.00 97.58  ? 72  GLU B CG  1 
ATOM   578  C  CD  . GLU A 1 72  ? -1.180  -13.366 -2.143  1.00 98.05  ? 72  GLU B CD  1 
ATOM   579  O  OE1 . GLU A 1 72  ? -0.342  -13.790 -2.963  1.00 89.97  ? 72  GLU B OE1 1 
ATOM   580  O  OE2 . GLU A 1 72  ? -1.576  -14.007 -1.139  1.00 91.05  ? 72  GLU B OE2 1 
HETATM 581  N  N   . MSE A 1 73  ? -1.526  -8.837  -0.929  1.00 82.41  ? 73  MSE B N   1 
HETATM 582  C  CA  . MSE A 1 73  ? -1.244  -8.300  0.390   1.00 85.49  ? 73  MSE B CA  1 
HETATM 583  C  C   . MSE A 1 73  ? -1.697  -9.292  1.461   1.00 80.21  ? 73  MSE B C   1 
HETATM 584  O  O   . MSE A 1 73  ? -2.664  -10.020 1.286   1.00 84.97  ? 73  MSE B O   1 
HETATM 585  C  CB  . MSE A 1 73  ? -2.006  -6.984  0.565   1.00 82.23  ? 73  MSE B CB  1 
HETATM 586  C  CG  . MSE A 1 73  ? -1.657  -5.918  -0.443  1.00 72.06  ? 73  MSE B CG  1 
HETATM 587  SE SE  . MSE A 1 73  ? 0.198   -5.551  -0.110  0.71 91.15  ? 73  MSE B SE  1 
HETATM 588  C  CE  . MSE A 1 73  ? 0.285   -4.143  1.254   1.00 103.78 ? 73  MSE B CE  1 
ATOM   589  N  N   . TRP A 1 74  ? -0.989  -9.302  2.581   1.00 71.50  ? 74  TRP B N   1 
ATOM   590  C  CA  . TRP A 1 74  ? -1.461  -9.988  3.768   1.00 79.21  ? 74  TRP B CA  1 
ATOM   591  C  C   . TRP A 1 74  ? -1.650  -8.976  4.899   1.00 81.64  ? 74  TRP B C   1 
ATOM   592  O  O   . TRP A 1 74  ? -0.649  -8.503  5.491   1.00 79.11  ? 74  TRP B O   1 
ATOM   593  C  CB  . TRP A 1 74  ? -0.458  -11.042 4.180   1.00 91.00  ? 74  TRP B CB  1 
ATOM   594  C  CG  . TRP A 1 74  ? -1.028  -12.005 5.156   1.00 89.07  ? 74  TRP B CG  1 
ATOM   595  C  CD1 . TRP A 1 74  ? -0.764  -12.120 6.484   1.00 88.32  ? 74  TRP B CD1 1 
ATOM   596  C  CD2 . TRP A 1 74  ? -1.933  -13.050 4.829   1.00 86.09  ? 74  TRP B CD2 1 
ATOM   597  N  NE1 . TRP A 1 74  ? -1.450  -13.176 7.009   1.00 78.70  ? 74  TRP B NE1 1 
ATOM   598  C  CE2 . TRP A 1 74  ? -2.173  -13.766 6.010   1.00 82.51  ? 74  TRP B CE2 1 
ATOM   599  C  CE3 . TRP A 1 74  ? -2.534  -13.460 3.644   1.00 91.14  ? 74  TRP B CE3 1 
ATOM   600  C  CZ2 . TRP A 1 74  ? -3.013  -14.870 6.038   1.00 88.87  ? 74  TRP B CZ2 1 
ATOM   601  C  CZ3 . TRP A 1 74  ? -3.379  -14.540 3.676   1.00 80.79  ? 74  TRP B CZ3 1 
ATOM   602  C  CH2 . TRP A 1 74  ? -3.621  -15.229 4.858   1.00 79.16  ? 74  TRP B CH2 1 
ATOM   603  N  N   . HIS A 1 75  ? -2.894  -8.619  5.158   1.00 75.71  ? 75  HIS B N   1 
ATOM   604  C  CA  . HIS A 1 75  ? -3.240  -7.612  6.178   1.00 81.26  ? 75  HIS B CA  1 
ATOM   605  C  C   . HIS A 1 75  ? -4.715  -7.749  6.469   1.00 81.42  ? 75  HIS B C   1 
ATOM   606  O  O   . HIS A 1 75  ? -5.491  -8.006  5.551   1.00 88.60  ? 75  HIS B O   1 
ATOM   607  C  CB  . HIS A 1 75  ? -2.887  -6.198  5.718   1.00 91.05  ? 75  HIS B CB  1 
ATOM   608  C  CG  . HIS A 1 75  ? -2.901  -5.189  6.821   1.00 86.88  ? 75  HIS B CG  1 
ATOM   609  N  ND1 . HIS A 1 75  ? -4.079  -4.660  7.329   1.00 73.45  ? 75  HIS B ND1 1 
ATOM   610  C  CD2 . HIS A 1 75  ? -1.882  -4.616  7.508   1.00 81.76  ? 75  HIS B CD2 1 
ATOM   611  C  CE1 . HIS A 1 75  ? -3.772  -3.799  8.285   1.00 81.15  ? 75  HIS B CE1 1 
ATOM   612  N  NE2 . HIS A 1 75  ? -2.423  -3.750  8.416   1.00 76.19  ? 75  HIS B NE2 1 
ATOM   613  N  N   . PRO A 1 76  ? -5.109  -7.637  7.756   1.00 86.55  ? 76  PRO B N   1 
ATOM   614  C  CA  . PRO A 1 76  ? -6.498  -7.870  8.143   1.00 81.55  ? 76  PRO B CA  1 
ATOM   615  C  C   . PRO A 1 76  ? -7.445  -6.820  7.561   1.00 82.78  ? 76  PRO B C   1 
ATOM   616  O  O   . PRO A 1 76  ? -8.620  -7.129  7.362   1.00 81.48  ? 76  PRO B O   1 
ATOM   617  C  CB  . PRO A 1 76  ? -6.446  -7.861  9.678   1.00 74.83  ? 76  PRO B CB  1 
ATOM   618  C  CG  . PRO A 1 76  ? -4.985  -8.162  10.021  1.00 75.50  ? 76  PRO B CG  1 
ATOM   619  C  CD  . PRO A 1 76  ? -4.218  -7.462  8.923   1.00 80.41  ? 76  PRO B CD  1 
ATOM   620  N  N   . ASN A 1 77  ? -6.918  -5.635  7.253   1.00 83.56  ? 77  ASN B N   1 
ATOM   621  C  CA  . ASN A 1 77  ? -7.759  -4.491  6.817   1.00 87.46  ? 77  ASN B CA  1 
ATOM   622  C  C   . ASN A 1 77  ? -7.830  -4.393  5.295   1.00 89.18  ? 77  ASN B C   1 
ATOM   623  O  O   . ASN A 1 77  ? -8.691  -3.615  4.786   1.00 89.88  ? 77  ASN B O   1 
ATOM   624  C  CB  . ASN A 1 77  ? -7.258  -3.206  7.457   1.00 93.03  ? 77  ASN B CB  1 
ATOM   625  C  CG  . ASN A 1 77  ? -7.315  -3.342  8.954   1.00 85.01  ? 77  ASN B CG  1 
ATOM   626  O  OD1 . ASN A 1 77  ? -6.417  -2.883  9.641   1.00 81.49  ? 77  ASN B OD1 1 
ATOM   627  N  ND2 . ASN A 1 77  ? -8.327  -4.042  9.440   1.00 77.20  ? 77  ASN B ND2 1 
ATOM   628  N  N   . ILE A 1 78  ? -6.995  -5.151  4.585   1.00 87.69  ? 78  ILE B N   1 
ATOM   629  C  CA  . ILE A 1 78  ? -7.065  -5.191  3.103   1.00 80.04  ? 78  ILE B CA  1 
ATOM   630  C  C   . ILE A 1 78  ? -7.789  -6.464  2.679   1.00 77.55  ? 78  ILE B C   1 
ATOM   631  O  O   . ILE A 1 78  ? -7.345  -7.553  3.112   1.00 74.86  ? 78  ILE B O   1 
ATOM   632  C  CB  . ILE A 1 78  ? -5.657  -5.079  2.526   1.00 78.76  ? 78  ILE B CB  1 
ATOM   633  C  CG1 . ILE A 1 78  ? -4.943  -3.862  3.112   1.00 78.23  ? 78  ILE B CG1 1 
ATOM   634  C  CG2 . ILE A 1 78  ? -5.746  -5.035  1.013   1.00 85.84  ? 78  ILE B CG2 1 
ATOM   635  C  CD1 . ILE A 1 78  ? -3.459  -3.876  2.920   1.00 85.93  ? 78  ILE B CD1 1 
ATOM   636  N  N   . TYR A 1 79  ? -8.840  -6.319  1.863   1.00 72.94  ? 79  TYR B N   1 
ATOM   637  C  CA  . TYR A 1 79  ? -9.613  -7.445  1.286   1.00 76.04  ? 79  TYR B CA  1 
ATOM   638  C  C   . TYR A 1 79  ? -8.722  -8.238  0.350   1.00 85.09  ? 79  TYR B C   1 
ATOM   639  O  O   . TYR A 1 79  ? -7.631  -7.745  -0.020  1.00 80.13  ? 79  TYR B O   1 
ATOM   640  C  CB  . TYR A 1 79  ? -10.779 -6.967  0.435   1.00 92.05  ? 79  TYR B CB  1 
ATOM   641  C  CG  . TYR A 1 79  ? -11.842 -6.281  1.240   1.00 97.51  ? 79  TYR B CG  1 
ATOM   642  C  CD1 . TYR A 1 79  ? -12.909 -6.991  1.757   1.00 104.00 ? 79  TYR B CD1 1 
ATOM   643  C  CD2 . TYR A 1 79  ? -11.747 -4.934  1.527   1.00 90.31  ? 79  TYR B CD2 1 
ATOM   644  C  CE1 . TYR A 1 79  ? -13.873 -6.368  2.530   1.00 97.00  ? 79  TYR B CE1 1 
ATOM   645  C  CE2 . TYR A 1 79  ? -12.707 -4.297  2.289   1.00 94.61  ? 79  TYR B CE2 1 
ATOM   646  C  CZ  . TYR A 1 79  ? -13.773 -5.016  2.783   1.00 84.02  ? 79  TYR B CZ  1 
ATOM   647  O  OH  . TYR A 1 79  ? -14.711 -4.372  3.518   1.00 114.10 ? 79  TYR B OH  1 
ATOM   648  N  N   . SER A 1 80  ? -9.200  -9.419  -0.028  1.00 91.58  ? 80  SER B N   1 
ATOM   649  C  CA  . SER A 1 80  ? -8.450  -10.392 -0.857  1.00 94.25  ? 80  SER B CA  1 
ATOM   650  C  C   . SER A 1 80  ? -8.220  -9.816  -2.252  1.00 91.81  ? 80  SER B C   1 
ATOM   651  O  O   . SER A 1 80  ? -7.168  -10.133 -2.851  1.00 94.44  ? 80  SER B O   1 
ATOM   652  C  CB  . SER A 1 80  ? -9.172  -11.685 -0.911  1.00 102.54 ? 80  SER B CB  1 
ATOM   653  O  OG  . SER A 1 80  ? -9.085  -12.298 0.358   1.00 121.90 ? 80  SER B OG  1 
ATOM   654  N  N   . ASP A 1 81  ? -9.152  -8.980  -2.718  1.00 85.81  ? 81  ASP B N   1 
ATOM   655  C  CA  . ASP A 1 81  ? -9.055  -8.266  -4.018  1.00 87.00  ? 81  ASP B CA  1 
ATOM   656  C  C   . ASP A 1 81  ? -8.197  -6.997  -3.907  1.00 84.30  ? 81  ASP B C   1 
ATOM   657  O  O   . ASP A 1 81  ? -8.042  -6.320  -4.919  1.00 103.63 ? 81  ASP B O   1 
ATOM   658  C  CB  . ASP A 1 81  ? -10.446 -7.929  -4.560  1.00 89.23  ? 81  ASP B CB  1 
ATOM   659  C  CG  . ASP A 1 81  ? -11.252 -7.006  -3.682  1.00 89.98  ? 81  ASP B CG  1 
ATOM   660  O  OD1 . ASP A 1 81  ? -10.638 -6.281  -2.893  1.00 120.12 ? 81  ASP B OD1 1 
ATOM   661  O  OD2 . ASP A 1 81  ? -12.479 -7.040  -3.785  1.00 96.63  ? 81  ASP B OD2 1 
ATOM   662  N  N   . GLY A 1 82  ? -7.724  -6.629  -2.721  1.00 84.40  ? 82  GLY B N   1 
ATOM   663  C  CA  . GLY A 1 82  ? -6.837  -5.468  -2.557  1.00 85.86  ? 82  GLY B CA  1 
ATOM   664  C  C   . GLY A 1 82  ? -7.586  -4.172  -2.271  1.00 83.24  ? 82  GLY B C   1 
ATOM   665  O  O   . GLY A 1 82  ? -6.890  -3.164  -2.076  1.00 74.50  ? 82  GLY B O   1 
ATOM   666  N  N   . LYS A 1 83  ? -8.928  -4.158  -2.251  1.00 77.61  ? 83  LYS B N   1 
ATOM   667  C  CA  . LYS A 1 83  ? -9.676  -2.984  -1.728  1.00 84.76  ? 83  LYS B CA  1 
ATOM   668  C  C   . LYS A 1 83  ? -9.176  -2.767  -0.291  1.00 86.07  ? 83  LYS B C   1 
ATOM   669  O  O   . LYS A 1 83  ? -9.043  -3.738  0.500   1.00 81.96  ? 83  LYS B O   1 
ATOM   670  C  CB  . LYS A 1 83  ? -11.203 -3.136  -1.773  1.00 100.31 ? 83  LYS B CB  1 
ATOM   671  C  CG  . LYS A 1 83  ? -11.902 -3.102  -3.144  1.00 130.04 ? 83  LYS B CG  1 
ATOM   672  C  CD  . LYS A 1 83  ? -13.431 -3.453  -3.096  1.00 143.35 ? 83  LYS B CD  1 
ATOM   673  C  CE  . LYS A 1 83  ? -13.747 -4.936  -2.897  1.00 145.48 ? 83  LYS B CE  1 
ATOM   674  N  NZ  . LYS A 1 83  ? -14.673 -5.271  -1.774  1.00 118.98 ? 83  LYS B NZ  1 
ATOM   675  N  N   . LEU A 1 84  ? -8.774  -1.541  -0.013  1.00 88.48  ? 84  LEU B N   1 
ATOM   676  C  CA  . LEU A 1 84  ? -8.530  -1.023  1.346   1.00 87.83  ? 84  LEU B CA  1 
ATOM   677  C  C   . LEU A 1 84  ? -9.451  0.173   1.534   1.00 93.03  ? 84  LEU B C   1 
ATOM   678  O  O   . LEU A 1 84  ? -9.120  1.209   0.918   1.00 96.91  ? 84  LEU B O   1 
ATOM   679  C  CB  . LEU A 1 84  ? -7.069  -0.591  1.421   1.00 83.90  ? 84  LEU B CB  1 
ATOM   680  C  CG  . LEU A 1 84  ? -6.723  0.234   2.651   1.00 78.10  ? 84  LEU B CG  1 
ATOM   681  C  CD1 . LEU A 1 84  ? -7.239  -0.463  3.888   1.00 87.84  ? 84  LEU B CD1 1 
ATOM   682  C  CD2 . LEU A 1 84  ? -5.231  0.448   2.759   1.00 87.72  ? 84  LEU B CD2 1 
ATOM   683  N  N   . CYS A 1 85  ? -10.555 0.033   2.291   1.00 117.45 ? 85  CYS B N   1 
ATOM   684  C  CA  . CYS A 1 85  ? -11.586 1.107   2.489   1.00 123.20 ? 85  CYS B CA  1 
ATOM   685  C  C   . CYS A 1 85  ? -10.953 2.283   3.248   1.00 118.78 ? 85  CYS B C   1 
ATOM   686  O  O   . CYS A 1 85  ? -10.642 2.115   4.434   1.00 130.68 ? 85  CYS B O   1 
ATOM   687  C  CB  . CYS A 1 85  ? -12.848 0.610   3.193   1.00 109.91 ? 85  CYS B CB  1 
ATOM   688  S  SG  . CYS A 1 85  ? -13.971 -0.303  2.099   1.00 124.34 ? 85  CYS B SG  1 
ATOM   689  N  N   . ILE A 1 86  ? -10.771 3.421   2.569   1.00 121.61 ? 86  ILE B N   1 
ATOM   690  C  CA  . ILE A 1 86  ? -9.960  4.594   3.024   1.00 132.91 ? 86  ILE B CA  1 
ATOM   691  C  C   . ILE A 1 86  ? -10.481 5.140   4.367   1.00 137.36 ? 86  ILE B C   1 
ATOM   692  O  O   . ILE A 1 86  ? -9.636  5.598   5.191   1.00 121.52 ? 86  ILE B O   1 
ATOM   693  C  CB  . ILE A 1 86  ? -9.932  5.665   1.909   1.00 137.58 ? 86  ILE B CB  1 
ATOM   694  C  CG1 . ILE A 1 86  ? -8.722  5.464   0.990   1.00 135.62 ? 86  ILE B CG1 1 
ATOM   695  C  CG2 . ILE A 1 86  ? -10.008 7.077   2.480   1.00 133.99 ? 86  ILE B CG2 1 
ATOM   696  C  CD1 . ILE A 1 86  ? -8.052  6.746   0.533   1.00 136.86 ? 86  ILE B CD1 1 
ATOM   697  N  N   . SER A 1 87  ? -11.803 5.080   4.588   1.00 137.20 ? 87  SER B N   1 
ATOM   698  C  CA  . SER A 1 87  ? -12.519 5.629   5.775   1.00 139.55 ? 87  SER B CA  1 
ATOM   699  C  C   . SER A 1 87  ? -11.728 5.392   7.075   1.00 146.00 ? 87  SER B C   1 
ATOM   700  O  O   . SER A 1 87  ? -11.822 6.263   7.965   1.00 187.62 ? 87  SER B O   1 
ATOM   701  C  CB  . SER A 1 87  ? -13.933 5.092   5.862   1.00 124.35 ? 87  SER B CB  1 
ATOM   702  O  OG  . SER A 1 87  ? -13.952 3.725   6.241   1.00 110.38 ? 87  SER B OG  1 
ATOM   703  N  N   . ILE A 1 88  ? -10.959 4.297   7.177   1.00 126.80 ? 88  ILE B N   1 
ATOM   704  C  CA  . ILE A 1 88  ? -10.074 3.993   8.344   1.00 126.09 ? 88  ILE B CA  1 
ATOM   705  C  C   . ILE A 1 88  ? -9.095  5.162   8.570   1.00 131.45 ? 88  ILE B C   1 
ATOM   706  O  O   . ILE A 1 88  ? -9.420  6.068   9.365   1.00 158.21 ? 88  ILE B O   1 
ATOM   707  C  CB  . ILE A 1 88  ? -9.374  2.632   8.162   1.00 123.86 ? 88  ILE B CB  1 
ATOM   708  C  CG1 . ILE A 1 88  ? -10.397 1.488   8.053   1.00 123.63 ? 88  ILE B CG1 1 
ATOM   709  C  CG2 . ILE A 1 88  ? -8.368  2.409   9.288   1.00 124.15 ? 88  ILE B CG2 1 
ATOM   710  C  CD1 . ILE A 1 88  ? -9.848  0.171   7.504   1.00 113.94 ? 88  ILE B CD1 1 
ATOM   711  N  N   . LEU A 1 89  ? -7.940  5.162   7.912   1.00 128.40 ? 89  LEU B N   1 
ATOM   712  C  CA  . LEU A 1 89  ? -6.986  6.308   7.918   1.00 149.01 ? 89  LEU B CA  1 
ATOM   713  C  C   . LEU A 1 89  ? -5.974  6.081   6.775   1.00 148.77 ? 89  LEU B C   1 
ATOM   714  O  O   . LEU A 1 89  ? -6.193  5.169   5.909   1.00 96.01  ? 89  LEU B O   1 
ATOM   715  C  CB  . LEU A 1 89  ? -6.307  6.449   9.303   1.00 155.65 ? 89  LEU B CB  1 
ATOM   716  C  CG  . LEU A 1 89  ? -6.662  7.673   10.175  1.00 150.75 ? 89  LEU B CG  1 
ATOM   717  C  CD1 . LEU A 1 89  ? -6.055  7.566   11.582  1.00 128.12 ? 89  LEU B CD1 1 
ATOM   718  C  CD2 . LEU A 1 89  ? -6.225  8.988   9.524   1.00 138.98 ? 89  LEU B CD2 1 
ATOM   719  N  N   . ILE A 1 107 ? -3.273  12.979  -0.074  1.00 98.07  ? 107 ILE B N   1 
ATOM   720  C  CA  . ILE A 1 107 ? -2.723  11.821  -0.861  1.00 112.75 ? 107 ILE B CA  1 
ATOM   721  C  C   . ILE A 1 107 ? -1.358  11.438  -0.298  1.00 107.15 ? 107 ILE B C   1 
ATOM   722  O  O   . ILE A 1 107 ? -1.164  10.261  0.015   1.00 98.99  ? 107 ILE B O   1 
ATOM   723  C  CB  . ILE A 1 107 ? -2.590  12.106  -2.377  1.00 116.16 ? 107 ILE B CB  1 
ATOM   724  C  CG1 . ILE A 1 107 ? -3.947  12.239  -3.072  1.00 118.44 ? 107 ILE B CG1 1 
ATOM   725  C  CG2 . ILE A 1 107 ? -1.730  11.047  -3.063  1.00 98.33  ? 107 ILE B CG2 1 
ATOM   726  C  CD1 . ILE A 1 107 ? -4.621  10.915  -3.348  1.00 118.54 ? 107 ILE B CD1 1 
ATOM   727  N  N   . ASP A 1 108 ? -0.428  12.387  -0.343  1.00 109.97 ? 108 ASP B N   1 
ATOM   728  C  CA  . ASP A 1 108 ? 0.693   12.519  0.613   1.00 113.96 ? 108 ASP B CA  1 
ATOM   729  C  C   . ASP A 1 108 ? 0.348   11.785  1.917   1.00 118.50 ? 108 ASP B C   1 
ATOM   730  O  O   . ASP A 1 108 ? 1.057   10.821  2.301   1.00 91.68  ? 108 ASP B O   1 
ATOM   731  C  CB  . ASP A 1 108 ? 0.885   14.005  0.913   1.00 119.96 ? 108 ASP B CB  1 
ATOM   732  C  CG  . ASP A 1 108 ? 2.335   14.404  0.984   1.00 124.01 ? 108 ASP B CG  1 
ATOM   733  O  OD1 . ASP A 1 108 ? 3.165   13.485  1.094   1.00 129.16 ? 108 ASP B OD1 1 
ATOM   734  O  OD2 . ASP A 1 108 ? 2.611   15.623  0.903   1.00 134.12 ? 108 ASP B OD2 1 
ATOM   735  N  N   . THR A 1 109 ? -0.712  12.247  2.582   1.00 114.43 ? 109 THR B N   1 
ATOM   736  C  CA  . THR A 1 109 ? -1.091  11.829  3.954   1.00 127.99 ? 109 THR B CA  1 
ATOM   737  C  C   . THR A 1 109 ? -1.652  10.408  3.886   1.00 118.21 ? 109 THR B C   1 
ATOM   738  O  O   . THR A 1 109 ? -1.243  9.538   4.691   1.00 112.67 ? 109 THR B O   1 
ATOM   739  C  CB  . THR A 1 109 ? -2.102  12.817  4.550   1.00 133.20 ? 109 THR B CB  1 
ATOM   740  O  OG1 . THR A 1 109 ? -1.559  14.125  4.378   1.00 116.97 ? 109 THR B OG1 1 
ATOM   741  C  CG2 . THR A 1 109 ? -2.392  12.575  6.016   1.00 138.63 ? 109 THR B CG2 1 
ATOM   742  N  N   . ILE A 1 110 ? -2.570  10.211  2.946   1.00 103.28 ? 110 ILE B N   1 
ATOM   743  C  CA  . ILE A 1 110 ? -3.299  8.933   2.737   1.00 96.72  ? 110 ILE B CA  1 
ATOM   744  C  C   . ILE A 1 110 ? -2.296  7.792   2.560   1.00 94.35  ? 110 ILE B C   1 
ATOM   745  O  O   . ILE A 1 110 ? -2.518  6.740   3.151   1.00 97.16  ? 110 ILE B O   1 
ATOM   746  C  CB  . ILE A 1 110 ? -4.222  9.038   1.521   1.00 95.41  ? 110 ILE B CB  1 
ATOM   747  C  CG1 . ILE A 1 110 ? -5.209  10.199  1.672   1.00 111.08 ? 110 ILE B CG1 1 
ATOM   748  C  CG2 . ILE A 1 110 ? -4.918  7.711   1.297   1.00 98.23  ? 110 ILE B CG2 1 
ATOM   749  C  CD1 . ILE A 1 110 ? -6.011  10.507  0.424   1.00 118.44 ? 110 ILE B CD1 1 
ATOM   750  N  N   . LEU A 1 111 ? -1.256  7.968   1.745   1.00 92.54  ? 111 LEU B N   1 
ATOM   751  C  CA  . LEU A 1 111 ? -0.280  6.874   1.489   1.00 98.43  ? 111 LEU B CA  1 
ATOM   752  C  C   . LEU A 1 111 ? 0.488   6.605   2.779   1.00 93.72  ? 111 LEU B C   1 
ATOM   753  O  O   . LEU A 1 111 ? 0.600   5.419   3.155   1.00 91.52  ? 111 LEU B O   1 
ATOM   754  C  CB  . LEU A 1 111 ? 0.671   7.213   0.336   1.00 93.42  ? 111 LEU B CB  1 
ATOM   755  C  CG  . LEU A 1 111 ? 0.030   7.277   -1.053  1.00 94.26  ? 111 LEU B CG  1 
ATOM   756  C  CD1 . LEU A 1 111 ? 1.117   7.416   -2.113  1.00 97.69  ? 111 LEU B CD1 1 
ATOM   757  C  CD2 . LEU A 1 111 ? -0.869  6.070   -1.331  1.00 77.70  ? 111 LEU B CD2 1 
ATOM   758  N  N   . LEU A 1 112 ? 0.970   7.669   3.426   1.00 100.04 ? 112 LEU B N   1 
ATOM   759  C  CA  . LEU A 1 112 ? 1.830   7.571   4.637   1.00 88.91  ? 112 LEU B CA  1 
ATOM   760  C  C   . LEU A 1 112 ? 1.012   6.958   5.775   1.00 84.69  ? 112 LEU B C   1 
ATOM   761  O  O   . LEU A 1 112 ? 1.580   6.189   6.574   1.00 86.66  ? 112 LEU B O   1 
ATOM   762  C  CB  . LEU A 1 112 ? 2.368   8.957   4.980   1.00 83.85  ? 112 LEU B CB  1 
ATOM   763  C  CG  . LEU A 1 112 ? 3.435   9.454   4.013   1.00 102.20 ? 112 LEU B CG  1 
ATOM   764  C  CD1 . LEU A 1 112 ? 3.694   10.936  4.189   1.00 114.49 ? 112 LEU B CD1 1 
ATOM   765  C  CD2 . LEU A 1 112 ? 4.727   8.664   4.170   1.00 106.62 ? 112 LEU B CD2 1 
ATOM   766  N  N   . SER A 1 113 ? -0.287  7.237   5.795   1.00 83.35  ? 113 SER B N   1 
ATOM   767  C  CA  . SER A 1 113 ? -1.250  6.627   6.736   1.00 92.04  ? 113 SER B CA  1 
ATOM   768  C  C   . SER A 1 113 ? -1.323  5.106   6.465   1.00 91.86  ? 113 SER B C   1 
ATOM   769  O  O   . SER A 1 113 ? -1.061  4.315   7.401   1.00 88.46  ? 113 SER B O   1 
ATOM   770  C  CB  . SER A 1 113 ? -2.581  7.375   6.664   1.00 100.32 ? 113 SER B CB  1 
ATOM   771  O  OG  . SER A 1 113 ? -3.688  6.496   6.817   1.00 118.55 ? 113 SER B OG  1 
ATOM   772  N  N   . VAL A 1 114 ? -1.598  4.691   5.224   1.00 98.72  ? 114 VAL B N   1 
ATOM   773  C  CA  . VAL A 1 114 ? -1.663  3.251   4.827   1.00 88.53  ? 114 VAL B CA  1 
ATOM   774  C  C   . VAL A 1 114 ? -0.376  2.552   5.293   1.00 87.78  ? 114 VAL B C   1 
ATOM   775  O  O   . VAL A 1 114 ? -0.450  1.452   5.890   1.00 77.28  ? 114 VAL B O   1 
ATOM   776  C  CB  . VAL A 1 114 ? -1.875  3.089   3.310   1.00 85.14  ? 114 VAL B CB  1 
ATOM   777  C  CG1 . VAL A 1 114 ? -1.503  1.694   2.830   1.00 94.40  ? 114 VAL B CG1 1 
ATOM   778  C  CG2 . VAL A 1 114 ? -3.305  3.401   2.907   1.00 89.81  ? 114 VAL B CG2 1 
ATOM   779  N  N   . ILE A 1 115 ? 0.776   3.163   5.029   1.00 79.77  ? 115 ILE B N   1 
ATOM   780  C  CA  . ILE A 1 115 ? 2.088   2.598   5.441   1.00 82.39  ? 115 ILE B CA  1 
ATOM   781  C  C   . ILE A 1 115 ? 2.047   2.345   6.946   1.00 85.70  ? 115 ILE B C   1 
ATOM   782  O  O   . ILE A 1 115 ? 2.406   1.221   7.342   1.00 94.66  ? 115 ILE B O   1 
ATOM   783  C  CB  . ILE A 1 115 ? 3.263   3.499   5.035   1.00 83.07  ? 115 ILE B CB  1 
ATOM   784  C  CG1 . ILE A 1 115 ? 3.351   3.608   3.507   1.00 94.89  ? 115 ILE B CG1 1 
ATOM   785  C  CG2 . ILE A 1 115 ? 4.555   2.993   5.669   1.00 79.09  ? 115 ILE B CG2 1 
ATOM   786  C  CD1 . ILE A 1 115 ? 4.721   3.958   2.969   1.00 101.80 ? 115 ILE B CD1 1 
ATOM   787  N  N   . SER A 1 116 ? 1.608   3.331   7.734   1.00 87.37  ? 116 SER B N   1 
ATOM   788  C  CA  . SER A 1 116 ? 1.502   3.227   9.214   1.00 87.31  ? 116 SER B CA  1 
ATOM   789  C  C   . SER A 1 116 ? 0.521   2.096   9.573   1.00 87.77  ? 116 SER B C   1 
ATOM   790  O  O   . SER A 1 116 ? 0.837   1.298   10.491  1.00 88.26  ? 116 SER B O   1 
ATOM   791  C  CB  . SER A 1 116 ? 1.146   4.557   9.861   1.00 92.75  ? 116 SER B CB  1 
ATOM   792  O  OG  . SER A 1 116 ? 0.657   4.373   11.185  1.00 99.60  ? 116 SER B OG  1 
ATOM   793  N  N   . LEU A 1 117 ? -0.603  1.970   8.861   1.00 74.81  ? 117 LEU B N   1 
ATOM   794  C  CA  . LEU A 1 117 ? -1.618  0.927   9.181   1.00 70.77  ? 117 LEU B CA  1 
ATOM   795  C  C   . LEU A 1 117 ? -1.046  -0.482  8.999   1.00 85.26  ? 117 LEU B C   1 
ATOM   796  O  O   . LEU A 1 117 ? -1.542  -1.394  9.670   1.00 86.93  ? 117 LEU B O   1 
ATOM   797  C  CB  . LEU A 1 117 ? -2.827  1.098   8.267   1.00 69.66  ? 117 LEU B CB  1 
ATOM   798  C  CG  . LEU A 1 117 ? -3.766  -0.100  8.246   1.00 74.92  ? 117 LEU B CG  1 
ATOM   799  C  CD1 . LEU A 1 117 ? -4.394  -0.272  9.603   1.00 83.29  ? 117 LEU B CD1 1 
ATOM   800  C  CD2 . LEU A 1 117 ? -4.848  0.038   7.185   1.00 83.13  ? 117 LEU B CD2 1 
ATOM   801  N  N   . LEU A 1 118 ? -0.105  -0.680  8.074   1.00 84.61  ? 118 LEU B N   1 
ATOM   802  C  CA  . LEU A 1 118 ? 0.373   -2.039  7.723   1.00 89.81  ? 118 LEU B CA  1 
ATOM   803  C  C   . LEU A 1 118 ? 0.852   -2.720  9.003   1.00 96.67  ? 118 LEU B C   1 
ATOM   804  O  O   . LEU A 1 118 ? 0.605   -3.944  9.206   1.00 102.74 ? 118 LEU B O   1 
ATOM   805  C  CB  . LEU A 1 118 ? 1.506   -1.934  6.702   1.00 89.69  ? 118 LEU B CB  1 
ATOM   806  C  CG  . LEU A 1 118 ? 1.062   -1.645  5.271   1.00 80.86  ? 118 LEU B CG  1 
ATOM   807  C  CD1 . LEU A 1 118 ? 2.224   -1.823  4.308   1.00 82.32  ? 118 LEU B CD1 1 
ATOM   808  C  CD2 . LEU A 1 118 ? -0.096  -2.545  4.884   1.00 76.37  ? 118 LEU B CD2 1 
ATOM   809  N  N   . ASN A 1 119 ? 1.480   -1.923  9.854   1.00 89.46  ? 119 ASN B N   1 
ATOM   810  C  CA  . ASN A 1 119 ? 2.154   -2.405  11.080  1.00 93.79  ? 119 ASN B CA  1 
ATOM   811  C  C   . ASN A 1 119 ? 1.242   -2.273  12.314  1.00 88.32  ? 119 ASN B C   1 
ATOM   812  O  O   . ASN A 1 119 ? 1.679   -2.720  13.360  1.00 93.64  ? 119 ASN B O   1 
ATOM   813  C  CB  . ASN A 1 119 ? 3.474   -1.665  11.239  1.00 94.13  ? 119 ASN B CB  1 
ATOM   814  C  CG  . ASN A 1 119 ? 4.206   -2.049  12.498  1.00 102.89 ? 119 ASN B CG  1 
ATOM   815  O  OD1 . ASN A 1 119 ? 4.473   -3.227  12.726  1.00 108.44 ? 119 ASN B OD1 1 
ATOM   816  N  ND2 . ASN A 1 119 ? 4.520   -1.052  13.314  1.00 113.15 ? 119 ASN B ND2 1 
ATOM   817  N  N   . GLU A 1 120 ? 0.027   -1.723  12.204  1.00 76.34  ? 120 GLU B N   1 
ATOM   818  C  CA  . GLU A 1 120 ? -0.948  -1.637  13.319  1.00 79.92  ? 120 GLU B CA  1 
ATOM   819  C  C   . GLU A 1 120 ? -2.332  -1.991  12.803  1.00 74.72  ? 120 GLU B C   1 
ATOM   820  O  O   . GLU A 1 120 ? -3.224  -1.155  12.694  1.00 81.80  ? 120 GLU B O   1 
ATOM   821  C  CB  . GLU A 1 120 ? -0.975  -0.235  13.920  1.00 95.35  ? 120 GLU B CB  1 
ATOM   822  C  CG  . GLU A 1 120 ? 0.276   0.114   14.698  1.00 110.89 ? 120 GLU B CG  1 
ATOM   823  C  CD  . GLU A 1 120 ? 0.199   1.462   15.398  1.00 126.22 ? 120 GLU B CD  1 
ATOM   824  O  OE1 . GLU A 1 120 ? -0.931  2.048   15.441  1.00 112.57 ? 120 GLU B OE1 1 
ATOM   825  O  OE2 . GLU A 1 120 ? 1.264   1.920   15.897  1.00 111.07 ? 120 GLU B OE2 1 
ATOM   826  N  N   . PRO A 1 121 ? -2.586  -3.255  12.458  1.00 77.25  ? 121 PRO B N   1 
ATOM   827  C  CA  . PRO A 1 121 ? -3.939  -3.638  12.073  1.00 78.26  ? 121 PRO B CA  1 
ATOM   828  C  C   . PRO A 1 121 ? -4.961  -3.102  13.080  1.00 75.71  ? 121 PRO B C   1 
ATOM   829  O  O   . PRO A 1 121 ? -4.726  -3.076  14.298  1.00 85.81  ? 121 PRO B O   1 
ATOM   830  C  CB  . PRO A 1 121 ? -3.917  -5.173  12.045  1.00 78.74  ? 121 PRO B CB  1 
ATOM   831  C  CG  . PRO A 1 121 ? -2.436  -5.516  11.845  1.00 90.97  ? 121 PRO B CG  1 
ATOM   832  C  CD  . PRO A 1 121 ? -1.634  -4.373  12.449  1.00 83.38  ? 121 PRO B CD  1 
ATOM   833  N  N   . ASN A 1 122 ? -6.073  -2.695  12.510  1.00 79.96  ? 122 ASN B N   1 
ATOM   834  C  CA  . ASN A 1 122 ? -7.271  -2.150  13.170  1.00 96.00  ? 122 ASN B CA  1 
ATOM   835  C  C   . ASN A 1 122 ? -8.195  -3.328  13.432  1.00 86.63  ? 122 ASN B C   1 
ATOM   836  O  O   . ASN A 1 122 ? -8.744  -3.889  12.494  1.00 89.57  ? 122 ASN B O   1 
ATOM   837  C  CB  . ASN A 1 122 ? -7.886  -1.099  12.242  1.00 116.59 ? 122 ASN B CB  1 
ATOM   838  C  CG  . ASN A 1 122 ? -8.796  -0.111  12.924  1.00 123.31 ? 122 ASN B CG  1 
ATOM   839  O  OD1 . ASN A 1 122 ? -8.521  1.087   12.870  1.00 148.39 ? 122 ASN B OD1 1 
ATOM   840  N  ND2 . ASN A 1 122 ? -9.885  -0.608  13.502  1.00 103.87 ? 122 ASN B ND2 1 
ATOM   841  N  N   . PRO A 1 123 ? -8.431  -3.726  14.697  1.00 102.76 ? 123 PRO B N   1 
ATOM   842  C  CA  . PRO A 1 123 ? -9.189  -4.945  14.971  1.00 91.61  ? 123 PRO B CA  1 
ATOM   843  C  C   . PRO A 1 123 ? -10.695 -4.815  14.721  1.00 92.70  ? 123 PRO B C   1 
ATOM   844  O  O   . PRO A 1 123 ? -11.348 -5.801  14.884  1.00 84.18  ? 123 PRO B O   1 
ATOM   845  C  CB  . PRO A 1 123 ? -8.930  -5.181  16.451  1.00 92.40  ? 123 PRO B CB  1 
ATOM   846  C  CG  . PRO A 1 123 ? -8.768  -3.777  17.001  1.00 96.52  ? 123 PRO B CG  1 
ATOM   847  C  CD  . PRO A 1 123 ? -8.052  -3.000  15.921  1.00 103.57 ? 123 PRO B CD  1 
ATOM   848  N  N   . ASP A 1 124 ? -11.183 -3.645  14.293  1.00 112.36 ? 124 ASP B N   1 
ATOM   849  C  CA  . ASP A 1 124 ? -12.629 -3.383  14.038  1.00 130.64 ? 124 ASP B CA  1 
ATOM   850  C  C   . ASP A 1 124 ? -13.033 -4.018  12.695  1.00 123.78 ? 124 ASP B C   1 
ATOM   851  O  O   . ASP A 1 124 ? -13.623 -5.087  12.759  1.00 109.34 ? 124 ASP B O   1 
ATOM   852  C  CB  . ASP A 1 124 ? -12.962 -1.894  14.208  1.00 149.44 ? 124 ASP B CB  1 
ATOM   853  C  CG  . ASP A 1 124 ? -12.658 -1.353  15.606  1.00 159.10 ? 124 ASP B CG  1 
ATOM   854  O  OD1 . ASP A 1 124 ? -12.815 -2.128  16.589  1.00 138.88 ? 124 ASP B OD1 1 
ATOM   855  O  OD2 . ASP A 1 124 ? -12.258 -0.159  15.712  1.00 141.93 ? 124 ASP B OD2 1 
ATOM   856  N  N   . SER A 1 125 ? -12.760 -3.419  11.527  1.00 134.21 ? 125 SER B N   1 
ATOM   857  C  CA  . SER A 1 125 ? -13.174 -4.004  10.217  1.00 141.91 ? 125 SER B CA  1 
ATOM   858  C  C   . SER A 1 125 ? -12.142 -5.055  9.790   1.00 132.97 ? 125 SER B C   1 
ATOM   859  O  O   . SER A 1 125 ? -10.979 -4.766  9.516   1.00 111.98 ? 125 SER B O   1 
ATOM   860  C  CB  . SER A 1 125 ? -13.484 -2.950  9.156   1.00 137.20 ? 125 SER B CB  1 
ATOM   861  O  OG  . SER A 1 125 ? -12.370 -2.673  8.316   1.00 150.77 ? 125 SER B OG  1 
ATOM   862  N  N   . PRO A 1 126 ? -12.514 -6.348  9.785   1.00 119.10 ? 126 PRO B N   1 
ATOM   863  C  CA  . PRO A 1 126 ? -11.596 -7.419  9.439   1.00 110.71 ? 126 PRO B CA  1 
ATOM   864  C  C   . PRO A 1 126 ? -11.938 -7.811  7.998   1.00 116.20 ? 126 PRO B C   1 
ATOM   865  O  O   . PRO A 1 126 ? -12.556 -8.868  7.770   1.00 106.31 ? 126 PRO B O   1 
ATOM   866  C  CB  . PRO A 1 126 ? -11.991 -8.444  10.496  1.00 99.30  ? 126 PRO B CB  1 
ATOM   867  C  CG  . PRO A 1 126 ? -13.506 -8.312  10.551  1.00 106.87 ? 126 PRO B CG  1 
ATOM   868  C  CD  . PRO A 1 126 ? -13.837 -6.896  10.101  1.00 119.18 ? 126 PRO B CD  1 
ATOM   869  N  N   . ALA A 1 127 ? -11.589 -6.899  7.087   1.00 103.41 ? 127 ALA B N   1 
ATOM   870  C  CA  . ALA A 1 127 ? -11.707 -7.021  5.616   1.00 104.72 ? 127 ALA B CA  1 
ATOM   871  C  C   . ALA A 1 127 ? -11.420 -8.458  5.166   1.00 97.69  ? 127 ALA B C   1 
ATOM   872  O  O   . ALA A 1 127 ? -12.305 -9.098  4.607   1.00 106.72 ? 127 ALA B O   1 
ATOM   873  C  CB  . ALA A 1 127 ? -10.748 -6.059  4.960   1.00 105.96 ? 127 ALA B CB  1 
ATOM   874  N  N   . ASN A 1 128 ? -10.199 -8.919  5.393   1.00 99.02  ? 128 ASN B N   1 
ATOM   875  C  CA  . ASN A 1 128 ? -9.716  -10.262 4.997   1.00 94.62  ? 128 ASN B CA  1 
ATOM   876  C  C   . ASN A 1 128 ? -9.607  -11.103 6.265   1.00 93.87  ? 128 ASN B C   1 
ATOM   877  O  O   . ASN A 1 128 ? -8.626  -10.918 7.034   1.00 81.28  ? 128 ASN B O   1 
ATOM   878  C  CB  . ASN A 1 128 ? -8.374  -10.198 4.266   1.00 89.70  ? 128 ASN B CB  1 
ATOM   879  C  CG  . ASN A 1 128 ? -7.652  -11.527 4.257   1.00 77.75  ? 128 ASN B CG  1 
ATOM   880  O  OD1 . ASN A 1 128 ? -8.181  -12.530 4.723   1.00 86.14  ? 128 ASN B OD1 1 
ATOM   881  N  ND2 . ASN A 1 128 ? -6.433  -11.545 3.751   1.00 76.50  ? 128 ASN B ND2 1 
ATOM   882  N  N   . VAL A 1 129 ? -10.568 -12.007 6.434   1.00 89.14  ? 129 VAL B N   1 
ATOM   883  C  CA  . VAL A 1 129 ? -10.719 -12.882 7.632   1.00 92.68  ? 129 VAL B CA  1 
ATOM   884  C  C   . VAL A 1 129 ? -9.438  -13.697 7.908   1.00 88.63  ? 129 VAL B C   1 
ATOM   885  O  O   . VAL A 1 129 ? -8.965  -13.747 9.064   1.00 91.29  ? 129 VAL B O   1 
ATOM   886  C  CB  . VAL A 1 129 ? -11.941 -13.784 7.419   1.00 92.72  ? 129 VAL B CB  1 
ATOM   887  C  CG1 . VAL A 1 129 ? -11.969 -14.908 8.442   1.00 107.76 ? 129 VAL B CG1 1 
ATOM   888  C  CG2 . VAL A 1 129 ? -13.228 -12.966 7.425   1.00 93.48  ? 129 VAL B CG2 1 
ATOM   889  N  N   . ASP A 1 130 ? -8.907  -14.363 6.895   1.00 83.20  ? 130 ASP B N   1 
ATOM   890  C  CA  . ASP A 1 130 ? -7.750  -15.270 7.062   1.00 93.55  ? 130 ASP B CA  1 
ATOM   891  C  C   . ASP A 1 130 ? -6.628  -14.474 7.734   1.00 83.88  ? 130 ASP B C   1 
ATOM   892  O  O   . ASP A 1 130 ? -5.996  -14.995 8.656   1.00 87.97  ? 130 ASP B O   1 
ATOM   893  C  CB  . ASP A 1 130 ? -7.374  -15.895 5.713   1.00 104.98 ? 130 ASP B CB  1 
ATOM   894  C  CG  . ASP A 1 130 ? -8.532  -16.669 5.105   1.00 103.81 ? 130 ASP B CG  1 
ATOM   895  O  OD1 . ASP A 1 130 ? -9.056  -17.529 5.815   1.00 105.14 ? 130 ASP B OD1 1 
ATOM   896  O  OD2 . ASP A 1 130 ? -8.939  -16.355 3.960   1.00 111.43 ? 130 ASP B OD2 1 
ATOM   897  N  N   . ALA A 1 131 ? -6.383  -13.253 7.284   1.00 78.65  ? 131 ALA B N   1 
ATOM   898  C  CA  . ALA A 1 131 ? -5.229  -12.453 7.745   1.00 89.62  ? 131 ALA B CA  1 
ATOM   899  C  C   . ALA A 1 131 ? -5.483  -12.071 9.203   1.00 87.62  ? 131 ALA B C   1 
ATOM   900  O  O   . ALA A 1 131 ? -4.556  -12.142 10.034  1.00 88.15  ? 131 ALA B O   1 
ATOM   901  C  CB  . ALA A 1 131 ? -5.041  -11.241 6.863   1.00 94.97  ? 131 ALA B CB  1 
ATOM   902  N  N   . ALA A 1 132 ? -6.724  -11.697 9.487   1.00 83.42  ? 132 ALA B N   1 
ATOM   903  C  CA  . ALA A 1 132 ? -7.210  -11.339 10.831  1.00 85.04  ? 132 ALA B CA  1 
ATOM   904  C  C   . ALA A 1 132 ? -7.000  -12.528 11.779  1.00 86.02  ? 132 ALA B C   1 
ATOM   905  O  O   . ALA A 1 132 ? -6.153  -12.368 12.678  1.00 92.13  ? 132 ALA B O   1 
ATOM   906  C  CB  . ALA A 1 132 ? -8.648  -10.913 10.721  1.00 89.10  ? 132 ALA B CB  1 
ATOM   907  N  N   . LYS A 1 133 ? -7.678  -13.675 11.564  1.00 84.12  ? 133 LYS B N   1 
ATOM   908  C  CA  . LYS A 1 133 ? -7.403  -14.936 12.315  1.00 88.04  ? 133 LYS B CA  1 
ATOM   909  C  C   . LYS A 1 133 ? -5.887  -15.040 12.527  1.00 84.98  ? 133 LYS B C   1 
ATOM   910  O  O   . LYS A 1 133 ? -5.434  -15.152 13.677  1.00 104.38 ? 133 LYS B O   1 
ATOM   911  C  CB  . LYS A 1 133 ? -7.886  -16.215 11.614  1.00 100.82 ? 133 LYS B CB  1 
ATOM   912  C  CG  . LYS A 1 133 ? -9.393  -16.410 11.443  1.00 125.81 ? 133 LYS B CG  1 
ATOM   913  C  CD  . LYS A 1 133 ? -10.172 -16.475 12.744  1.00 149.30 ? 133 LYS B CD  1 
ATOM   914  C  CE  . LYS A 1 133 ? -10.639 -15.106 13.214  1.00 171.10 ? 133 LYS B CE  1 
ATOM   915  N  NZ  . LYS A 1 133 ? -10.599 -14.932 14.686  1.00 157.32 ? 133 LYS B NZ  1 
ATOM   916  N  N   . SER A 1 134 ? -5.119  -14.962 11.453  1.00 75.05  ? 134 SER B N   1 
ATOM   917  C  CA  . SER A 1 134 ? -3.657  -15.208 11.465  1.00 86.51  ? 134 SER B CA  1 
ATOM   918  C  C   . SER A 1 134 ? -2.976  -14.218 12.421  1.00 88.60  ? 134 SER B C   1 
ATOM   919  O  O   . SER A 1 134 ? -2.001  -14.594 13.124  1.00 81.37  ? 134 SER B O   1 
ATOM   920  C  CB  . SER A 1 134 ? -3.091  -15.137 10.056  1.00 87.88  ? 134 SER B CB  1 
ATOM   921  O  OG  . SER A 1 134 ? -1.718  -15.512 10.032  1.00 85.90  ? 134 SER B OG  1 
ATOM   922  N  N   . TYR A 1 135 ? -3.454  -12.979 12.453  1.00 87.38  ? 135 TYR B N   1 
ATOM   923  C  CA  . TYR A 1 135 ? -2.839  -11.921 13.287  1.00 84.87  ? 135 TYR B CA  1 
ATOM   924  C  C   . TYR A 1 135 ? -3.142  -12.202 14.764  1.00 85.89  ? 135 TYR B C   1 
ATOM   925  O  O   . TYR A 1 135 ? -2.192  -12.254 15.559  1.00 76.99  ? 135 TYR B O   1 
ATOM   926  C  CB  . TYR A 1 135 ? -3.332  -10.547 12.853  1.00 77.22  ? 135 TYR B CB  1 
ATOM   927  C  CG  . TYR A 1 135 ? -2.457  -9.453  13.386  1.00 78.44  ? 135 TYR B CG  1 
ATOM   928  C  CD1 . TYR A 1 135 ? -1.108  -9.457  13.103  1.00 72.35  ? 135 TYR B CD1 1 
ATOM   929  C  CD2 . TYR A 1 135 ? -2.962  -8.437  14.194  1.00 89.39  ? 135 TYR B CD2 1 
ATOM   930  C  CE1 . TYR A 1 135 ? -0.278  -8.465  13.582  1.00 80.81  ? 135 TYR B CE1 1 
ATOM   931  C  CE2 . TYR A 1 135 ? -2.142  -7.431  14.690  1.00 65.24  ? 135 TYR B CE2 1 
ATOM   932  C  CZ  . TYR A 1 135 ? -0.798  -7.467  14.388  1.00 75.30  ? 135 TYR B CZ  1 
ATOM   933  O  OH  . TYR A 1 135 ? 0.048   -6.505  14.813  1.00 79.52  ? 135 TYR B OH  1 
ATOM   934  N  N   . ARG A 1 136 ? -4.428  -12.382 15.087  1.00 85.85  ? 136 ARG B N   1 
ATOM   935  C  CA  . ARG A 1 136 ? -4.966  -12.867 16.390  1.00 87.72  ? 136 ARG B CA  1 
ATOM   936  C  C   . ARG A 1 136 ? -4.100  -14.015 16.911  1.00 86.51  ? 136 ARG B C   1 
ATOM   937  O  O   . ARG A 1 136 ? -3.544  -13.890 18.003  1.00 89.91  ? 136 ARG B O   1 
ATOM   938  C  CB  . ARG A 1 136 ? -6.411  -13.333 16.196  1.00 94.28  ? 136 ARG B CB  1 
ATOM   939  C  CG  . ARG A 1 136 ? -7.393  -12.774 17.209  1.00 111.02 ? 136 ARG B CG  1 
ATOM   940  C  CD  . ARG A 1 136 ? -8.816  -13.051 16.777  1.00 128.23 ? 136 ARG B CD  1 
ATOM   941  N  NE  . ARG A 1 136 ? -9.609  -13.627 17.863  1.00 145.23 ? 136 ARG B NE  1 
ATOM   942  C  CZ  . ARG A 1 136 ? -9.583  -14.908 18.251  1.00 147.10 ? 136 ARG B CZ  1 
ATOM   943  N  NH1 . ARG A 1 136 ? -8.779  -15.780 17.651  1.00 141.75 ? 136 ARG B NH1 1 
ATOM   944  N  NH2 . ARG A 1 136 ? -10.369 -15.312 19.243  1.00 128.69 ? 136 ARG B NH2 1 
ATOM   945  N  N   . LYS A 1 137 ? -3.942  -15.067 16.111  1.00 87.82  ? 137 LYS B N   1 
ATOM   946  C  CA  . LYS A 1 137 ? -3.065  -16.222 16.425  1.00 80.97  ? 137 LYS B CA  1 
ATOM   947  C  C   . LYS A 1 137 ? -1.649  -15.754 16.788  1.00 74.58  ? 137 LYS B C   1 
ATOM   948  O  O   . LYS A 1 137 ? -1.145  -16.237 17.780  1.00 85.48  ? 137 LYS B O   1 
ATOM   949  C  CB  . LYS A 1 137 ? -3.130  -17.239 15.285  1.00 83.96  ? 137 LYS B CB  1 
ATOM   950  C  CG  . LYS A 1 137 ? -4.460  -17.984 15.249  1.00 86.95  ? 137 LYS B CG  1 
ATOM   951  C  CD  . LYS A 1 137 ? -4.419  -19.358 14.639  1.00 90.98  ? 137 LYS B CD  1 
ATOM   952  C  CE  . LYS A 1 137 ? -5.315  -19.459 13.423  1.00 115.90 ? 137 LYS B CE  1 
ATOM   953  N  NZ  . LYS A 1 137 ? -4.624  -20.123 12.295  1.00 128.94 ? 137 LYS B NZ  1 
ATOM   954  N  N   . LEU A 1 138 ? -1.044  -14.799 16.091  1.00 78.82  ? 138 LEU B N   1 
ATOM   955  C  CA  . LEU A 1 138 ? 0.283   -14.231 16.478  1.00 77.93  ? 138 LEU B CA  1 
ATOM   956  C  C   . LEU A 1 138 ? 0.230   -13.489 17.830  1.00 87.79  ? 138 LEU B C   1 
ATOM   957  O  O   . LEU A 1 138 ? 1.258   -13.446 18.577  1.00 87.11  ? 138 LEU B O   1 
ATOM   958  C  CB  . LEU A 1 138 ? 0.714   -13.241 15.397  1.00 73.92  ? 138 LEU B CB  1 
ATOM   959  C  CG  . LEU A 1 138 ? 2.058   -12.574 15.665  1.00 74.30  ? 138 LEU B CG  1 
ATOM   960  C  CD1 . LEU A 1 138 ? 3.155   -13.612 15.810  1.00 72.01  ? 138 LEU B CD1 1 
ATOM   961  C  CD2 . LEU A 1 138 ? 2.413   -11.584 14.573  1.00 81.32  ? 138 LEU B CD2 1 
ATOM   962  N  N   . LEU A 1 139 ? -0.884  -12.821 18.107  1.00 87.81  ? 139 LEU B N   1 
ATOM   963  C  CA  . LEU A 1 139 ? -0.978  -11.861 19.238  1.00 89.85  ? 139 LEU B CA  1 
ATOM   964  C  C   . LEU A 1 139 ? -1.130  -12.656 20.521  1.00 96.37  ? 139 LEU B C   1 
ATOM   965  O  O   . LEU A 1 139 ? -0.361  -12.353 21.470  1.00 87.84  ? 139 LEU B O   1 
ATOM   966  C  CB  . LEU A 1 139 ? -2.189  -10.946 19.062  1.00 84.83  ? 139 LEU B CB  1 
ATOM   967  C  CG  . LEU A 1 139 ? -2.066  -9.882  17.971  1.00 89.02  ? 139 LEU B CG  1 
ATOM   968  C  CD1 . LEU A 1 139 ? -3.377  -9.098  17.835  1.00 85.88  ? 139 LEU B CD1 1 
ATOM   969  C  CD2 . LEU A 1 139 ? -0.856  -8.968  18.207  1.00 68.23  ? 139 LEU B CD2 1 
ATOM   970  N  N   . TYR A 1 140 ? -2.077  -13.610 20.478  1.00 83.70  ? 140 TYR B N   1 
ATOM   971  C  CA  . TYR A 1 140 ? -2.433  -14.569 21.548  1.00 89.17  ? 140 TYR B CA  1 
ATOM   972  C  C   . TYR A 1 140 ? -1.430  -15.731 21.598  1.00 85.33  ? 140 TYR B C   1 
ATOM   973  O  O   . TYR A 1 140 ? -1.636  -16.714 22.331  1.00 98.26  ? 140 TYR B O   1 
ATOM   974  C  CB  . TYR A 1 140 ? -3.890  -14.982 21.352  1.00 86.03  ? 140 TYR B CB  1 
ATOM   975  C  CG  . TYR A 1 140 ? -4.827  -13.843 21.654  1.00 94.29  ? 140 TYR B CG  1 
ATOM   976  C  CD1 . TYR A 1 140 ? -4.952  -13.339 22.938  1.00 105.94 ? 140 TYR B CD1 1 
ATOM   977  C  CD2 . TYR A 1 140 ? -5.557  -13.226 20.658  1.00 98.59  ? 140 TYR B CD2 1 
ATOM   978  C  CE1 . TYR A 1 140 ? -5.791  -12.272 23.228  1.00 99.92  ? 140 TYR B CE1 1 
ATOM   979  C  CE2 . TYR A 1 140 ? -6.409  -12.167 20.931  1.00 111.60 ? 140 TYR B CE2 1 
ATOM   980  C  CZ  . TYR A 1 140 ? -6.527  -11.680 22.220  1.00 103.49 ? 140 TYR B CZ  1 
ATOM   981  O  OH  . TYR A 1 140 ? -7.365  -10.629 22.468  1.00 100.52 ? 140 TYR B OH  1 
ATOM   982  N  N   . LYS A 1 141 ? -0.330  -15.608 20.866  1.00 93.34  ? 141 LYS B N   1 
ATOM   983  C  CA  . LYS A 1 141 ? 0.798   -16.564 20.931  1.00 94.66  ? 141 LYS B CA  1 
ATOM   984  C  C   . LYS A 1 141 ? 0.361   -17.988 20.542  1.00 91.92  ? 141 LYS B C   1 
ATOM   985  O  O   . LYS A 1 141 ? 1.135   -18.888 20.829  1.00 87.32  ? 141 LYS B O   1 
ATOM   986  C  CB  . LYS A 1 141 ? 1.356   -16.482 22.349  1.00 91.11  ? 141 LYS B CB  1 
ATOM   987  C  CG  . LYS A 1 141 ? 2.190   -15.238 22.588  1.00 108.65 ? 141 LYS B CG  1 
ATOM   988  C  CD  . LYS A 1 141 ? 1.918   -14.620 23.935  1.00 126.84 ? 141 LYS B CD  1 
ATOM   989  C  CE  . LYS A 1 141 ? 3.126   -13.928 24.522  1.00 123.19 ? 141 LYS B CE  1 
ATOM   990  N  NZ  . LYS A 1 141 ? 3.144   -14.141 25.980  1.00 112.14 ? 141 LYS B NZ  1 
ATOM   991  N  N   . GLU A 1 142 ? -0.817  -18.176 19.915  1.00 92.23  ? 142 GLU B N   1 
ATOM   992  C  CA  . GLU A 1 142 ? -1.349  -19.474 19.397  1.00 86.32  ? 142 GLU B CA  1 
ATOM   993  C  C   . GLU A 1 142 ? -0.499  -19.961 18.213  1.00 86.74  ? 142 GLU B C   1 
ATOM   994  O  O   . GLU A 1 142 ? -0.307  -21.151 18.095  1.00 96.24  ? 142 GLU B O   1 
ATOM   995  C  CB  . GLU A 1 142 ? -2.809  -19.347 18.950  1.00 87.26  ? 142 GLU B CB  1 
ATOM   996  C  CG  . GLU A 1 142 ? -3.770  -19.097 20.098  1.00 99.51  ? 142 GLU B CG  1 
ATOM   997  C  CD  . GLU A 1 142 ? -5.249  -18.976 19.741  1.00 107.72 ? 142 GLU B CD  1 
ATOM   998  O  OE1 . GLU A 1 142 ? -5.590  -18.330 18.719  1.00 103.01 ? 142 GLU B OE1 1 
ATOM   999  O  OE2 . GLU A 1 142 ? -6.074  -19.494 20.520  1.00 132.94 ? 142 GLU B OE2 1 
ATOM   1000 N  N   . ASP A 1 143 ? 0.004   -19.057 17.379  1.00 96.80  ? 143 ASP B N   1 
ATOM   1001 C  CA  . ASP A 1 143 ? 0.804   -19.375 16.175  1.00 82.84  ? 143 ASP B CA  1 
ATOM   1002 C  C   . ASP A 1 143 ? 1.730   -18.195 15.850  1.00 79.27  ? 143 ASP B C   1 
ATOM   1003 O  O   . ASP A 1 143 ? 1.265   -17.192 15.303  1.00 79.57  ? 143 ASP B O   1 
ATOM   1004 C  CB  . ASP A 1 143 ? -0.133  -19.716 15.020  1.00 88.41  ? 143 ASP B CB  1 
ATOM   1005 C  CG  . ASP A 1 143 ? 0.577   -20.138 13.740  1.00 88.21  ? 143 ASP B CG  1 
ATOM   1006 O  OD1 . ASP A 1 143 ? 1.830   -19.800 13.596  1.00 64.51  ? 143 ASP B OD1 1 
ATOM   1007 O  OD2 . ASP A 1 143 ? -0.147  -20.773 12.868  1.00 69.37  ? 143 ASP B OD2 1 
ATOM   1008 N  N   . LEU A 1 144 ? 3.018   -18.368 16.110  1.00 77.81  ? 144 LEU B N   1 
ATOM   1009 C  CA  . LEU A 1 144 ? 4.033   -17.296 16.056  1.00 82.69  ? 144 LEU B CA  1 
ATOM   1010 C  C   . LEU A 1 144 ? 4.640   -17.169 14.659  1.00 87.08  ? 144 LEU B C   1 
ATOM   1011 O  O   . LEU A 1 144 ? 5.491   -16.241 14.481  1.00 84.50  ? 144 LEU B O   1 
ATOM   1012 C  CB  . LEU A 1 144 ? 5.126   -17.644 17.064  1.00 98.08  ? 144 LEU B CB  1 
ATOM   1013 C  CG  . LEU A 1 144 ? 4.651   -17.842 18.502  1.00 104.33 ? 144 LEU B CG  1 
ATOM   1014 C  CD1 . LEU A 1 144 ? 5.822   -18.215 19.388  1.00 105.04 ? 144 LEU B CD1 1 
ATOM   1015 C  CD2 . LEU A 1 144 ? 3.945   -16.600 19.029  1.00 92.10  ? 144 LEU B CD2 1 
ATOM   1016 N  N   . GLU A 1 145 ? 4.267   -18.057 13.727  1.00 85.06  ? 145 GLU B N   1 
ATOM   1017 C  CA  . GLU A 1 145 ? 5.053   -18.290 12.482  1.00 73.43  ? 145 GLU B CA  1 
ATOM   1018 C  C   . GLU A 1 145 ? 4.275   -17.790 11.267  1.00 73.97  ? 145 GLU B C   1 
ATOM   1019 O  O   . GLU A 1 145 ? 4.872   -17.078 10.424  1.00 75.89  ? 145 GLU B O   1 
ATOM   1020 C  CB  . GLU A 1 145 ? 5.401   -19.768 12.331  1.00 76.45  ? 145 GLU B CB  1 
ATOM   1021 C  CG  . GLU A 1 145 ? 6.401   -20.258 13.353  1.00 80.12  ? 145 GLU B CG  1 
ATOM   1022 C  CD  . GLU A 1 145 ? 7.705   -19.484 13.380  1.00 87.20  ? 145 GLU B CD  1 
ATOM   1023 O  OE1 . GLU A 1 145 ? 7.869   -18.600 12.487  1.00 86.85  ? 145 GLU B OE1 1 
ATOM   1024 O  OE2 . GLU A 1 145 ? 8.572   -19.794 14.266  1.00 87.44  ? 145 GLU B OE2 1 
ATOM   1025 N  N   . SER A 1 146 ? 2.992   -18.120 11.188  1.00 69.25  ? 146 SER B N   1 
ATOM   1026 C  CA  . SER A 1 146 ? 2.153   -17.853 9.998   1.00 74.46  ? 146 SER B CA  1 
ATOM   1027 C  C   . SER A 1 146 ? 2.182   -16.366 9.632   1.00 74.56  ? 146 SER B C   1 
ATOM   1028 O  O   . SER A 1 146 ? 2.855   -16.046 8.653   1.00 91.35  ? 146 SER B O   1 
ATOM   1029 C  CB  . SER A 1 146 ? 0.778   -18.397 10.203  1.00 82.63  ? 146 SER B CB  1 
ATOM   1030 O  OG  . SER A 1 146 ? 0.880   -19.774 10.564  1.00 85.20  ? 146 SER B OG  1 
ATOM   1031 N  N   . TYR A 1 147 ? 1.533   -15.486 10.402  1.00 84.24  ? 147 TYR B N   1 
ATOM   1032 C  CA  . TYR A 1 147 ? 1.301   -14.077 9.996   1.00 76.70  ? 147 TYR B CA  1 
ATOM   1033 C  C   . TYR A 1 147 ? 2.600   -13.500 9.432   1.00 78.04  ? 147 TYR B C   1 
ATOM   1034 O  O   . TYR A 1 147 ? 2.607   -12.902 8.353   1.00 80.33  ? 147 TYR B O   1 
ATOM   1035 C  CB  . TYR A 1 147 ? 0.721   -13.221 11.128  1.00 79.19  ? 147 TYR B CB  1 
ATOM   1036 C  CG  . TYR A 1 147 ? 0.294   -11.858 10.635  1.00 73.91  ? 147 TYR B CG  1 
ATOM   1037 C  CD1 . TYR A 1 147 ? 1.190   -10.791 10.587  1.00 61.66  ? 147 TYR B CD1 1 
ATOM   1038 C  CD2 . TYR A 1 147 ? -0.992  -11.651 10.147  1.00 66.66  ? 147 TYR B CD2 1 
ATOM   1039 C  CE1 . TYR A 1 147 ? 0.808   -9.556  10.080  1.00 70.45  ? 147 TYR B CE1 1 
ATOM   1040 C  CE2 . TYR A 1 147 ? -1.385  -10.418 9.640   1.00 64.64  ? 147 TYR B CE2 1 
ATOM   1041 C  CZ  . TYR A 1 147 ? -0.479  -9.373  9.593   1.00 67.31  ? 147 TYR B CZ  1 
ATOM   1042 O  OH  . TYR A 1 147 ? -0.876  -8.158  9.119   1.00 92.13  ? 147 TYR B OH  1 
ATOM   1043 N  N   . PRO A 1 148 ? 3.745   -13.620 10.134  1.00 71.10  ? 148 PRO B N   1 
ATOM   1044 C  CA  . PRO A 1 148 ? 4.994   -13.044 9.628   1.00 82.07  ? 148 PRO B CA  1 
ATOM   1045 C  C   . PRO A 1 148 ? 5.434   -13.579 8.266   1.00 84.26  ? 148 PRO B C   1 
ATOM   1046 O  O   . PRO A 1 148 ? 6.012   -12.849 7.450   1.00 93.32  ? 148 PRO B O   1 
ATOM   1047 C  CB  . PRO A 1 148 ? 6.054   -13.376 10.697  1.00 76.13  ? 148 PRO B CB  1 
ATOM   1048 C  CG  . PRO A 1 148 ? 5.269   -13.757 11.938  1.00 75.73  ? 148 PRO B CG  1 
ATOM   1049 C  CD  . PRO A 1 148 ? 3.865   -14.138 11.501  1.00 77.10  ? 148 PRO B CD  1 
HETATM 1050 N  N   . MSE A 1 149 ? 5.197   -14.879 8.082   1.00 88.11  ? 149 MSE B N   1 
HETATM 1051 C  CA  . MSE A 1 149 ? 5.671   -15.621 6.929   1.00 82.95  ? 149 MSE B CA  1 
HETATM 1052 C  C   . MSE A 1 149 ? 4.707   -15.387 5.774   1.00 77.69  ? 149 MSE B C   1 
HETATM 1053 O  O   . MSE A 1 149 ? 5.130   -15.329 4.622   1.00 87.72  ? 149 MSE B O   1 
HETATM 1054 C  CB  . MSE A 1 149 ? 5.799   -17.101 7.303   1.00 83.22  ? 149 MSE B CB  1 
HETATM 1055 C  CG  . MSE A 1 149 ? 7.004   -17.389 8.149   1.00 87.94  ? 149 MSE B CG  1 
HETATM 1056 SE SE  . MSE A 1 149 ? 8.464   -17.858 6.973   0.76 106.06 ? 149 MSE B SE  1 
HETATM 1057 C  CE  . MSE A 1 149 ? 10.210  -16.918 6.866   1.00 108.36 ? 149 MSE B CE  1 
ATOM   1058 N  N   . GLU A 1 150 ? 3.419   -15.243 6.099   1.00 64.48  ? 150 GLU B N   1 
ATOM   1059 C  CA  . GLU A 1 150 ? 2.456   -14.828 5.101   1.00 73.61  ? 150 GLU B CA  1 
ATOM   1060 C  C   . GLU A 1 150 ? 2.802   -13.440 4.572   1.00 72.16  ? 150 GLU B C   1 
ATOM   1061 O  O   . GLU A 1 150 ? 2.590   -13.194 3.399   1.00 101.14 ? 150 GLU B O   1 
ATOM   1062 C  CB  . GLU A 1 150 ? 1.045   -14.864 5.656   1.00 73.47  ? 150 GLU B CB  1 
ATOM   1063 C  CG  . GLU A 1 150 ? 0.557   -16.284 5.820   1.00 89.21  ? 150 GLU B CG  1 
ATOM   1064 C  CD  . GLU A 1 150 ? 0.440   -17.094 4.526   1.00 85.45  ? 150 GLU B CD  1 
ATOM   1065 O  OE1 . GLU A 1 150 ? 0.265   -16.494 3.441   1.00 78.98  ? 150 GLU B OE1 1 
ATOM   1066 O  OE2 . GLU A 1 150 ? 0.504   -18.333 4.611   1.00 92.23  ? 150 GLU B OE2 1 
ATOM   1067 N  N   . VAL A 1 151 ? 3.360   -12.574 5.390   1.00 78.27  ? 151 VAL B N   1 
ATOM   1068 C  CA  . VAL A 1 151 ? 3.752   -11.217 4.921   1.00 81.27  ? 151 VAL B CA  1 
ATOM   1069 C  C   . VAL A 1 151 ? 5.044   -11.371 4.111   1.00 74.97  ? 151 VAL B C   1 
ATOM   1070 O  O   . VAL A 1 151 ? 5.076   -10.855 2.986   1.00 79.53  ? 151 VAL B O   1 
ATOM   1071 C  CB  . VAL A 1 151 ? 3.859   -10.227 6.102   1.00 78.35  ? 151 VAL B CB  1 
ATOM   1072 C  CG1 . VAL A 1 151 ? 4.553   -8.938  5.710   1.00 77.57  ? 151 VAL B CG1 1 
ATOM   1073 C  CG2 . VAL A 1 151 ? 2.484   -9.925  6.700   1.00 73.69  ? 151 VAL B CG2 1 
ATOM   1074 N  N   . LYS A 1 152 ? 6.048   -12.083 4.639   1.00 78.95  ? 152 LYS B N   1 
ATOM   1075 C  CA  . LYS A 1 152 ? 7.371   -12.236 3.967   1.00 87.03  ? 152 LYS B CA  1 
ATOM   1076 C  C   . LYS A 1 152 ? 7.137   -12.827 2.576   1.00 85.29  ? 152 LYS B C   1 
ATOM   1077 O  O   . LYS A 1 152 ? 7.799   -12.399 1.650   1.00 92.43  ? 152 LYS B O   1 
ATOM   1078 C  CB  . LYS A 1 152 ? 8.371   -13.049 4.796   1.00 90.64  ? 152 LYS B CB  1 
ATOM   1079 C  CG  . LYS A 1 152 ? 9.224   -12.187 5.719   1.00 116.18 ? 152 LYS B CG  1 
ATOM   1080 C  CD  . LYS A 1 152 ? 10.149  -12.927 6.668   1.00 137.15 ? 152 LYS B CD  1 
ATOM   1081 C  CE  . LYS A 1 152 ? 9.562   -13.140 8.053   1.00 132.22 ? 152 LYS B CE  1 
ATOM   1082 N  NZ  . LYS A 1 152 ? 10.373  -14.103 8.846   1.00 121.58 ? 152 LYS B NZ  1 
ATOM   1083 N  N   . ARG A 1 153 ? 6.164   -13.717 2.447   1.00 77.14  ? 153 ARG B N   1 
ATOM   1084 C  CA  . ARG A 1 153 ? 5.654   -14.209 1.148   1.00 80.35  ? 153 ARG B CA  1 
ATOM   1085 C  C   . ARG A 1 153 ? 5.282   -13.034 0.228   1.00 83.51  ? 153 ARG B C   1 
ATOM   1086 O  O   . ARG A 1 153 ? 5.956   -12.848 -0.802  1.00 96.40  ? 153 ARG B O   1 
ATOM   1087 C  CB  . ARG A 1 153 ? 4.457   -15.124 1.393   1.00 78.03  ? 153 ARG B CB  1 
ATOM   1088 C  CG  . ARG A 1 153 ? 4.183   -16.073 0.245   1.00 70.44  ? 153 ARG B CG  1 
ATOM   1089 C  CD  . ARG A 1 153 ? 3.027   -17.004 0.549   1.00 75.33  ? 153 ARG B CD  1 
ATOM   1090 N  NE  . ARG A 1 153 ? 1.819   -16.332 0.985   1.00 74.41  ? 153 ARG B NE  1 
ATOM   1091 C  CZ  . ARG A 1 153 ? 1.034   -15.615 0.209   1.00 72.30  ? 153 ARG B CZ  1 
ATOM   1092 N  NH1 . ARG A 1 153 ? 1.324   -15.460 -1.069  1.00 76.72  ? 153 ARG B NH1 1 
ATOM   1093 N  NH2 . ARG A 1 153 ? -0.035  -15.035 0.721   1.00 78.71  ? 153 ARG B NH2 1 
ATOM   1094 N  N   . THR A 1 154 ? 4.274   -12.244 0.582   1.00 78.31  ? 154 THR B N   1 
ATOM   1095 C  CA  . THR A 1 154 ? 3.846   -11.061 -0.212  1.00 77.97  ? 154 THR B CA  1 
ATOM   1096 C  C   . THR A 1 154 ? 5.032   -10.116 -0.485  1.00 78.54  ? 154 THR B C   1 
ATOM   1097 O  O   . THR A 1 154 ? 5.006   -9.395  -1.478  1.00 84.77  ? 154 THR B O   1 
ATOM   1098 C  CB  . THR A 1 154 ? 2.722   -10.303 0.496   1.00 73.77  ? 154 THR B CB  1 
ATOM   1099 O  OG1 . THR A 1 154 ? 3.251   -9.795  1.724   1.00 70.95  ? 154 THR B OG1 1 
ATOM   1100 C  CG2 . THR A 1 154 ? 1.503   -11.174 0.706   1.00 67.28  ? 154 THR B CG2 1 
ATOM   1101 N  N   . VAL A 1 155 ? 6.022   -10.073 0.389   1.00 74.73  ? 155 VAL B N   1 
ATOM   1102 C  CA  . VAL A 1 155 ? 7.204   -9.191  0.206   1.00 81.15  ? 155 VAL B CA  1 
ATOM   1103 C  C   . VAL A 1 155 ? 8.045   -9.757  -0.944  1.00 82.01  ? 155 VAL B C   1 
ATOM   1104 O  O   . VAL A 1 155 ? 8.496   -8.996  -1.809  1.00 84.01  ? 155 VAL B O   1 
ATOM   1105 C  CB  . VAL A 1 155 ? 8.008   -9.097  1.520   1.00 85.51  ? 155 VAL B CB  1 
ATOM   1106 C  CG1 . VAL A 1 155 ? 9.283   -8.297  1.346   1.00 83.16  ? 155 VAL B CG1 1 
ATOM   1107 C  CG2 . VAL A 1 155 ? 7.184   -8.504  2.654   1.00 93.04  ? 155 VAL B CG2 1 
ATOM   1108 N  N   . LYS A 1 156 ? 8.286   -11.061 -0.912  1.00 87.78  ? 156 LYS B N   1 
ATOM   1109 C  CA  . LYS A 1 156 ? 9.165   -11.758 -1.876  1.00 85.79  ? 156 LYS B CA  1 
ATOM   1110 C  C   . LYS A 1 156 ? 8.495   -11.601 -3.244  1.00 81.86  ? 156 LYS B C   1 
ATOM   1111 O  O   . LYS A 1 156 ? 9.091   -11.038 -4.167  1.00 86.90  ? 156 LYS B O   1 
ATOM   1112 C  CB  . LYS A 1 156 ? 9.403   -13.196 -1.388  1.00 78.32  ? 156 LYS B CB  1 
ATOM   1113 C  CG  . LYS A 1 156 ? 10.329  -13.300 -0.178  1.00 82.61  ? 156 LYS B CG  1 
ATOM   1114 C  CD  . LYS A 1 156 ? 10.846  -14.684 0.174   1.00 81.51  ? 156 LYS B CD  1 
ATOM   1115 C  CE  . LYS A 1 156 ? 12.359  -14.754 0.147   1.00 102.73 ? 156 LYS B CE  1 
ATOM   1116 N  NZ  . LYS A 1 156 ? 12.896  -15.830 1.014   1.00 119.25 ? 156 LYS B NZ  1 
ATOM   1117 N  N   . LYS A 1 157 ? 7.243   -12.012 -3.315  1.00 78.68  ? 157 LYS B N   1 
ATOM   1118 C  CA  . LYS A 1 157 ? 6.379   -11.912 -4.513  1.00 78.52  ? 157 LYS B CA  1 
ATOM   1119 C  C   . LYS A 1 157 ? 6.463   -10.484 -5.098  1.00 76.14  ? 157 LYS B C   1 
ATOM   1120 O  O   . LYS A 1 157 ? 6.667   -10.329 -6.290  1.00 97.88  ? 157 LYS B O   1 
ATOM   1121 C  CB  . LYS A 1 157 ? 4.999   -12.367 -4.031  1.00 76.74  ? 157 LYS B CB  1 
ATOM   1122 C  CG  . LYS A 1 157 ? 4.062   -12.998 -5.037  1.00 73.71  ? 157 LYS B CG  1 
ATOM   1123 C  CD  . LYS A 1 157 ? 2.972   -13.807 -4.353  1.00 78.13  ? 157 LYS B CD  1 
ATOM   1124 C  CE  . LYS A 1 157 ? 1.843   -14.241 -5.268  1.00 81.13  ? 157 LYS B CE  1 
ATOM   1125 N  NZ  . LYS A 1 157 ? 1.045   -13.116 -5.804  1.00 87.20  ? 157 LYS B NZ  1 
ATOM   1126 N  N   . SER A 1 158 ? 6.367   -9.457  -4.276  1.00 81.00  ? 158 SER B N   1 
ATOM   1127 C  CA  . SER A 1 158 ? 6.339   -8.034  -4.698  1.00 87.39  ? 158 SER B CA  1 
ATOM   1128 C  C   . SER A 1 158 ? 7.594   -7.644  -5.475  1.00 79.53  ? 158 SER B C   1 
ATOM   1129 O  O   . SER A 1 158 ? 7.482   -6.743  -6.328  1.00 88.82  ? 158 SER B O   1 
ATOM   1130 C  CB  . SER A 1 158 ? 6.224   -7.130  -3.502  1.00 93.84  ? 158 SER B CB  1 
ATOM   1131 O  OG  . SER A 1 158 ? 7.461   -7.098  -2.808  1.00 85.25  ? 158 SER B OG  1 
ATOM   1132 N  N   . LEU A 1 159 ? 8.747   -8.167  -5.063  1.00 74.15  ? 159 LEU B N   1 
ATOM   1133 C  CA  . LEU A 1 159 ? 10.069  -7.839  -5.658  1.00 84.79  ? 159 LEU B CA  1 
ATOM   1134 C  C   . LEU A 1 159 ? 10.213  -8.609  -6.965  1.00 83.37  ? 159 LEU B C   1 
ATOM   1135 O  O   . LEU A 1 159 ? 10.825  -8.098  -7.912  1.00 107.75 ? 159 LEU B O   1 
ATOM   1136 C  CB  . LEU A 1 159 ? 11.170  -8.217  -4.672  1.00 77.27  ? 159 LEU B CB  1 
ATOM   1137 C  CG  . LEU A 1 159 ? 11.086  -7.474  -3.343  1.00 81.93  ? 159 LEU B CG  1 
ATOM   1138 C  CD1 . LEU A 1 159 ? 11.943  -8.142  -2.288  1.00 80.51  ? 159 LEU B CD1 1 
ATOM   1139 C  CD2 . LEU A 1 159 ? 11.506  -6.025  -3.519  1.00 86.03  ? 159 LEU B CD2 1 
ATOM   1140 N  N   . ASP A 1 160 ? 9.654   -9.805  -6.996  1.00 81.58  ? 160 ASP B N   1 
ATOM   1141 C  CA  . ASP A 1 160 ? 9.625   -10.620 -8.219  1.00 86.57  ? 160 ASP B CA  1 
ATOM   1142 C  C   . ASP A 1 160 ? 8.912   -9.772  -9.266  1.00 88.31  ? 160 ASP B C   1 
ATOM   1143 O  O   . ASP A 1 160 ? 9.466   -9.673  -10.380 1.00 132.16 ? 160 ASP B O   1 
ATOM   1144 C  CB  . ASP A 1 160 ? 8.985   -11.985 -7.959  1.00 91.28  ? 160 ASP B CB  1 
ATOM   1145 C  CG  . ASP A 1 160 ? 9.826   -12.932 -7.117  1.00 93.06  ? 160 ASP B CG  1 
ATOM   1146 O  OD1 . ASP A 1 160 ? 10.945  -12.540 -6.667  1.00 86.27  ? 160 ASP B OD1 1 
ATOM   1147 O  OD2 . ASP A 1 160 ? 9.355   -14.064 -6.922  1.00 88.82  ? 160 ASP B OD2 1 
ATOM   1148 N  N   . GLU A 1 161 ? 7.809   -9.111  -8.880  1.00 82.32  ? 161 GLU B N   1 
ATOM   1149 C  CA  . GLU A 1 161 ? 6.806   -8.484  -9.799  1.00 88.16  ? 161 GLU B CA  1 
ATOM   1150 C  C   . GLU A 1 161 ? 7.189   -7.013  -10.075 1.00 91.28  ? 161 GLU B C   1 
ATOM   1151 O  O   . GLU A 1 161 ? 6.402   -6.290  -10.731 1.00 98.22  ? 161 GLU B O   1 
ATOM   1152 C  CB  . GLU A 1 161 ? 5.385   -8.627  -9.231  1.00 97.62  ? 161 GLU B CB  1 
ATOM   1153 C  CG  . GLU A 1 161 ? 4.947   -10.069 -8.982  1.00 101.58 ? 161 GLU B CG  1 
ATOM   1154 C  CD  . GLU A 1 161 ? 3.740   -10.296 -8.083  1.00 109.47 ? 161 GLU B CD  1 
ATOM   1155 O  OE1 . GLU A 1 161 ? 3.516   -9.503  -7.132  1.00 126.56 ? 161 GLU B OE1 1 
ATOM   1156 O  OE2 . GLU A 1 161 ? 3.035   -11.294 -8.319  1.00 122.47 ? 161 GLU B OE2 1 
ATOM   1157 N  N   . CYS A 1 162 ? 8.412   -6.639  -9.701  1.00 85.11  ? 162 CYS B N   1 
ATOM   1158 C  CA  . CYS A 1 162 ? 8.935   -5.263  -9.606  1.00 94.68  ? 162 CYS B CA  1 
ATOM   1159 C  C   . CYS A 1 162 ? 10.079  -5.056  -10.602 1.00 107.96 ? 162 CYS B C   1 
ATOM   1160 O  O   . CYS A 1 162 ? 11.146  -5.683  -10.404 1.00 117.65 ? 162 CYS B O   1 
ATOM   1161 C  CB  . CYS A 1 162 ? 9.477   -5.111  -8.195  1.00 102.43 ? 162 CYS B CB  1 
ATOM   1162 S  SG  . CYS A 1 162 ? 9.372   -3.422  -7.578  1.00 117.69 ? 162 CYS B SG  1 
ATOM   1163 N  N   . SER A 1 163 ? 9.903   -4.191  -11.603 1.00 114.44 ? 163 SER B N   1 
ATOM   1164 C  CA  . SER A 1 163 ? 10.951  -3.897  -12.623 1.00 121.91 ? 163 SER B CA  1 
ATOM   1165 C  C   . SER A 1 163 ? 12.197  -3.359  -11.922 1.00 113.79 ? 163 SER B C   1 
ATOM   1166 O  O   . SER A 1 163 ? 12.068  -2.676  -10.913 1.00 114.51 ? 163 SER B O   1 
ATOM   1167 C  CB  . SER A 1 163 ? 10.449  -2.947  -13.690 1.00 127.79 ? 163 SER B CB  1 
ATOM   1168 O  OG  . SER A 1 163 ? 10.303  -1.626  -13.195 1.00 115.83 ? 163 SER B OG  1 
ATOM   1169 N  N   . PRO A 1 164 ? 13.440  -3.658  -12.378 1.00 122.90 ? 164 PRO B N   1 
ATOM   1170 C  CA  . PRO A 1 164 ? 14.630  -3.231  -11.638 1.00 122.60 ? 164 PRO B CA  1 
ATOM   1171 C  C   . PRO A 1 164 ? 14.748  -1.698  -11.692 1.00 119.60 ? 164 PRO B C   1 
ATOM   1172 O  O   . PRO A 1 164 ? 15.313  -1.125  -10.781 1.00 108.34 ? 164 PRO B O   1 
ATOM   1173 C  CB  . PRO A 1 164 ? 15.806  -3.981  -12.291 1.00 109.50 ? 164 PRO B CB  1 
ATOM   1174 C  CG  . PRO A 1 164 ? 15.147  -4.992  -13.221 1.00 115.37 ? 164 PRO B CG  1 
ATOM   1175 C  CD  . PRO A 1 164 ? 13.792  -4.414  -13.591 1.00 119.79 ? 164 PRO B CD  1 
ATOM   1176 N  N   . GLU A 1 165 ? 14.170  -1.070  -12.723 1.00 130.49 ? 165 GLU B N   1 
ATOM   1177 C  CA  . GLU A 1 165 ? 13.966  0.407   -12.795 1.00 138.39 ? 165 GLU B CA  1 
ATOM   1178 C  C   . GLU A 1 165 ? 13.324  0.853   -11.472 1.00 122.57 ? 165 GLU B C   1 
ATOM   1179 O  O   . GLU A 1 165 ? 13.981  1.606   -10.731 1.00 102.61 ? 165 GLU B O   1 
ATOM   1180 C  CB  . GLU A 1 165 ? 13.112  0.811   -14.012 1.00 148.63 ? 165 GLU B CB  1 
ATOM   1181 C  CG  . GLU A 1 165 ? 13.778  0.584   -15.372 1.00 157.97 ? 165 GLU B CG  1 
ATOM   1182 C  CD  . GLU A 1 165 ? 13.823  -0.857  -15.878 1.00 171.08 ? 165 GLU B CD  1 
ATOM   1183 O  OE1 . GLU A 1 165 ? 14.718  -1.620  -15.441 1.00 162.88 ? 165 GLU B OE1 1 
ATOM   1184 O  OE2 . GLU A 1 165 ? 12.955  -1.229  -16.701 1.00 164.81 ? 165 GLU B OE2 1 
ATOM   1185 N  N   . ASP A 1 166 ? 12.113  0.347   -11.189 1.00 117.28 ? 166 ASP B N   1 
ATOM   1186 C  CA  . ASP A 1 166 ? 11.330  0.527   -9.932  1.00 102.05 ? 166 ASP B CA  1 
ATOM   1187 C  C   . ASP A 1 166 ? 12.222  0.328   -8.688  1.00 106.24 ? 166 ASP B C   1 
ATOM   1188 O  O   . ASP A 1 166 ? 12.279  1.236   -7.844  1.00 109.94 ? 166 ASP B O   1 
ATOM   1189 C  CB  . ASP A 1 166 ? 10.158  -0.463  -9.875  1.00 101.74 ? 166 ASP B CB  1 
ATOM   1190 C  CG  . ASP A 1 166 ? 9.038   -0.258  -10.891 1.00 112.31 ? 166 ASP B CG  1 
ATOM   1191 O  OD1 . ASP A 1 166 ? 8.749   0.927   -11.254 1.00 100.79 ? 166 ASP B OD1 1 
ATOM   1192 O  OD2 . ASP A 1 166 ? 8.425   -1.293  -11.286 1.00 103.49 ? 166 ASP B OD2 1 
ATOM   1193 N  N   . ILE A 1 167 ? 12.905  -0.816  -8.565  1.00 109.58 ? 167 ILE B N   1 
ATOM   1194 C  CA  . ILE A 1 167 ? 13.674  -1.207  -7.338  1.00 108.44 ? 167 ILE B CA  1 
ATOM   1195 C  C   . ILE A 1 167 ? 14.801  -0.200  -7.091  1.00 109.36 ? 167 ILE B C   1 
ATOM   1196 O  O   . ILE A 1 167 ? 15.044  0.132   -5.920  1.00 99.04  ? 167 ILE B O   1 
ATOM   1197 C  CB  . ILE A 1 167 ? 14.205  -2.653  -7.443  1.00 115.37 ? 167 ILE B CB  1 
ATOM   1198 C  CG1 . ILE A 1 167 ? 13.049  -3.657  -7.591  1.00 123.26 ? 167 ILE B CG1 1 
ATOM   1199 C  CG2 . ILE A 1 167 ? 15.112  -2.969  -6.256  1.00 106.30 ? 167 ILE B CG2 1 
ATOM   1200 C  CD1 . ILE A 1 167 ? 13.453  -5.112  -7.693  1.00 126.53 ? 167 ILE B CD1 1 
ATOM   1201 N  N   . GLU A 1 168 ? 15.462  0.235   -8.168  1.00 131.49 ? 168 GLU B N   1 
ATOM   1202 C  CA  . GLU A 1 168 ? 16.376  1.409   -8.211  1.00 134.54 ? 168 GLU B CA  1 
ATOM   1203 C  C   . GLU A 1 168 ? 15.773  2.544   -7.369  1.00 123.14 ? 168 GLU B C   1 
ATOM   1204 O  O   . GLU A 1 168 ? 16.310  2.816   -6.276  1.00 113.57 ? 168 GLU B O   1 
ATOM   1205 C  CB  . GLU A 1 168 ? 16.594  1.812   -9.676  1.00 152.73 ? 168 GLU B CB  1 
ATOM   1206 C  CG  . GLU A 1 168 ? 17.275  3.161   -9.886  1.00 171.70 ? 168 GLU B CG  1 
ATOM   1207 C  CD  . GLU A 1 168 ? 18.783  3.177   -9.687  1.00 174.54 ? 168 GLU B CD  1 
ATOM   1208 O  OE1 . GLU A 1 168 ? 19.328  2.188   -9.143  1.00 150.04 ? 168 GLU B OE1 1 
ATOM   1209 O  OE2 . GLU A 1 168 ? 19.416  4.178   -10.081 1.00 170.63 ? 168 GLU B OE2 1 
ATOM   1210 N  N   . TYR A 1 169 ? 14.669  3.133   -7.844  1.00 109.02 ? 169 TYR B N   1 
ATOM   1211 C  CA  . TYR A 1 169 ? 14.076  4.394   -7.331  1.00 110.41 ? 169 TYR B CA  1 
ATOM   1212 C  C   . TYR A 1 169 ? 14.236  4.475   -5.815  1.00 118.52 ? 169 TYR B C   1 
ATOM   1213 O  O   . TYR A 1 169 ? 14.574  5.569   -5.305  1.00 124.52 ? 169 TYR B O   1 
ATOM   1214 C  CB  . TYR A 1 169 ? 12.592  4.513   -7.686  1.00 112.05 ? 169 TYR B CB  1 
ATOM   1215 C  CG  . TYR A 1 169 ? 11.888  5.689   -7.049  1.00 128.75 ? 169 TYR B CG  1 
ATOM   1216 C  CD1 . TYR A 1 169 ? 11.536  5.673   -5.708  1.00 140.23 ? 169 TYR B CD1 1 
ATOM   1217 C  CD2 . TYR A 1 169 ? 11.578  6.828   -7.776  1.00 139.50 ? 169 TYR B CD2 1 
ATOM   1218 C  CE1 . TYR A 1 169 ? 10.906  6.748   -5.103  1.00 141.08 ? 169 TYR B CE1 1 
ATOM   1219 C  CE2 . TYR A 1 169 ? 10.945  7.914   -7.186  1.00 139.22 ? 169 TYR B CE2 1 
ATOM   1220 C  CZ  . TYR A 1 169 ? 10.610  7.877   -5.842  1.00 135.71 ? 169 TYR B CZ  1 
ATOM   1221 O  OH  . TYR A 1 169 ? 9.980   8.926   -5.239  1.00 126.50 ? 169 TYR B OH  1 
ATOM   1222 N  N   . PHE A 1 170 ? 13.949  3.369   -5.118  1.00 125.72 ? 170 PHE B N   1 
ATOM   1223 C  CA  . PHE A 1 170 ? 13.709  3.360   -3.653  1.00 127.82 ? 170 PHE B CA  1 
ATOM   1224 C  C   . PHE A 1 170 ? 15.048  3.400   -2.923  1.00 141.57 ? 170 PHE B C   1 
ATOM   1225 O  O   . PHE A 1 170 ? 15.628  4.499   -2.849  1.00 176.95 ? 170 PHE B O   1 
ATOM   1226 C  CB  . PHE A 1 170 ? 12.817  2.184   -3.261  1.00 114.27 ? 170 PHE B CB  1 
ATOM   1227 C  CG  . PHE A 1 170 ? 11.366  2.433   -3.567  1.00 101.90 ? 170 PHE B CG  1 
ATOM   1228 C  CD1 . PHE A 1 170 ? 10.830  2.075   -4.795  1.00 94.23  ? 170 PHE B CD1 1 
ATOM   1229 C  CD2 . PHE A 1 170 ? 10.551  3.073   -2.646  1.00 100.69 ? 170 PHE B CD2 1 
ATOM   1230 C  CE1 . PHE A 1 170 ? 9.496   2.324   -5.083  1.00 100.82 ? 170 PHE B CE1 1 
ATOM   1231 C  CE2 . PHE A 1 170 ? 9.218   3.324   -2.939  1.00 104.40 ? 170 PHE B CE2 1 
ATOM   1232 C  CZ  . PHE A 1 170 ? 8.693   2.948   -4.155  1.00 105.25 ? 170 PHE B CZ  1 
ATOM   1233 N  N   . LYS A 1 171 ? 15.489  2.270   -2.368  1.00 164.79 ? 171 LYS B N   1 
ATOM   1234 C  CA  . LYS A 1 171 ? 16.836  2.156   -1.751  1.00 184.64 ? 171 LYS B CA  1 
ATOM   1235 C  C   . LYS A 1 171 ? 17.762  2.768   -2.807  1.00 162.38 ? 171 LYS B C   1 
ATOM   1236 O  O   . LYS A 1 171 ? 17.830  2.185   -3.916  1.00 118.96 ? 171 LYS B O   1 
ATOM   1237 C  CB  . LYS A 1 171 ? 17.132  0.702   -1.335  1.00 201.82 ? 171 LYS B CB  1 
ATOM   1238 C  CG  . LYS A 1 171 ? 16.953  0.319   0.143   1.00 189.44 ? 171 LYS B CG  1 
ATOM   1239 C  CD  . LYS A 1 171 ? 15.828  1.002   0.939   1.00 189.01 ? 171 LYS B CD  1 
ATOM   1240 C  CE  . LYS A 1 171 ? 14.398  0.780   0.472   1.00 174.58 ? 171 LYS B CE  1 
ATOM   1241 N  NZ  . LYS A 1 171 ? 14.088  -0.651  0.252   1.00 159.32 ? 171 LYS B NZ  1 
ATOM   1242 N  N   . ASN A 1 172 ? 18.324  3.950   -2.499  1.00 164.87 ? 172 ASN B N   1 
ATOM   1243 C  CA  . ASN A 1 172 ? 18.786  4.986   -3.468  1.00 167.85 ? 172 ASN B CA  1 
ATOM   1244 C  C   . ASN A 1 172 ? 18.314  6.360   -2.962  1.00 182.06 ? 172 ASN B C   1 
ATOM   1245 O  O   . ASN A 1 172 ? 19.127  7.064   -2.309  1.00 179.66 ? 172 ASN B O   1 
ATOM   1246 C  CB  . ASN A 1 172 ? 18.298  4.681   -4.891  1.00 155.06 ? 172 ASN B CB  1 
ATOM   1247 C  CG  . ASN A 1 172 ? 18.496  5.813   -5.877  1.00 155.29 ? 172 ASN B CG  1 
ATOM   1248 O  OD1 . ASN A 1 172 ? 18.430  6.985   -5.516  1.00 173.10 ? 172 ASN B OD1 1 
ATOM   1249 N  ND2 . ASN A 1 172 ? 18.712  5.470   -7.138  1.00 149.71 ? 172 ASN B ND2 1 
ATOM   1250 N  N   . ALA A 1 173 ? 17.044  6.712   -3.234  1.00 181.97 ? 173 ALA B N   1 
ATOM   1251 C  CA  . ALA A 1 173 ? 16.299  7.845   -2.633  1.00 165.07 ? 173 ALA B CA  1 
ATOM   1252 C  C   . ALA A 1 173 ? 16.072  7.540   -1.148  1.00 173.75 ? 173 ALA B C   1 
ATOM   1253 O  O   . ALA A 1 173 ? 15.041  7.969   -0.606  1.00 168.02 ? 173 ALA B O   1 
ATOM   1254 C  CB  . ALA A 1 173 ? 14.992  8.067   -3.360  1.00 150.30 ? 173 ALA B CB  1 
ATOM   1255 N  N   . ALA A 1 174 ? 16.978  6.750   -0.564  1.00 186.38 ? 174 ALA B N   1 
ATOM   1256 C  CA  . ALA A 1 174 ? 17.218  6.575   0.885   1.00 191.77 ? 174 ALA B CA  1 
ATOM   1257 C  C   . ALA A 1 174 ? 18.613  7.101   1.237   1.00 199.36 ? 174 ALA B C   1 
ATOM   1258 O  O   . ALA A 1 174 ? 18.923  7.222   2.442   1.00 196.42 ? 174 ALA B O   1 
ATOM   1259 C  CB  . ALA A 1 174 ? 17.110  5.113   1.205   1.00 184.88 ? 174 ALA B CB  1 
ATOM   1260 N  N   . SER A 1 175 ? 19.416  7.397   0.210   1.00 196.13 ? 175 SER B N   1 
ATOM   1261 C  CA  . SER A 1 175 ? 20.880  7.611   0.302   1.00 181.91 ? 175 SER B CA  1 
ATOM   1262 C  C   . SER A 1 175 ? 21.476  6.525   1.207   1.00 166.61 ? 175 SER B C   1 
ATOM   1263 O  O   . SER A 1 175 ? 22.649  6.564   1.527   1.00 160.31 ? 175 SER B O   1 
ATOM   1264 C  CB  . SER A 1 175 ? 21.190  9.002   0.797   1.00 171.68 ? 175 SER B CB  1 
ATOM   1265 O  OG  . SER A 1 175 ? 20.469  9.975   0.055   1.00 158.89 ? 175 SER B OG  1 
HETATM 1266 O  O   . HOH B 2 .   ? -16.067 -4.431  -0.244  1.00 98.16  ? 201 HOH B O   1 
HETATM 1267 O  O   . HOH B 2 .   ? -8.053  18.360  -9.410  1.00 92.05  ? 202 HOH B O   1 
HETATM 1268 O  O   . HOH B 2 .   ? 12.340  8.231   5.613   1.00 105.98 ? 203 HOH B O   1 
HETATM 1269 O  O   . HOH B 2 .   ? -2.879  15.131  0.997   1.00 84.04  ? 204 HOH B O   1 
HETATM 1270 O  O   . HOH B 2 .   ? -4.173  -7.702  -3.799  1.00 91.46  ? 205 HOH B O   1 
HETATM 1271 O  O   . HOH B 2 .   ? 15.428  3.374   2.085   1.00 158.33 ? 206 HOH B O   1 
HETATM 1272 O  O   . HOH B 2 .   ? -10.466 16.287  -15.183 1.00 95.52  ? 207 HOH B O   1 
HETATM 1273 O  O   . HOH B 2 .   ? 3.332   0.568   9.633   1.00 124.84 ? 208 HOH B O   1 
HETATM 1274 O  O   . HOH B 2 .   ? 9.095   -15.715 10.528  1.00 79.19  ? 209 HOH B O   1 
HETATM 1275 O  O   . HOH B 2 .   ? -0.721  2.449   -5.302  1.00 125.50 ? 210 HOH B O   1 
HETATM 1276 O  O   . HOH B 2 .   ? 0.098   -16.227 12.872  1.00 69.74  ? 211 HOH B O   1 
HETATM 1277 O  O   . HOH B 2 .   ? 7.418   10.639  3.094   1.00 72.39  ? 212 HOH B O   1 
HETATM 1278 O  O   . HOH B 2 .   ? 1.453   -7.802  2.220   1.00 60.43  ? 213 HOH B O   1 
HETATM 1279 O  O   . HOH B 2 .   ? -3.535  3.252   -11.946 1.00 156.57 ? 214 HOH B O   1 
HETATM 1280 O  O   . HOH B 2 .   ? -13.529 4.353   2.563   1.00 98.67  ? 215 HOH B O   1 
HETATM 1281 O  O   . HOH B 2 .   ? 17.050  5.338   4.396   1.00 111.70 ? 216 HOH B O   1 
HETATM 1282 O  O   . HOH B 2 .   ? -9.076  8.714   8.603   1.00 108.35 ? 217 HOH B O   1 
HETATM 1283 O  O   . HOH B 2 .   ? -5.857  23.187  -11.374 1.00 94.44  ? 218 HOH B O   1 
HETATM 1284 O  O   . HOH B 2 .   ? 3.187   -18.454 3.834   0.50 124.15 ? 219 HOH B O   1 
HETATM 1285 O  O   . HOH B 2 .   ? 0.478   -10.182 -8.656  1.00 94.06  ? 220 HOH B O   1 
HETATM 1286 O  O   . HOH B 2 .   ? -5.363  14.757  0.606   1.00 74.13  ? 221 HOH B O   1 
HETATM 1287 O  O   . HOH B 2 .   ? -0.324  -2.078  -10.929 1.00 89.86  ? 222 HOH B O   1 
HETATM 1288 O  O   . HOH B 2 .   ? 2.587   1.201   12.781  1.00 102.90 ? 223 HOH B O   1 
HETATM 1289 O  O   . HOH B 2 .   ? 5.656   14.858  -2.457  1.00 128.13 ? 224 HOH B O   1 
HETATM 1290 O  O   . HOH B 2 .   ? -1.052  -12.253 -7.686  1.00 93.67  ? 225 HOH B O   1 
HETATM 1291 O  O   . HOH B 2 .   ? -5.168  -18.305 9.908   1.00 83.89  ? 226 HOH B O   1 
HETATM 1292 O  O   . HOH B 2 .   ? 0.324   -0.240  -9.877  1.00 81.55  ? 227 HOH B O   1 
HETATM 1293 O  O   . HOH B 2 .   ? 6.281   21.430  -4.368  1.00 112.18 ? 228 HOH B O   1 
HETATM 1294 O  O   . HOH B 2 .   ? -3.832  1.377   16.375  1.00 83.75  ? 229 HOH B O   1 
HETATM 1295 O  O   . HOH B 2 .   ? 16.170  -0.303  14.490  1.00 99.78  ? 230 HOH B O   1 
HETATM 1296 O  O   . HOH B 2 .   ? 19.409  10.702  -2.968  1.00 97.92  ? 231 HOH B O   1 
HETATM 1297 O  O   . HOH B 2 .   ? -13.259 10.588  -13.588 1.00 102.27 ? 232 HOH B O   1 
HETATM 1298 O  O   . HOH B 2 .   ? -6.468  22.817  -6.455  1.00 106.98 ? 233 HOH B O   1 
HETATM 1299 O  O   . HOH B 2 .   ? -4.811  -9.201  -5.374  1.00 81.15  ? 234 HOH B O   1 
HETATM 1300 O  O   . HOH B 2 .   ? -12.762 -14.622 11.789  1.00 119.28 ? 235 HOH B O   1 
HETATM 1301 O  O   . HOH B 2 .   ? -6.321  0.359   15.778  1.00 80.83  ? 236 HOH B O   1 
HETATM 1302 O  O   . HOH B 2 .   ? 10.440  7.994   7.069   1.00 91.95  ? 237 HOH B O   1 
HETATM 1303 O  O   . HOH B 2 .   ? -6.390  14.213  2.615   1.00 89.62  ? 238 HOH B O   1 
# 
